data_7CQH
# 
_entry.id   7CQH 
# 
_audit_conform.dict_name       mmcif_pdbx.dic 
_audit_conform.dict_version    5.380 
_audit_conform.dict_location   http://mmcif.pdb.org/dictionaries/ascii/mmcif_pdbx.dic 
# 
loop_
_database_2.database_id 
_database_2.database_code 
_database_2.pdbx_database_accession 
_database_2.pdbx_DOI 
PDB   7CQH         pdb_00007cqh 10.2210/pdb7cqh/pdb 
WWPDB D_1300018057 ?            ?                   
# 
_pdbx_database_status.status_code                     REL 
_pdbx_database_status.status_code_sf                  REL 
_pdbx_database_status.status_code_mr                  ? 
_pdbx_database_status.entry_id                        7CQH 
_pdbx_database_status.recvd_initial_deposition_date   2020-08-10 
_pdbx_database_status.SG_entry                        N 
_pdbx_database_status.deposit_site                    PDBJ 
_pdbx_database_status.process_site                    PDBJ 
_pdbx_database_status.status_code_cs                  ? 
_pdbx_database_status.status_code_nmr_data            ? 
_pdbx_database_status.methods_development_category    ? 
_pdbx_database_status.pdb_format_compatible           Y 
# 
_audit_author.name               'Shen, Z.S.' 
_audit_author.pdbx_ordinal       1 
_audit_author.identifier_ORCID   0000-0002-1057-7191 
# 
_citation.abstract                  ? 
_citation.abstract_id_CAS           ? 
_citation.book_id_ISBN              ? 
_citation.book_publisher            ? 
_citation.book_publisher_city       ? 
_citation.book_title                ? 
_citation.coordinate_linkage        ? 
_citation.country                   UK 
_citation.database_id_Medline       ? 
_citation.details                   ? 
_citation.id                        primary 
_citation.journal_abbrev            Structure 
_citation.journal_id_ASTM           STRUE6 
_citation.journal_id_CSD            2005 
_citation.journal_id_ISSN           0969-2126 
_citation.journal_full              ? 
_citation.journal_issue             ? 
_citation.journal_volume            29 
_citation.language                  ? 
_citation.page_first                330 
_citation.page_last                 344.e4 
_citation.title                     'Calmodulin binds to Drosophila TRP with an unexpected mode.' 
_citation.year                      2021 
_citation.database_id_CSD           ? 
_citation.pdbx_database_id_DOI      10.1016/j.str.2020.11.016 
_citation.pdbx_database_id_PubMed   33326749 
_citation.unpublished_flag          ? 
# 
loop_
_citation_author.citation_id 
_citation_author.name 
_citation_author.ordinal 
_citation_author.identifier_ORCID 
primary 'Chen, W.'     1  ? 
primary 'Shen, Z.'     2  ? 
primary 'Asteriti, S.' 3  ? 
primary 'Chen, Z.'     4  ? 
primary 'Ye, F.'       5  ? 
primary 'Sun, Z.'      6  ? 
primary 'Wan, J.'      7  ? 
primary 'Montell, C.'  8  ? 
primary 'Hardie, R.C.' 9  ? 
primary 'Liu, W.'      10 ? 
primary 'Zhang, M.'    11 ? 
# 
_cell.angle_alpha                  90.000 
_cell.angle_alpha_esd              ? 
_cell.angle_beta                   90.000 
_cell.angle_beta_esd               ? 
_cell.angle_gamma                  90.000 
_cell.angle_gamma_esd              ? 
_cell.entry_id                     7CQH 
_cell.details                      ? 
_cell.formula_units_Z              ? 
_cell.length_a                     58.344 
_cell.length_a_esd                 ? 
_cell.length_b                     58.344 
_cell.length_b_esd                 ? 
_cell.length_c                     92.210 
_cell.length_c_esd                 ? 
_cell.volume                       ? 
_cell.volume_esd                   ? 
_cell.Z_PDB                        8 
_cell.reciprocal_angle_alpha       ? 
_cell.reciprocal_angle_beta        ? 
_cell.reciprocal_angle_gamma       ? 
_cell.reciprocal_angle_alpha_esd   ? 
_cell.reciprocal_angle_beta_esd    ? 
_cell.reciprocal_angle_gamma_esd   ? 
_cell.reciprocal_length_a          ? 
_cell.reciprocal_length_b          ? 
_cell.reciprocal_length_c          ? 
_cell.reciprocal_length_a_esd      ? 
_cell.reciprocal_length_b_esd      ? 
_cell.reciprocal_length_c_esd      ? 
_cell.pdbx_unique_axis             ? 
# 
_symmetry.entry_id                         7CQH 
_symmetry.cell_setting                     ? 
_symmetry.Int_Tables_number                80 
_symmetry.space_group_name_Hall            ? 
_symmetry.space_group_name_H-M             'I 41' 
_symmetry.pdbx_full_space_group_name_H-M   ? 
# 
loop_
_entity.id 
_entity.type 
_entity.src_method 
_entity.pdbx_description 
_entity.formula_weight 
_entity.pdbx_number_of_molecules 
_entity.pdbx_ec 
_entity.pdbx_mutation 
_entity.pdbx_fragment 
_entity.details 
1 polymer     man AT15141p                               8282.970 1 ? ? ?    ? 
2 polymer     man 'Transient receptor potential protein' 4948.654 1 ? ? CBS2 ? 
3 non-polymer syn 'CALCIUM ION'                          40.078   2 ? ? ?    ? 
# 
_entity_name_com.entity_id   1 
_entity_name_com.name        CaM_Clobe 
# 
loop_
_entity_poly.entity_id 
_entity_poly.type 
_entity_poly.nstd_linkage 
_entity_poly.nstd_monomer 
_entity_poly.pdbx_seq_one_letter_code 
_entity_poly.pdbx_seq_one_letter_code_can 
_entity_poly.pdbx_strand_id 
_entity_poly.pdbx_target_identifier 
1 'polypeptide(L)' no no GPDTDSEEEIREAFRVFDKDGNGFISAAELRHVMTNLGEKLTDEEVDEMIREADIDGDGQVNYEEFVTMMTSK 
GPDTDSEEEIREAFRVFDKDGNGFISAAELRHVMTNLGEKLTDEEVDEMIREADIDGDGQVNYEEFVTMMTSK B ? 
2 'polypeptide(L)' no no GPMNQTQLIEFNPNLGDVTRATRVAYVKFMRKKMAADEVSLADD                              
GPMNQTQLIEFNPNLGDVTRATRVAYVKFMRKKMAADEVSLADD                              A ? 
# 
loop_
_entity_poly_seq.entity_id 
_entity_poly_seq.num 
_entity_poly_seq.mon_id 
_entity_poly_seq.hetero 
1 1  GLY n 
1 2  PRO n 
1 3  ASP n 
1 4  THR n 
1 5  ASP n 
1 6  SER n 
1 7  GLU n 
1 8  GLU n 
1 9  GLU n 
1 10 ILE n 
1 11 ARG n 
1 12 GLU n 
1 13 ALA n 
1 14 PHE n 
1 15 ARG n 
1 16 VAL n 
1 17 PHE n 
1 18 ASP n 
1 19 LYS n 
1 20 ASP n 
1 21 GLY n 
1 22 ASN n 
1 23 GLY n 
1 24 PHE n 
1 25 ILE n 
1 26 SER n 
1 27 ALA n 
1 28 ALA n 
1 29 GLU n 
1 30 LEU n 
1 31 ARG n 
1 32 HIS n 
1 33 VAL n 
1 34 MET n 
1 35 THR n 
1 36 ASN n 
1 37 LEU n 
1 38 GLY n 
1 39 GLU n 
1 40 LYS n 
1 41 LEU n 
1 42 THR n 
1 43 ASP n 
1 44 GLU n 
1 45 GLU n 
1 46 VAL n 
1 47 ASP n 
1 48 GLU n 
1 49 MET n 
1 50 ILE n 
1 51 ARG n 
1 52 GLU n 
1 53 ALA n 
1 54 ASP n 
1 55 ILE n 
1 56 ASP n 
1 57 GLY n 
1 58 ASP n 
1 59 GLY n 
1 60 GLN n 
1 61 VAL n 
1 62 ASN n 
1 63 TYR n 
1 64 GLU n 
1 65 GLU n 
1 66 PHE n 
1 67 VAL n 
1 68 THR n 
1 69 MET n 
1 70 MET n 
1 71 THR n 
1 72 SER n 
1 73 LYS n 
2 1  GLY n 
2 2  PRO n 
2 3  MET n 
2 4  ASN n 
2 5  GLN n 
2 6  THR n 
2 7  GLN n 
2 8  LEU n 
2 9  ILE n 
2 10 GLU n 
2 11 PHE n 
2 12 ASN n 
2 13 PRO n 
2 14 ASN n 
2 15 LEU n 
2 16 GLY n 
2 17 ASP n 
2 18 VAL n 
2 19 THR n 
2 20 ARG n 
2 21 ALA n 
2 22 THR n 
2 23 ARG n 
2 24 VAL n 
2 25 ALA n 
2 26 TYR n 
2 27 VAL n 
2 28 LYS n 
2 29 PHE n 
2 30 MET n 
2 31 ARG n 
2 32 LYS n 
2 33 LYS n 
2 34 MET n 
2 35 ALA n 
2 36 ALA n 
2 37 ASP n 
2 38 GLU n 
2 39 VAL n 
2 40 SER n 
2 41 LEU n 
2 42 ALA n 
2 43 ASP n 
2 44 ASP n 
# 
loop_
_entity_src_gen.entity_id 
_entity_src_gen.pdbx_src_id 
_entity_src_gen.pdbx_alt_source_flag 
_entity_src_gen.pdbx_seq_type 
_entity_src_gen.pdbx_beg_seq_num 
_entity_src_gen.pdbx_end_seq_num 
_entity_src_gen.gene_src_common_name 
_entity_src_gen.gene_src_genus 
_entity_src_gen.pdbx_gene_src_gene 
_entity_src_gen.gene_src_species 
_entity_src_gen.gene_src_strain 
_entity_src_gen.gene_src_tissue 
_entity_src_gen.gene_src_tissue_fraction 
_entity_src_gen.gene_src_details 
_entity_src_gen.pdbx_gene_src_fragment 
_entity_src_gen.pdbx_gene_src_scientific_name 
_entity_src_gen.pdbx_gene_src_ncbi_taxonomy_id 
_entity_src_gen.pdbx_gene_src_variant 
_entity_src_gen.pdbx_gene_src_cell_line 
_entity_src_gen.pdbx_gene_src_atcc 
_entity_src_gen.pdbx_gene_src_organ 
_entity_src_gen.pdbx_gene_src_organelle 
_entity_src_gen.pdbx_gene_src_cell 
_entity_src_gen.pdbx_gene_src_cellular_location 
_entity_src_gen.host_org_common_name 
_entity_src_gen.pdbx_host_org_scientific_name 
_entity_src_gen.pdbx_host_org_ncbi_taxonomy_id 
_entity_src_gen.host_org_genus 
_entity_src_gen.pdbx_host_org_gene 
_entity_src_gen.pdbx_host_org_organ 
_entity_src_gen.host_org_species 
_entity_src_gen.pdbx_host_org_tissue 
_entity_src_gen.pdbx_host_org_tissue_fraction 
_entity_src_gen.pdbx_host_org_strain 
_entity_src_gen.pdbx_host_org_variant 
_entity_src_gen.pdbx_host_org_cell_line 
_entity_src_gen.pdbx_host_org_atcc 
_entity_src_gen.pdbx_host_org_culture_collection 
_entity_src_gen.pdbx_host_org_cell 
_entity_src_gen.pdbx_host_org_organelle 
_entity_src_gen.pdbx_host_org_cellular_location 
_entity_src_gen.pdbx_host_org_vector_type 
_entity_src_gen.pdbx_host_org_vector 
_entity_src_gen.host_org_details 
_entity_src_gen.expression_system_id 
_entity_src_gen.plasmid_name 
_entity_src_gen.plasmid_details 
_entity_src_gen.pdbx_description 
1 1 sample 'Biological sequence' 1 73 'Fruit fly' ? Cam-RB        ? ? ? ? ? ? 'Drosophila melanogaster' 7227 ? ? ? ? ? ? ? ? 
'Escherichia coli' 562 ? ? ? ? ? ? ? ? ? ? ? ? ? ? ? ? ? ? ? ? ? 
2 1 sample 'Biological sequence' 1 44 'Fruit fly' ? 'trp, CG7875' ? ? ? ? ? ? 'Drosophila melanogaster' 7227 ? ? ? ? ? ? ? ? 
'Escherichia coli' 562 ? ? ? ? ? ? ? ? ? ? ? ? ? ? ? ? ? ? ? ? ? 
# 
loop_
_struct_ref.id 
_struct_ref.db_name 
_struct_ref.db_code 
_struct_ref.pdbx_db_accession 
_struct_ref.pdbx_db_isoform 
_struct_ref.entity_id 
_struct_ref.pdbx_seq_one_letter_code 
_struct_ref.pdbx_align_begin 
1 UNP C6SUZ2_DROME C6SUZ2 ? 1 DTDSEEEIREAFRVFDKDGNGFISAAELRHVMTNLGEKLTDEEVDEMIREADIDGDGQVNYEEFVTMMTSK 89  
2 UNP TRP_DROME    P19334 ? 2 MNQTQLIEFNPNLGDVTRATRVAYVKFMRKKMAADEVSLADD                              899 
# 
loop_
_struct_ref_seq.align_id 
_struct_ref_seq.ref_id 
_struct_ref_seq.pdbx_PDB_id_code 
_struct_ref_seq.pdbx_strand_id 
_struct_ref_seq.seq_align_beg 
_struct_ref_seq.pdbx_seq_align_beg_ins_code 
_struct_ref_seq.seq_align_end 
_struct_ref_seq.pdbx_seq_align_end_ins_code 
_struct_ref_seq.pdbx_db_accession 
_struct_ref_seq.db_align_beg 
_struct_ref_seq.pdbx_db_align_beg_ins_code 
_struct_ref_seq.db_align_end 
_struct_ref_seq.pdbx_db_align_end_ins_code 
_struct_ref_seq.pdbx_auth_seq_align_beg 
_struct_ref_seq.pdbx_auth_seq_align_end 
1 1 7CQH B 3 ? 73 ? C6SUZ2 89  ? 159 ? -1  69 
2 2 7CQH A 3 ? 44 ? P19334 899 ? 940 ? -13 28 
# 
loop_
_struct_ref_seq_dif.align_id 
_struct_ref_seq_dif.pdbx_pdb_id_code 
_struct_ref_seq_dif.mon_id 
_struct_ref_seq_dif.pdbx_pdb_strand_id 
_struct_ref_seq_dif.seq_num 
_struct_ref_seq_dif.pdbx_pdb_ins_code 
_struct_ref_seq_dif.pdbx_seq_db_name 
_struct_ref_seq_dif.pdbx_seq_db_accession_code 
_struct_ref_seq_dif.db_mon_id 
_struct_ref_seq_dif.pdbx_seq_db_seq_num 
_struct_ref_seq_dif.details 
_struct_ref_seq_dif.pdbx_auth_seq_num 
_struct_ref_seq_dif.pdbx_ordinal 
1 7CQH GLY B 1 ? UNP C6SUZ2 ? ? 'expression tag' -3  1 
1 7CQH PRO B 2 ? UNP C6SUZ2 ? ? 'expression tag' -2  2 
2 7CQH GLY A 1 ? UNP P19334 ? ? 'expression tag' -15 3 
2 7CQH PRO A 2 ? UNP P19334 ? ? 'expression tag' -14 4 
# 
loop_
_chem_comp.id 
_chem_comp.type 
_chem_comp.mon_nstd_flag 
_chem_comp.name 
_chem_comp.pdbx_synonyms 
_chem_comp.formula 
_chem_comp.formula_weight 
ALA 'L-peptide linking' y ALANINE         ? 'C3 H7 N O2'     89.093  
ARG 'L-peptide linking' y ARGININE        ? 'C6 H15 N4 O2 1' 175.209 
ASN 'L-peptide linking' y ASPARAGINE      ? 'C4 H8 N2 O3'    132.118 
ASP 'L-peptide linking' y 'ASPARTIC ACID' ? 'C4 H7 N O4'     133.103 
CA  non-polymer         . 'CALCIUM ION'   ? 'Ca 2'           40.078  
GLN 'L-peptide linking' y GLUTAMINE       ? 'C5 H10 N2 O3'   146.144 
GLU 'L-peptide linking' y 'GLUTAMIC ACID' ? 'C5 H9 N O4'     147.129 
GLY 'peptide linking'   y GLYCINE         ? 'C2 H5 N O2'     75.067  
HIS 'L-peptide linking' y HISTIDINE       ? 'C6 H10 N3 O2 1' 156.162 
ILE 'L-peptide linking' y ISOLEUCINE      ? 'C6 H13 N O2'    131.173 
LEU 'L-peptide linking' y LEUCINE         ? 'C6 H13 N O2'    131.173 
LYS 'L-peptide linking' y LYSINE          ? 'C6 H15 N2 O2 1' 147.195 
MET 'L-peptide linking' y METHIONINE      ? 'C5 H11 N O2 S'  149.211 
PHE 'L-peptide linking' y PHENYLALANINE   ? 'C9 H11 N O2'    165.189 
PRO 'L-peptide linking' y PROLINE         ? 'C5 H9 N O2'     115.130 
SER 'L-peptide linking' y SERINE          ? 'C3 H7 N O3'     105.093 
THR 'L-peptide linking' y THREONINE       ? 'C4 H9 N O3'     119.119 
TYR 'L-peptide linking' y TYROSINE        ? 'C9 H11 N O3'    181.189 
VAL 'L-peptide linking' y VALINE          ? 'C5 H11 N O2'    117.146 
# 
_exptl.absorpt_coefficient_mu     ? 
_exptl.absorpt_correction_T_max   ? 
_exptl.absorpt_correction_T_min   ? 
_exptl.absorpt_correction_type    ? 
_exptl.absorpt_process_details    ? 
_exptl.entry_id                   7CQH 
_exptl.crystals_number            1 
_exptl.details                    ? 
_exptl.method                     'X-RAY DIFFRACTION' 
_exptl.method_details             ? 
# 
_exptl_crystal.colour                      ? 
_exptl_crystal.density_diffrn              ? 
_exptl_crystal.density_Matthews            2.97 
_exptl_crystal.density_method              ? 
_exptl_crystal.density_percent_sol         58.52 
_exptl_crystal.description                 ? 
_exptl_crystal.F_000                       ? 
_exptl_crystal.id                          1 
_exptl_crystal.preparation                 ? 
_exptl_crystal.size_max                    ? 
_exptl_crystal.size_mid                    ? 
_exptl_crystal.size_min                    ? 
_exptl_crystal.size_rad                    ? 
_exptl_crystal.colour_lustre               ? 
_exptl_crystal.colour_modifier             ? 
_exptl_crystal.colour_primary              ? 
_exptl_crystal.density_meas                ? 
_exptl_crystal.density_meas_esd            ? 
_exptl_crystal.density_meas_gt             ? 
_exptl_crystal.density_meas_lt             ? 
_exptl_crystal.density_meas_temp           ? 
_exptl_crystal.density_meas_temp_esd       ? 
_exptl_crystal.density_meas_temp_gt        ? 
_exptl_crystal.density_meas_temp_lt        ? 
_exptl_crystal.pdbx_crystal_image_url      ? 
_exptl_crystal.pdbx_crystal_image_format   ? 
_exptl_crystal.pdbx_mosaicity              ? 
_exptl_crystal.pdbx_mosaicity_esd          ? 
# 
_exptl_crystal_grow.apparatus       ? 
_exptl_crystal_grow.atmosphere      ? 
_exptl_crystal_grow.crystal_id      1 
_exptl_crystal_grow.details         ? 
_exptl_crystal_grow.method          EVAPORATION 
_exptl_crystal_grow.method_ref      ? 
_exptl_crystal_grow.pH              ? 
_exptl_crystal_grow.pressure        ? 
_exptl_crystal_grow.pressure_esd    ? 
_exptl_crystal_grow.seeding         ? 
_exptl_crystal_grow.seeding_ref     ? 
_exptl_crystal_grow.temp            289 
_exptl_crystal_grow.temp_details    ? 
_exptl_crystal_grow.temp_esd        ? 
_exptl_crystal_grow.time            ? 
_exptl_crystal_grow.pdbx_details    '11.4% w/v Polyethyleneglycol 20000, 150mM Sodium acetate, 7% v/v Ethyleneglycol, pH 4.5' 
_exptl_crystal_grow.pdbx_pH_range   ? 
# 
_diffrn.ambient_environment              ? 
_diffrn.ambient_temp                     100 
_diffrn.ambient_temp_details             ? 
_diffrn.ambient_temp_esd                 ? 
_diffrn.crystal_id                       1 
_diffrn.crystal_support                  ? 
_diffrn.crystal_treatment                ? 
_diffrn.details                          ? 
_diffrn.id                               1 
_diffrn.ambient_pressure                 ? 
_diffrn.ambient_pressure_esd             ? 
_diffrn.ambient_pressure_gt              ? 
_diffrn.ambient_pressure_lt              ? 
_diffrn.ambient_temp_gt                  ? 
_diffrn.ambient_temp_lt                  ? 
_diffrn.pdbx_serial_crystal_experiment   N 
# 
_diffrn_detector.details                      ? 
_diffrn_detector.detector                     PIXEL 
_diffrn_detector.diffrn_id                    1 
_diffrn_detector.type                         'DECTRIS PILATUS 6M' 
_diffrn_detector.area_resol_mean              ? 
_diffrn_detector.dtime                        ? 
_diffrn_detector.pdbx_frames_total            ? 
_diffrn_detector.pdbx_collection_time_total   ? 
_diffrn_detector.pdbx_collection_date         2018-04-21 
_diffrn_detector.pdbx_frequency               ? 
# 
_diffrn_radiation.collimation                      ? 
_diffrn_radiation.diffrn_id                        1 
_diffrn_radiation.filter_edge                      ? 
_diffrn_radiation.inhomogeneity                    ? 
_diffrn_radiation.monochromator                    ? 
_diffrn_radiation.polarisn_norm                    ? 
_diffrn_radiation.polarisn_ratio                   ? 
_diffrn_radiation.probe                            ? 
_diffrn_radiation.type                             ? 
_diffrn_radiation.xray_symbol                      ? 
_diffrn_radiation.wavelength_id                    1 
_diffrn_radiation.pdbx_monochromatic_or_laue_m_l   M 
_diffrn_radiation.pdbx_wavelength_list             ? 
_diffrn_radiation.pdbx_wavelength                  ? 
_diffrn_radiation.pdbx_diffrn_protocol             'SINGLE WAVELENGTH' 
_diffrn_radiation.pdbx_analyzer                    ? 
_diffrn_radiation.pdbx_scattering_type             x-ray 
# 
_diffrn_radiation_wavelength.id           1 
_diffrn_radiation_wavelength.wavelength   0.97890 
_diffrn_radiation_wavelength.wt           1.0 
# 
_diffrn_source.current                     ? 
_diffrn_source.details                     ? 
_diffrn_source.diffrn_id                   1 
_diffrn_source.power                       ? 
_diffrn_source.size                        ? 
_diffrn_source.source                      SYNCHROTRON 
_diffrn_source.target                      ? 
_diffrn_source.type                        'SSRF BEAMLINE BL19U1' 
_diffrn_source.voltage                     ? 
_diffrn_source.take-off_angle              ? 
_diffrn_source.pdbx_wavelength_list        0.97890 
_diffrn_source.pdbx_wavelength             ? 
_diffrn_source.pdbx_synchrotron_beamline   BL19U1 
_diffrn_source.pdbx_synchrotron_site       SSRF 
# 
_reflns.B_iso_Wilson_estimate            ? 
_reflns.entry_id                         7CQH 
_reflns.data_reduction_details           ? 
_reflns.data_reduction_method            ? 
_reflns.d_resolution_high                2.150 
_reflns.d_resolution_low                 50.000 
_reflns.details                          ? 
_reflns.limit_h_max                      ? 
_reflns.limit_h_min                      ? 
_reflns.limit_k_max                      ? 
_reflns.limit_k_min                      ? 
_reflns.limit_l_max                      ? 
_reflns.limit_l_min                      ? 
_reflns.number_all                       ? 
_reflns.number_obs                       8342 
_reflns.observed_criterion               ? 
_reflns.observed_criterion_F_max         ? 
_reflns.observed_criterion_F_min         ? 
_reflns.observed_criterion_I_max         ? 
_reflns.observed_criterion_I_min         ? 
_reflns.observed_criterion_sigma_F       ? 
_reflns.observed_criterion_sigma_I       ? 
_reflns.percent_possible_obs             99.100 
_reflns.R_free_details                   ? 
_reflns.Rmerge_F_all                     ? 
_reflns.Rmerge_F_obs                     ? 
_reflns.Friedel_coverage                 ? 
_reflns.number_gt                        ? 
_reflns.threshold_expression             ? 
_reflns.pdbx_redundancy                  12.600 
_reflns.pdbx_Rmerge_I_obs                0.050 
_reflns.pdbx_Rmerge_I_all                ? 
_reflns.pdbx_Rsym_value                  ? 
_reflns.pdbx_netI_over_av_sigmaI         ? 
_reflns.pdbx_netI_over_sigmaI            7.300 
_reflns.pdbx_res_netI_over_av_sigmaI_2   ? 
_reflns.pdbx_res_netI_over_sigmaI_2      ? 
_reflns.pdbx_chi_squared                 0.616 
_reflns.pdbx_scaling_rejects             ? 
_reflns.pdbx_d_res_high_opt              ? 
_reflns.pdbx_d_res_low_opt               ? 
_reflns.pdbx_d_res_opt_method            ? 
_reflns.phase_calculation_details        ? 
_reflns.pdbx_Rrim_I_all                  0.052 
_reflns.pdbx_Rpim_I_all                  0.014 
_reflns.pdbx_d_opt                       ? 
_reflns.pdbx_number_measured_all         105408 
_reflns.pdbx_diffrn_id                   1 
_reflns.pdbx_ordinal                     1 
_reflns.pdbx_CC_half                     ? 
_reflns.pdbx_CC_star                     ? 
_reflns.pdbx_R_split                     ? 
# 
loop_
_reflns_shell.d_res_high 
_reflns_shell.d_res_low 
_reflns_shell.meanI_over_sigI_all 
_reflns_shell.meanI_over_sigI_obs 
_reflns_shell.number_measured_all 
_reflns_shell.number_measured_obs 
_reflns_shell.number_possible 
_reflns_shell.number_unique_all 
_reflns_shell.number_unique_obs 
_reflns_shell.percent_possible_all 
_reflns_shell.percent_possible_obs 
_reflns_shell.Rmerge_F_all 
_reflns_shell.Rmerge_F_obs 
_reflns_shell.Rmerge_I_all 
_reflns_shell.Rmerge_I_obs 
_reflns_shell.meanI_over_sigI_gt 
_reflns_shell.meanI_over_uI_all 
_reflns_shell.meanI_over_uI_gt 
_reflns_shell.number_measured_gt 
_reflns_shell.number_unique_gt 
_reflns_shell.percent_possible_gt 
_reflns_shell.Rmerge_F_gt 
_reflns_shell.Rmerge_I_gt 
_reflns_shell.pdbx_redundancy 
_reflns_shell.pdbx_Rsym_value 
_reflns_shell.pdbx_chi_squared 
_reflns_shell.pdbx_netI_over_sigmaI_all 
_reflns_shell.pdbx_netI_over_sigmaI_obs 
_reflns_shell.pdbx_Rrim_I_all 
_reflns_shell.pdbx_Rpim_I_all 
_reflns_shell.pdbx_rejects 
_reflns_shell.pdbx_ordinal 
_reflns_shell.pdbx_diffrn_id 
_reflns_shell.pdbx_CC_half 
_reflns_shell.pdbx_CC_star 
_reflns_shell.pdbx_R_split 
2.150 2.190  ? ? ? ? ? ? 369 88.500  ? ? ? ? 0.368 ? ? ? ? ? ? ? ? 9.100  ? 0.440 ? ? 0.388 0.119 ? 1  1 0.982 ? ? 
2.190 2.230  ? ? ? ? ? ? 397 96.600  ? ? ? ? 0.330 ? ? ? ? ? ? ? ? 9.500  ? 0.434 ? ? 0.348 0.106 ? 2  1 0.989 ? ? 
2.230 2.270  ? ? ? ? ? ? 391 96.800  ? ? ? ? 0.270 ? ? ? ? ? ? ? ? 10.300 ? 0.444 ? ? 0.284 0.084 ? 3  1 0.997 ? ? 
2.270 2.320  ? ? ? ? ? ? 434 99.800  ? ? ? ? 0.300 ? ? ? ? ? ? ? ? 11.300 ? 0.445 ? ? 0.314 0.091 ? 4  1 0.994 ? ? 
2.320 2.370  ? ? ? ? ? ? 433 99.500  ? ? ? ? 0.256 ? ? ? ? ? ? ? ? 12.300 ? 0.450 ? ? 0.267 0.075 ? 5  1 0.996 ? ? 
2.370 2.420  ? ? ? ? ? ? 399 100.000 ? ? ? ? 0.288 ? ? ? ? ? ? ? ? 12.900 ? 0.438 ? ? 0.300 0.083 ? 6  1 0.994 ? ? 
2.420 2.480  ? ? ? ? ? ? 433 100.000 ? ? ? ? 0.228 ? ? ? ? ? ? ? ? 12.000 ? 0.456 ? ? 0.238 0.068 ? 7  1 0.996 ? ? 
2.480 2.550  ? ? ? ? ? ? 408 100.000 ? ? ? ? 0.203 ? ? ? ? ? ? ? ? 12.700 ? 0.467 ? ? 0.212 0.059 ? 8  1 0.996 ? ? 
2.550 2.620  ? ? ? ? ? ? 404 100.000 ? ? ? ? 0.123 ? ? ? ? ? ? ? ? 13.900 ? 0.471 ? ? 0.128 0.035 ? 9  1 1.000 ? ? 
2.620 2.710  ? ? ? ? ? ? 451 100.000 ? ? ? ? 0.124 ? ? ? ? ? ? ? ? 14.000 ? 0.512 ? ? 0.129 0.034 ? 10 1 0.998 ? ? 
2.710 2.810  ? ? ? ? ? ? 421 100.000 ? ? ? ? 0.102 ? ? ? ? ? ? ? ? 13.700 ? 0.526 ? ? 0.106 0.029 ? 11 1 0.999 ? ? 
2.810 2.920  ? ? ? ? ? ? 416 100.000 ? ? ? ? 0.090 ? ? ? ? ? ? ? ? 13.800 ? 0.547 ? ? 0.093 0.025 ? 12 1 0.999 ? ? 
2.920 3.050  ? ? ? ? ? ? 403 100.000 ? ? ? ? 0.081 ? ? ? ? ? ? ? ? 13.700 ? 0.604 ? ? 0.084 0.023 ? 13 1 0.999 ? ? 
3.050 3.210  ? ? ? ? ? ? 422 100.000 ? ? ? ? 0.063 ? ? ? ? ? ? ? ? 12.700 ? 0.641 ? ? 0.066 0.018 ? 14 1 0.999 ? ? 
3.210 3.410  ? ? ? ? ? ? 432 100.000 ? ? ? ? 0.052 ? ? ? ? ? ? ? ? 13.000 ? 0.726 ? ? 0.054 0.015 ? 15 1 0.999 ? ? 
3.410 3.680  ? ? ? ? ? ? 417 100.000 ? ? ? ? 0.046 ? ? ? ? ? ? ? ? 14.200 ? 0.742 ? ? 0.048 0.013 ? 16 1 0.999 ? ? 
3.680 4.050  ? ? ? ? ? ? 422 100.000 ? ? ? ? 0.043 ? ? ? ? ? ? ? ? 14.000 ? 0.817 ? ? 0.045 0.012 ? 17 1 0.999 ? ? 
4.050 4.630  ? ? ? ? ? ? 422 100.000 ? ? ? ? 0.039 ? ? ? ? ? ? ? ? 13.000 ? 0.848 ? ? 0.040 0.011 ? 18 1 0.999 ? ? 
4.630 5.830  ? ? ? ? ? ? 427 99.800  ? ? ? ? 0.040 ? ? ? ? ? ? ? ? 13.200 ? 0.880 ? ? 0.041 0.011 ? 19 1 0.999 ? ? 
5.830 50.000 ? ? ? ? ? ? 441 99.800  ? ? ? ? 0.045 ? ? ? ? ? ? ? ? 12.800 ? 1.166 ? ? 0.047 0.013 ? 20 1 0.998 ? ? 
# 
_refine.aniso_B[1][1]                            3.7100 
_refine.aniso_B[1][2]                            -0.0000 
_refine.aniso_B[1][3]                            0.0000 
_refine.aniso_B[2][2]                            3.7100 
_refine.aniso_B[2][3]                            0.0000 
_refine.aniso_B[3][3]                            -7.4200 
_refine.B_iso_max                                118.740 
_refine.B_iso_mean                               69.3570 
_refine.B_iso_min                                30.000 
_refine.correlation_coeff_Fo_to_Fc               0.9620 
_refine.correlation_coeff_Fo_to_Fc_free          0.9460 
_refine.details                                  
'HYDROGENS HAVE BEEN ADDED IN THE RIDING POSITIONS U VALUES      : REFINED INDIVIDUALLY' 
_refine.diff_density_max                         ? 
_refine.diff_density_max_esd                     ? 
_refine.diff_density_min                         ? 
_refine.diff_density_min_esd                     ? 
_refine.diff_density_rms                         ? 
_refine.diff_density_rms_esd                     ? 
_refine.entry_id                                 7CQH 
_refine.pdbx_refine_id                           'X-RAY DIFFRACTION' 
_refine.ls_abs_structure_details                 ? 
_refine.ls_abs_structure_Flack                   ? 
_refine.ls_abs_structure_Flack_esd               ? 
_refine.ls_abs_structure_Rogers                  ? 
_refine.ls_abs_structure_Rogers_esd              ? 
_refine.ls_d_res_high                            2.1500 
_refine.ls_d_res_low                             49.3000 
_refine.ls_extinction_coef                       ? 
_refine.ls_extinction_coef_esd                   ? 
_refine.ls_extinction_expression                 ? 
_refine.ls_extinction_method                     ? 
_refine.ls_goodness_of_fit_all                   ? 
_refine.ls_goodness_of_fit_all_esd               ? 
_refine.ls_goodness_of_fit_obs                   ? 
_refine.ls_goodness_of_fit_obs_esd               ? 
_refine.ls_hydrogen_treatment                    ? 
_refine.ls_matrix_type                           ? 
_refine.ls_number_constraints                    ? 
_refine.ls_number_parameters                     ? 
_refine.ls_number_reflns_all                     ? 
_refine.ls_number_reflns_obs                     7910 
_refine.ls_number_reflns_R_free                  415 
_refine.ls_number_reflns_R_work                  ? 
_refine.ls_number_restraints                     ? 
_refine.ls_percent_reflns_obs                    99.0200 
_refine.ls_percent_reflns_R_free                 5.0000 
_refine.ls_R_factor_all                          ? 
_refine.ls_R_factor_obs                          0.2158 
_refine.ls_R_factor_R_free                       0.2532 
_refine.ls_R_factor_R_free_error                 ? 
_refine.ls_R_factor_R_free_error_details         ? 
_refine.ls_R_factor_R_work                       0.2140 
_refine.ls_R_Fsqd_factor_obs                     ? 
_refine.ls_R_I_factor_obs                        ? 
_refine.ls_redundancy_reflns_all                 ? 
_refine.ls_redundancy_reflns_obs                 ? 
_refine.ls_restrained_S_all                      ? 
_refine.ls_restrained_S_obs                      ? 
_refine.ls_shift_over_esd_max                    ? 
_refine.ls_shift_over_esd_mean                   ? 
_refine.ls_structure_factor_coef                 ? 
_refine.ls_weighting_details                     ? 
_refine.ls_weighting_scheme                      ? 
_refine.ls_wR_factor_all                         ? 
_refine.ls_wR_factor_obs                         ? 
_refine.ls_wR_factor_R_free                      ? 
_refine.ls_wR_factor_R_work                      ? 
_refine.occupancy_max                            ? 
_refine.occupancy_min                            ? 
_refine.solvent_model_details                    MASK 
_refine.solvent_model_param_bsol                 ? 
_refine.solvent_model_param_ksol                 ? 
_refine.pdbx_R_complete                          ? 
_refine.ls_R_factor_gt                           ? 
_refine.ls_goodness_of_fit_gt                    ? 
_refine.ls_goodness_of_fit_ref                   ? 
_refine.ls_shift_over_su_max                     ? 
_refine.ls_shift_over_su_max_lt                  ? 
_refine.ls_shift_over_su_mean                    ? 
_refine.ls_shift_over_su_mean_lt                 ? 
_refine.pdbx_ls_sigma_I                          ? 
_refine.pdbx_ls_sigma_F                          0.000 
_refine.pdbx_ls_sigma_Fsqd                       ? 
_refine.pdbx_data_cutoff_high_absF               ? 
_refine.pdbx_data_cutoff_high_rms_absF           ? 
_refine.pdbx_data_cutoff_low_absF                ? 
_refine.pdbx_isotropic_thermal_model             ? 
_refine.pdbx_ls_cross_valid_method               THROUGHOUT 
_refine.pdbx_method_to_determine_struct          'MOLECULAR REPLACEMENT' 
_refine.pdbx_starting_model                      1up5 
_refine.pdbx_stereochemistry_target_values       'MAXIMUM LIKELIHOOD' 
_refine.pdbx_R_Free_selection_details            RANDOM 
_refine.pdbx_stereochem_target_val_spec_case     ? 
_refine.pdbx_overall_ESU_R                       0.1710 
_refine.pdbx_overall_ESU_R_Free                  0.1640 
_refine.pdbx_solvent_vdw_probe_radii             1.2000 
_refine.pdbx_solvent_ion_probe_radii             0.8000 
_refine.pdbx_solvent_shrinkage_radii             0.8000 
_refine.pdbx_real_space_R                        ? 
_refine.pdbx_density_correlation                 ? 
_refine.pdbx_pd_number_of_powder_patterns        ? 
_refine.pdbx_pd_number_of_points                 ? 
_refine.pdbx_pd_meas_number_of_points            ? 
_refine.pdbx_pd_proc_ls_prof_R_factor            ? 
_refine.pdbx_pd_proc_ls_prof_wR_factor           ? 
_refine.pdbx_pd_Marquardt_correlation_coeff      ? 
_refine.pdbx_pd_Fsqrd_R_factor                   ? 
_refine.pdbx_pd_ls_matrix_band_width             ? 
_refine.pdbx_overall_phase_error                 ? 
_refine.pdbx_overall_SU_R_free_Cruickshank_DPI   ? 
_refine.pdbx_overall_SU_R_free_Blow_DPI          ? 
_refine.pdbx_overall_SU_R_Blow_DPI               ? 
_refine.pdbx_TLS_residual_ADP_flag               ? 
_refine.pdbx_diffrn_id                           1 
_refine.overall_SU_B                             7.0480 
_refine.overall_SU_ML                            0.1680 
_refine.overall_SU_R_Cruickshank_DPI             ? 
_refine.overall_SU_R_free                        ? 
_refine.overall_FOM_free_R_set                   ? 
_refine.overall_FOM_work_R_set                   ? 
_refine.pdbx_average_fsc_overall                 ? 
_refine.pdbx_average_fsc_work                    ? 
_refine.pdbx_average_fsc_free                    ? 
# 
_refine_hist.pdbx_refine_id                   'X-RAY DIFFRACTION' 
_refine_hist.cycle_id                         final 
_refine_hist.details                          ? 
_refine_hist.d_res_high                       2.1500 
_refine_hist.d_res_low                        49.3000 
_refine_hist.number_atoms_solvent             0 
_refine_hist.number_atoms_total               692 
_refine_hist.number_reflns_all                ? 
_refine_hist.number_reflns_obs                ? 
_refine_hist.number_reflns_R_free             ? 
_refine_hist.number_reflns_R_work             ? 
_refine_hist.R_factor_all                     ? 
_refine_hist.R_factor_obs                     ? 
_refine_hist.R_factor_R_free                  ? 
_refine_hist.R_factor_R_work                  ? 
_refine_hist.pdbx_number_residues_total       92 
_refine_hist.pdbx_B_iso_mean_ligand           63.35 
_refine_hist.pdbx_B_iso_mean_solvent          ? 
_refine_hist.pdbx_number_atoms_protein        690 
_refine_hist.pdbx_number_atoms_nucleic_acid   0 
_refine_hist.pdbx_number_atoms_ligand         2 
_refine_hist.pdbx_number_atoms_lipid          ? 
_refine_hist.pdbx_number_atoms_carb           ? 
_refine_hist.pdbx_pseudo_atom_details         ? 
# 
_refine_ls_shell.pdbx_refine_id                   'X-RAY DIFFRACTION' 
_refine_ls_shell.d_res_high                       2.1500 
_refine_ls_shell.d_res_low                        2.2060 
_refine_ls_shell.number_reflns_all                547 
_refine_ls_shell.number_reflns_obs                ? 
_refine_ls_shell.number_reflns_R_free             34 
_refine_ls_shell.number_reflns_R_work             513 
_refine_ls_shell.percent_reflns_obs               90.7100 
_refine_ls_shell.percent_reflns_R_free            ? 
_refine_ls_shell.R_factor_all                     ? 
_refine_ls_shell.R_factor_obs                     ? 
_refine_ls_shell.R_factor_R_free                  0.4010 
_refine_ls_shell.R_factor_R_free_error            0.0000 
_refine_ls_shell.R_factor_R_work                  0.3620 
_refine_ls_shell.redundancy_reflns_all            ? 
_refine_ls_shell.redundancy_reflns_obs            ? 
_refine_ls_shell.wR_factor_all                    ? 
_refine_ls_shell.wR_factor_obs                    ? 
_refine_ls_shell.wR_factor_R_free                 ? 
_refine_ls_shell.wR_factor_R_work                 ? 
_refine_ls_shell.pdbx_R_complete                  ? 
_refine_ls_shell.pdbx_total_number_of_bins_used   20 
_refine_ls_shell.pdbx_phase_error                 ? 
_refine_ls_shell.pdbx_fsc_work                    ? 
_refine_ls_shell.pdbx_fsc_free                    ? 
# 
_struct.entry_id                     7CQH 
_struct.title                        'Complex of TRP_CBS2 and Calmodulin_Clobe' 
_struct.pdbx_model_details           ? 
_struct.pdbx_formula_weight          ? 
_struct.pdbx_formula_weight_method   ? 
_struct.pdbx_model_type_details      ? 
_struct.pdbx_CASP_flag               N 
# 
_struct_keywords.entry_id        7CQH 
_struct_keywords.text            'Calmodulin, TRP channel, SIGNALING PROTEIN' 
_struct_keywords.pdbx_keywords   'SIGNALING PROTEIN' 
# 
loop_
_struct_asym.id 
_struct_asym.pdbx_blank_PDB_chainid_flag 
_struct_asym.pdbx_modified 
_struct_asym.entity_id 
_struct_asym.details 
A N N 1 ? 
B N N 2 ? 
C N N 3 ? 
D N N 3 ? 
# 
loop_
_struct_conf.conf_type_id 
_struct_conf.id 
_struct_conf.pdbx_PDB_helix_id 
_struct_conf.beg_label_comp_id 
_struct_conf.beg_label_asym_id 
_struct_conf.beg_label_seq_id 
_struct_conf.pdbx_beg_PDB_ins_code 
_struct_conf.end_label_comp_id 
_struct_conf.end_label_asym_id 
_struct_conf.end_label_seq_id 
_struct_conf.pdbx_end_PDB_ins_code 
_struct_conf.beg_auth_comp_id 
_struct_conf.beg_auth_asym_id 
_struct_conf.beg_auth_seq_id 
_struct_conf.end_auth_comp_id 
_struct_conf.end_auth_asym_id 
_struct_conf.end_auth_seq_id 
_struct_conf.pdbx_PDB_helix_class 
_struct_conf.details 
_struct_conf.pdbx_PDB_helix_length 
HELX_P HELX_P1 AA1 SER A 6  ? ASP A 18 ? SER B 2  ASP B 14 1 ? 13 
HELX_P HELX_P2 AA2 SER A 26 ? ASN A 36 ? SER B 22 ASN B 32 1 ? 11 
HELX_P HELX_P3 AA3 THR A 42 ? GLU A 52 ? THR B 38 GLU B 48 1 ? 11 
HELX_P HELX_P4 AA4 TYR A 63 ? THR A 71 ? TYR B 59 THR B 67 1 ? 9  
HELX_P HELX_P5 AA5 ARG B 20 ? MET B 30 ? ARG A 4  MET A 14 1 ? 11 
HELX_P HELX_P6 AA6 MET B 30 ? SER B 40 ? MET A 14 SER A 24 1 ? 11 
# 
_struct_conf_type.id          HELX_P 
_struct_conf_type.criteria    ? 
_struct_conf_type.reference   ? 
# 
loop_
_struct_conn.id 
_struct_conn.conn_type_id 
_struct_conn.pdbx_leaving_atom_flag 
_struct_conn.pdbx_PDB_id 
_struct_conn.ptnr1_label_asym_id 
_struct_conn.ptnr1_label_comp_id 
_struct_conn.ptnr1_label_seq_id 
_struct_conn.ptnr1_label_atom_id 
_struct_conn.pdbx_ptnr1_label_alt_id 
_struct_conn.pdbx_ptnr1_PDB_ins_code 
_struct_conn.pdbx_ptnr1_standard_comp_id 
_struct_conn.ptnr1_symmetry 
_struct_conn.ptnr2_label_asym_id 
_struct_conn.ptnr2_label_comp_id 
_struct_conn.ptnr2_label_seq_id 
_struct_conn.ptnr2_label_atom_id 
_struct_conn.pdbx_ptnr2_label_alt_id 
_struct_conn.pdbx_ptnr2_PDB_ins_code 
_struct_conn.ptnr1_auth_asym_id 
_struct_conn.ptnr1_auth_comp_id 
_struct_conn.ptnr1_auth_seq_id 
_struct_conn.ptnr2_auth_asym_id 
_struct_conn.ptnr2_auth_comp_id 
_struct_conn.ptnr2_auth_seq_id 
_struct_conn.ptnr2_symmetry 
_struct_conn.pdbx_ptnr3_label_atom_id 
_struct_conn.pdbx_ptnr3_label_seq_id 
_struct_conn.pdbx_ptnr3_label_comp_id 
_struct_conn.pdbx_ptnr3_label_asym_id 
_struct_conn.pdbx_ptnr3_label_alt_id 
_struct_conn.pdbx_ptnr3_PDB_ins_code 
_struct_conn.details 
_struct_conn.pdbx_dist_value 
_struct_conn.pdbx_value_order 
_struct_conn.pdbx_role 
metalc1  metalc ? ? A ASP 18 OD1 ? ? ? 1_555 D CA . CA ? ? B ASP 14 B CA 102 1_555 ? ? ? ? ? ? ? 2.177 ? ? 
metalc2  metalc ? ? A ASP 20 OD1 ? ? ? 1_555 D CA . CA ? ? B ASP 16 B CA 102 1_555 ? ? ? ? ? ? ? 2.423 ? ? 
metalc3  metalc ? ? A ASN 22 OD1 ? ? ? 1_555 D CA . CA ? ? B ASN 18 B CA 102 1_555 ? ? ? ? ? ? ? 2.360 ? ? 
metalc4  metalc ? ? A PHE 24 O   ? ? ? 1_555 D CA . CA ? ? B PHE 20 B CA 102 1_555 ? ? ? ? ? ? ? 2.361 ? ? 
metalc5  metalc ? ? A GLU 29 OE1 ? ? ? 1_555 D CA . CA ? ? B GLU 25 B CA 102 1_555 ? ? ? ? ? ? ? 2.447 ? ? 
metalc6  metalc ? ? A GLU 29 OE2 ? ? ? 1_555 D CA . CA ? ? B GLU 25 B CA 102 1_555 ? ? ? ? ? ? ? 2.624 ? ? 
metalc7  metalc ? ? A ASP 54 OD1 ? ? ? 1_555 C CA . CA ? ? B ASP 50 B CA 101 1_555 ? ? ? ? ? ? ? 2.366 ? ? 
metalc8  metalc ? ? A ASP 56 OD1 ? ? ? 1_555 C CA . CA ? ? B ASP 52 B CA 101 1_555 ? ? ? ? ? ? ? 2.384 ? ? 
metalc9  metalc ? ? A ASP 58 OD1 ? ? ? 1_555 C CA . CA ? ? B ASP 54 B CA 101 1_555 ? ? ? ? ? ? ? 2.496 ? ? 
metalc10 metalc ? ? A GLN 60 O   ? ? ? 1_555 C CA . CA ? ? B GLN 56 B CA 101 1_555 ? ? ? ? ? ? ? 2.236 ? ? 
metalc11 metalc ? ? A GLU 65 OE1 ? ? ? 1_555 C CA . CA ? ? B GLU 61 B CA 101 1_555 ? ? ? ? ? ? ? 2.469 ? ? 
metalc12 metalc ? ? A GLU 65 OE2 ? ? ? 1_555 C CA . CA ? ? B GLU 61 B CA 101 1_555 ? ? ? ? ? ? ? 2.605 ? ? 
# 
_struct_conn_type.id          metalc 
_struct_conn_type.criteria    ? 
_struct_conn_type.reference   ? 
# 
_struct_sheet.id               AA1 
_struct_sheet.type             ? 
_struct_sheet.number_strands   2 
_struct_sheet.details          ? 
# 
_struct_sheet_order.sheet_id     AA1 
_struct_sheet_order.range_id_1   1 
_struct_sheet_order.range_id_2   2 
_struct_sheet_order.offset       ? 
_struct_sheet_order.sense        anti-parallel 
# 
loop_
_struct_sheet_range.sheet_id 
_struct_sheet_range.id 
_struct_sheet_range.beg_label_comp_id 
_struct_sheet_range.beg_label_asym_id 
_struct_sheet_range.beg_label_seq_id 
_struct_sheet_range.pdbx_beg_PDB_ins_code 
_struct_sheet_range.end_label_comp_id 
_struct_sheet_range.end_label_asym_id 
_struct_sheet_range.end_label_seq_id 
_struct_sheet_range.pdbx_end_PDB_ins_code 
_struct_sheet_range.beg_auth_comp_id 
_struct_sheet_range.beg_auth_asym_id 
_struct_sheet_range.beg_auth_seq_id 
_struct_sheet_range.end_auth_comp_id 
_struct_sheet_range.end_auth_asym_id 
_struct_sheet_range.end_auth_seq_id 
AA1 1 PHE A 24 ? ILE A 25 ? PHE B 20 ILE B 21 
AA1 2 VAL A 61 ? ASN A 62 ? VAL B 57 ASN B 58 
# 
_pdbx_struct_sheet_hbond.sheet_id                AA1 
_pdbx_struct_sheet_hbond.range_id_1              1 
_pdbx_struct_sheet_hbond.range_id_2              2 
_pdbx_struct_sheet_hbond.range_1_label_atom_id   N 
_pdbx_struct_sheet_hbond.range_1_label_comp_id   ILE 
_pdbx_struct_sheet_hbond.range_1_label_asym_id   A 
_pdbx_struct_sheet_hbond.range_1_label_seq_id    25 
_pdbx_struct_sheet_hbond.range_1_PDB_ins_code    ? 
_pdbx_struct_sheet_hbond.range_1_auth_atom_id    N 
_pdbx_struct_sheet_hbond.range_1_auth_comp_id    ILE 
_pdbx_struct_sheet_hbond.range_1_auth_asym_id    B 
_pdbx_struct_sheet_hbond.range_1_auth_seq_id     21 
_pdbx_struct_sheet_hbond.range_2_label_atom_id   O 
_pdbx_struct_sheet_hbond.range_2_label_comp_id   VAL 
_pdbx_struct_sheet_hbond.range_2_label_asym_id   A 
_pdbx_struct_sheet_hbond.range_2_label_seq_id    61 
_pdbx_struct_sheet_hbond.range_2_PDB_ins_code    ? 
_pdbx_struct_sheet_hbond.range_2_auth_atom_id    O 
_pdbx_struct_sheet_hbond.range_2_auth_comp_id    VAL 
_pdbx_struct_sheet_hbond.range_2_auth_asym_id    B 
_pdbx_struct_sheet_hbond.range_2_auth_seq_id     57 
# 
_atom_sites.entry_id                    7CQH 
_atom_sites.Cartn_transf_matrix[1][1]   ? 
_atom_sites.Cartn_transf_matrix[1][2]   ? 
_atom_sites.Cartn_transf_matrix[1][3]   ? 
_atom_sites.Cartn_transf_matrix[2][1]   ? 
_atom_sites.Cartn_transf_matrix[2][2]   ? 
_atom_sites.Cartn_transf_matrix[2][3]   ? 
_atom_sites.Cartn_transf_matrix[3][1]   ? 
_atom_sites.Cartn_transf_matrix[3][2]   ? 
_atom_sites.Cartn_transf_matrix[3][3]   ? 
_atom_sites.Cartn_transf_vector[1]      ? 
_atom_sites.Cartn_transf_vector[2]      ? 
_atom_sites.Cartn_transf_vector[3]      ? 
_atom_sites.fract_transf_matrix[1][1]   -0.00968339 
_atom_sites.fract_transf_matrix[1][2]   0.00449963 
_atom_sites.fract_transf_matrix[1][3]   0.01340764 
_atom_sites.fract_transf_matrix[2][1]   -0.00944683 
_atom_sites.fract_transf_matrix[2][2]   0.01003458 
_atom_sites.fract_transf_matrix[2][3]   -0.01019040 
_atom_sites.fract_transf_matrix[3][1]   -0.00665929 
_atom_sites.fract_transf_matrix[3][2]   -0.00831842 
_atom_sites.fract_transf_matrix[3][3]   -0.00201785 
_atom_sites.fract_transf_vector[1]      0.124562 
_atom_sites.fract_transf_vector[2]      -0.341172 
_atom_sites.fract_transf_vector[3]      -0.206195 
_atom_sites.solution_primary            ? 
_atom_sites.solution_secondary          ? 
_atom_sites.solution_hydrogens          ? 
_atom_sites.special_details             ? 
# 
loop_
_atom_type.symbol 
C  
CA 
N  
O  
S  
# 
loop_
_atom_site.group_PDB 
_atom_site.id 
_atom_site.type_symbol 
_atom_site.label_atom_id 
_atom_site.label_alt_id 
_atom_site.label_comp_id 
_atom_site.label_asym_id 
_atom_site.label_entity_id 
_atom_site.label_seq_id 
_atom_site.pdbx_PDB_ins_code 
_atom_site.Cartn_x 
_atom_site.Cartn_y 
_atom_site.Cartn_z 
_atom_site.occupancy 
_atom_site.B_iso_or_equiv 
_atom_site.pdbx_formal_charge 
_atom_site.auth_seq_id 
_atom_site.auth_comp_id 
_atom_site.auth_asym_id 
_atom_site.auth_atom_id 
_atom_site.pdbx_PDB_model_num 
ATOM   1   N  N   . SER A 1 6  ? 5.143   2.433   -18.065 1.00 85.13  ? 2   SER B N   1 
ATOM   2   C  CA  . SER A 1 6  ? 5.507   3.183   -16.831 1.00 97.47  ? 2   SER B CA  1 
ATOM   3   C  C   . SER A 1 6  ? 4.225   3.504   -16.050 1.00 110.25 ? 2   SER B C   1 
ATOM   4   O  O   . SER A 1 6  ? 3.899   2.830   -15.049 1.00 98.56  ? 2   SER B O   1 
ATOM   5   C  CB  . SER A 1 6  ? 6.290   4.435   -17.166 1.00 100.52 ? 2   SER B CB  1 
ATOM   6   N  N   . GLU A 1 7  ? 3.478   4.506   -16.530 1.00 104.01 ? 3   GLU B N   1 
ATOM   7   C  CA  . GLU A 1 7  ? 2.300   4.998   -15.813 1.00 98.76  ? 3   GLU B CA  1 
ATOM   8   C  C   . GLU A 1 7  ? 1.168   3.962   -15.861 1.00 93.38  ? 3   GLU B C   1 
ATOM   9   O  O   . GLU A 1 7  ? 0.328   3.953   -14.969 1.00 98.27  ? 3   GLU B O   1 
ATOM   10  C  CB  . GLU A 1 7  ? 1.850   6.337   -16.357 1.00 93.02  ? 3   GLU B CB  1 
ATOM   11  N  N   . GLU A 1 8  ? 1.140   3.112   -16.897 1.00 89.38  ? 4   GLU B N   1 
ATOM   12  C  CA  . GLU A 1 8  ? 0.113   2.061   -17.025 1.00 97.64  ? 4   GLU B CA  1 
ATOM   13  C  C   . GLU A 1 8  ? 0.369   0.939   -15.990 1.00 85.46  ? 4   GLU B C   1 
ATOM   14  O  O   . GLU A 1 8  ? -0.580  0.310   -15.520 1.00 83.66  ? 4   GLU B O   1 
ATOM   15  C  CB  . GLU A 1 8  ? 0.058   1.546   -18.454 1.00 92.21  ? 4   GLU B CB  1 
ATOM   16  N  N   . GLU A 1 9  ? 1.650   0.694   -15.664 1.00 71.31  ? 5   GLU B N   1 
ATOM   17  C  CA  . GLU A 1 9  ? 2.100   -0.266  -14.645 1.00 80.58  ? 5   GLU B CA  1 
ATOM   18  C  C   . GLU A 1 9  ? 1.692   0.211   -13.236 1.00 81.64  ? 5   GLU B C   1 
ATOM   19  O  O   . GLU A 1 9  ? 1.225   -0.596  -12.423 1.00 72.51  ? 5   GLU B O   1 
ATOM   20  C  CB  . GLU A 1 9  ? 3.596   -0.466  -14.750 1.00 76.69  ? 5   GLU B CB  1 
ATOM   21  N  N   . ILE A 1 10 ? 1.822   1.522   -12.974 1.00 75.08  ? 6   ILE B N   1 
ATOM   22  C  CA  . ILE A 1 10 ? 1.516   2.119   -11.678 1.00 70.87  ? 6   ILE B CA  1 
ATOM   23  C  C   . ILE A 1 10 ? 0.004   2.201   -11.489 1.00 74.44  ? 6   ILE B C   1 
ATOM   24  O  O   . ILE A 1 10 ? -0.487  1.960   -10.363 1.00 75.57  ? 6   ILE B O   1 
ATOM   25  C  CB  . ILE A 1 10 ? 2.184   3.495   -11.497 1.00 72.59  ? 6   ILE B CB  1 
ATOM   26  C  CG1 . ILE A 1 10 ? 3.700   3.346   -11.370 1.00 72.77  ? 6   ILE B CG1 1 
ATOM   27  C  CG2 . ILE A 1 10 ? 1.599   4.239   -10.298 1.00 73.22  ? 6   ILE B CG2 1 
ATOM   28  C  CD1 . ILE A 1 10 ? 4.464   4.634   -11.593 1.00 79.27  ? 6   ILE B CD1 1 
ATOM   29  N  N   . ARG A 1 11 ? -0.711  2.555   -12.564 1.00 73.59  ? 7   ARG B N   1 
ATOM   30  C  CA  . ARG A 1 11 ? -2.184  2.550   -12.582 1.00 74.69  ? 7   ARG B CA  1 
ATOM   31  C  C   . ARG A 1 11 ? -2.685  1.136   -12.278 1.00 69.25  ? 7   ARG B C   1 
ATOM   32  O  O   . ARG A 1 11 ? -3.685  0.983   -11.583 1.00 72.65  ? 7   ARG B O   1 
ATOM   33  C  CB  . ARG A 1 11 ? -2.746  3.041   -13.925 1.00 90.20  ? 7   ARG B CB  1 
ATOM   34  C  CG  . ARG A 1 11 ? -3.613  4.295   -13.841 1.00 98.26  ? 7   ARG B CG  1 
ATOM   35  C  CD  . ARG A 1 11 ? -5.003  4.023   -13.262 1.00 106.97 ? 7   ARG B CD  1 
ATOM   36  N  NE  . ARG A 1 11 ? -5.637  5.183   -12.623 1.00 110.29 ? 7   ARG B NE  1 
ATOM   37  C  CZ  . ARG A 1 11 ? -6.648  5.122   -11.751 1.00 107.51 ? 7   ARG B CZ  1 
ATOM   38  N  NH1 . ARG A 1 11 ? -7.292  3.984   -11.545 1.00 98.96  ? 7   ARG B NH1 1 
ATOM   39  N  NH2 . ARG A 1 11 ? -7.006  6.202   -11.077 1.00 107.78 ? 7   ARG B NH2 1 
ATOM   40  N  N   . GLU A 1 12 ? -1.989  0.118   -12.814 1.00 69.26  ? 8   GLU B N   1 
ATOM   41  C  CA  . GLU A 1 12 ? -2.408  -1.309  -12.725 1.00 75.19  ? 8   GLU B CA  1 
ATOM   42  C  C   . GLU A 1 12 ? -2.217  -1.812  -11.279 1.00 68.57  ? 8   GLU B C   1 
ATOM   43  O  O   . GLU A 1 12 ? -3.120  -2.438  -10.714 1.00 73.57  ? 8   GLU B O   1 
ATOM   44  C  CB  . GLU A 1 12 ? -1.636  -2.165  -13.743 1.00 76.36  ? 8   GLU B CB  1 
ATOM   45  C  CG  . GLU A 1 12 ? -2.118  -3.613  -13.829 1.00 89.31  ? 8   GLU B CG  1 
ATOM   46  C  CD  . GLU A 1 12 ? -1.249  -4.591  -14.619 1.00 97.02  ? 8   GLU B CD  1 
ATOM   47  O  OE1 . GLU A 1 12 ? -0.029  -4.351  -14.733 1.00 100.89 ? 8   GLU B OE1 1 
ATOM   48  O  OE2 . GLU A 1 12 ? -1.796  -5.605  -15.122 1.00 92.20  ? 8   GLU B OE2 1 
ATOM   49  N  N   . ALA A 1 13 ? -1.050  -1.497  -10.695 1.00 67.90  ? 9   ALA B N   1 
ATOM   50  C  CA  . ALA A 1 13 ? -0.726  -1.742  -9.280  1.00 62.68  ? 9   ALA B CA  1 
ATOM   51  C  C   . ALA A 1 13 ? -1.768  -1.072  -8.379  1.00 59.63  ? 9   ALA B C   1 
ATOM   52  O  O   . ALA A 1 13 ? -2.285  -1.688  -7.470  1.00 60.06  ? 9   ALA B O   1 
ATOM   53  C  CB  . ALA A 1 13 ? 0.686   -1.295  -8.977  1.00 61.74  ? 9   ALA B CB  1 
ATOM   54  N  N   . PHE A 1 14 ? -2.170  0.158   -8.702  1.00 65.63  ? 10  PHE B N   1 
ATOM   55  C  CA  . PHE A 1 14 ? -3.194  0.815   -7.900  1.00 61.71  ? 10  PHE B CA  1 
ATOM   56  C  C   . PHE A 1 14 ? -4.510  0.041   -7.931  1.00 62.07  ? 10  PHE B C   1 
ATOM   57  O  O   . PHE A 1 14 ? -5.231  0.035   -6.942  1.00 62.85  ? 10  PHE B O   1 
ATOM   58  C  CB  . PHE A 1 14 ? -3.492  2.230   -8.379  1.00 59.50  ? 10  PHE B CB  1 
ATOM   59  C  CG  . PHE A 1 14 ? -4.493  2.989   -7.547  1.00 52.27  ? 10  PHE B CG  1 
ATOM   60  C  CD1 . PHE A 1 14 ? -4.098  3.638   -6.390  1.00 55.09  ? 10  PHE B CD1 1 
ATOM   61  C  CD2 . PHE A 1 14 ? -5.823  3.058   -7.919  1.00 55.53  ? 10  PHE B CD2 1 
ATOM   62  C  CE1 . PHE A 1 14 ? -5.005  4.373   -5.642  1.00 63.70  ? 10  PHE B CE1 1 
ATOM   63  C  CE2 . PHE A 1 14 ? -6.734  3.778   -7.165  1.00 59.29  ? 10  PHE B CE2 1 
ATOM   64  C  CZ  . PHE A 1 14 ? -6.318  4.458   -6.041  1.00 61.07  ? 10  PHE B CZ  1 
ATOM   65  N  N   . ARG A 1 15 ? -4.852  -0.500  -9.099  1.00 67.52  ? 11  ARG B N   1 
ATOM   66  C  CA  . ARG A 1 15 ? -6.134  -1.188  -9.305  1.00 72.49  ? 11  ARG B CA  1 
ATOM   67  C  C   . ARG A 1 15 ? -6.119  -2.500  -8.509  1.00 65.54  ? 11  ARG B C   1 
ATOM   68  O  O   . ARG A 1 15 ? -7.123  -2.890  -7.939  1.00 71.00  ? 11  ARG B O   1 
ATOM   69  C  CB  . ARG A 1 15 ? -6.396  -1.391  -10.802 1.00 78.30  ? 11  ARG B CB  1 
ATOM   70  C  CG  . ARG A 1 15 ? -7.227  -0.274  -11.426 1.00 88.87  ? 11  ARG B CG  1 
ATOM   71  C  CD  . ARG A 1 15 ? -7.098  0.024   -12.926 1.00 92.57  ? 11  ARG B CD  1 
ATOM   72  N  NE  . ARG A 1 15 ? -6.232  -0.821  -13.755 1.00 101.52 ? 11  ARG B NE  1 
ATOM   73  C  CZ  . ARG A 1 15 ? -5.520  -0.377  -14.802 1.00 106.40 ? 11  ARG B CZ  1 
ATOM   74  N  NH1 . ARG A 1 15 ? -5.673  0.866   -15.235 1.00 97.12  ? 11  ARG B NH1 1 
ATOM   75  N  NH2 . ARG A 1 15 ? -4.634  -1.169  -15.391 1.00 95.23  ? 11  ARG B NH2 1 
ATOM   76  N  N   . VAL A 1 16 ? -4.950  -3.135  -8.417  1.00 63.32  ? 12  VAL B N   1 
ATOM   77  C  CA  . VAL A 1 16 ? -4.806  -4.346  -7.613  1.00 66.54  ? 12  VAL B CA  1 
ATOM   78  C  C   . VAL A 1 16 ? -5.183  -4.043  -6.154  1.00 71.48  ? 12  VAL B C   1 
ATOM   79  O  O   . VAL A 1 16 ? -5.853  -4.882  -5.521  1.00 57.77  ? 12  VAL B O   1 
ATOM   80  C  CB  . VAL A 1 16 ? -3.396  -4.948  -7.753  1.00 71.34  ? 12  VAL B CB  1 
ATOM   81  C  CG1 . VAL A 1 16 ? -3.065  -5.920  -6.632  1.00 72.92  ? 12  VAL B CG1 1 
ATOM   82  C  CG2 . VAL A 1 16 ? -3.228  -5.624  -9.114  1.00 70.50  ? 12  VAL B CG2 1 
ATOM   83  N  N   . PHE A 1 17 ? -4.798  -2.858  -5.629  1.00 64.15  ? 13  PHE B N   1 
ATOM   84  C  CA  . PHE A 1 17 ? -5.122  -2.494  -4.244  1.00 59.57  ? 13  PHE B CA  1 
ATOM   85  C  C   . PHE A 1 17 ? -6.541  -1.940  -4.136  1.00 58.27  ? 13  PHE B C   1 
ATOM   86  O  O   . PHE A 1 17 ? -7.254  -2.245  -3.187  1.00 61.02  ? 13  PHE B O   1 
ATOM   87  C  CB  . PHE A 1 17 ? -4.145  -1.484  -3.636  1.00 54.43  ? 13  PHE B CB  1 
ATOM   88  C  CG  . PHE A 1 17 ? -2.781  -2.052  -3.363  1.00 56.86  ? 13  PHE B CG  1 
ATOM   89  C  CD1 . PHE A 1 17 ? -1.790  -2.027  -4.338  1.00 55.20  ? 13  PHE B CD1 1 
ATOM   90  C  CD2 . PHE A 1 17 ? -2.478  -2.581  -2.119  1.00 60.65  ? 13  PHE B CD2 1 
ATOM   91  C  CE1 . PHE A 1 17 ? -0.536  -2.554  -4.073  1.00 62.55  ? 13  PHE B CE1 1 
ATOM   92  C  CE2 . PHE A 1 17 ? -1.229  -3.124  -1.868  1.00 60.48  ? 13  PHE B CE2 1 
ATOM   93  C  CZ  . PHE A 1 17 ? -0.269  -3.135  -2.850  1.00 58.35  ? 13  PHE B CZ  1 
ATOM   94  N  N   . ASP A 1 18 ? -6.929  -1.073  -5.063  1.00 56.28  ? 14  ASP B N   1 
ATOM   95  C  CA  . ASP A 1 18 ? -8.241  -0.468  -4.996  1.00 58.42  ? 14  ASP B CA  1 
ATOM   96  C  C   . ASP A 1 18 ? -9.303  -1.477  -5.468  1.00 65.30  ? 14  ASP B C   1 
ATOM   97  O  O   . ASP A 1 18 ? -9.853  -1.361  -6.573  1.00 73.12  ? 14  ASP B O   1 
ATOM   98  C  CB  . ASP A 1 18 ? -8.277  0.825   -5.806  1.00 54.49  ? 14  ASP B CB  1 
ATOM   99  C  CG  . ASP A 1 18 ? -9.634  1.486   -5.746  1.00 63.22  ? 14  ASP B CG  1 
ATOM   100 O  OD1 . ASP A 1 18 ? -10.354 1.308   -4.680  1.00 61.61  ? 14  ASP B OD1 1 
ATOM   101 O  OD2 . ASP A 1 18 ? -9.990  2.120   -6.768  1.00 64.63  ? 14  ASP B OD2 1 
ATOM   102 N  N   . LYS A 1 19 ? -9.640  -2.447  -4.614  1.00 71.20  ? 15  LYS B N   1 
ATOM   103 C  CA  . LYS A 1 19 ? -10.348 -3.656  -5.083  1.00 69.70  ? 15  LYS B CA  1 
ATOM   104 C  C   . LYS A 1 19 ? -11.801 -3.353  -5.466  1.00 66.45  ? 15  LYS B C   1 
ATOM   105 O  O   . LYS A 1 19 ? -12.285 -3.976  -6.396  1.00 71.61  ? 15  LYS B O   1 
ATOM   106 C  CB  . LYS A 1 19 ? -10.304 -4.774  -4.047  1.00 67.45  ? 15  LYS B CB  1 
ATOM   107 C  CG  . LYS A 1 19 ? -8.965  -5.472  -3.969  1.00 77.88  ? 15  LYS B CG  1 
ATOM   108 C  CD  . LYS A 1 19 ? -9.054  -6.950  -4.196  1.00 73.29  ? 15  LYS B CD  1 
ATOM   109 C  CE  . LYS A 1 19 ? -7.682  -7.558  -4.330  1.00 75.85  ? 15  LYS B CE  1 
ATOM   110 N  NZ  . LYS A 1 19 ? -7.158  -7.356  -5.695  1.00 85.89  ? 15  LYS B NZ  1 
ATOM   111 N  N   . ASP A 1 20 ? -12.469 -2.424  -4.758  1.00 65.77  ? 16  ASP B N   1 
ATOM   112 C  CA  . ASP A 1 20 ? -13.853 -1.955  -5.107  1.00 66.65  ? 16  ASP B CA  1 
ATOM   113 C  C   . ASP A 1 20 ? -13.862 -0.838  -6.194  1.00 67.33  ? 16  ASP B C   1 
ATOM   114 O  O   . ASP A 1 20 ? -14.918 -0.304  -6.551  1.00 67.82  ? 16  ASP B O   1 
ATOM   115 C  CB  . ASP A 1 20 ? -14.587 -1.513  -3.835  1.00 61.83  ? 16  ASP B CB  1 
ATOM   116 C  CG  . ASP A 1 20 ? -14.135 -0.143  -3.376  1.00 67.39  ? 16  ASP B CG  1 
ATOM   117 O  OD1 . ASP A 1 20 ? -13.184 0.360   -4.012  1.00 66.88  ? 16  ASP B OD1 1 
ATOM   118 O  OD2 . ASP A 1 20 ? -14.762 0.436   -2.427  1.00 64.46  ? 16  ASP B OD2 1 
ATOM   119 N  N   . GLY A 1 21 ? -12.691 -0.415  -6.689  1.00 74.82  ? 17  GLY B N   1 
ATOM   120 C  CA  . GLY A 1 21 ? -12.591 0.539   -7.824  1.00 67.70  ? 17  GLY B CA  1 
ATOM   121 C  C   . GLY A 1 21 ? -13.168 1.921   -7.538  1.00 60.52  ? 17  GLY B C   1 
ATOM   122 O  O   . GLY A 1 21 ? -13.445 2.660   -8.452  1.00 76.98  ? 17  GLY B O   1 
ATOM   123 N  N   . ASN A 1 22 ? -13.332 2.314   -6.276  1.00 59.83  ? 18  ASN B N   1 
ATOM   124 C  CA  . ASN A 1 22 ? -13.861 3.644   -6.018  1.00 63.54  ? 18  ASN B CA  1 
ATOM   125 C  C   . ASN A 1 22 ? -12.765 4.733   -6.085  1.00 68.23  ? 18  ASN B C   1 
ATOM   126 O  O   . ASN A 1 22 ? -13.048 5.843   -5.708  1.00 61.93  ? 18  ASN B O   1 
ATOM   127 C  CB  . ASN A 1 22 ? -14.549 3.699   -4.657  1.00 61.24  ? 18  ASN B CB  1 
ATOM   128 C  CG  . ASN A 1 22 ? -13.602 3.723   -3.476  1.00 68.40  ? 18  ASN B CG  1 
ATOM   129 O  OD1 . ASN A 1 22 ? -12.455 3.265   -3.535  1.00 68.07  ? 18  ASN B OD1 1 
ATOM   130 N  ND2 . ASN A 1 22 ? -14.086 4.253   -2.371  1.00 61.31  ? 18  ASN B ND2 1 
ATOM   131 N  N   . GLY A 1 23 ? -11.518 4.393   -6.460  1.00 62.65  ? 19  GLY B N   1 
ATOM   132 C  CA  . GLY A 1 23 ? -10.414 5.382   -6.606  1.00 68.59  ? 19  GLY B CA  1 
ATOM   133 C  C   . GLY A 1 23 ? -9.676  5.705   -5.306  1.00 68.89  ? 19  GLY B C   1 
ATOM   134 O  O   . GLY A 1 23 ? -8.821  6.595   -5.282  1.00 73.27  ? 19  GLY B O   1 
ATOM   135 N  N   . PHE A 1 24 ? -9.954  4.953   -4.232  1.00 73.66  ? 20  PHE B N   1 
ATOM   136 C  CA  . PHE A 1 24 ? -9.270  5.084   -2.936  1.00 60.92  ? 20  PHE B CA  1 
ATOM   137 C  C   . PHE A 1 24 ? -8.884  3.709   -2.351  1.00 67.40  ? 20  PHE B C   1 
ATOM   138 O  O   . PHE A 1 24 ? -9.737  2.903   -2.064  1.00 63.96  ? 20  PHE B O   1 
ATOM   139 C  CB  . PHE A 1 24 ? -10.170 5.786   -1.923  1.00 67.47  ? 20  PHE B CB  1 
ATOM   140 C  CG  . PHE A 1 24 ? -10.593 7.195   -2.263  1.00 81.67  ? 20  PHE B CG  1 
ATOM   141 C  CD1 . PHE A 1 24 ? -9.818  8.286   -1.878  1.00 78.08  ? 20  PHE B CD1 1 
ATOM   142 C  CD2 . PHE A 1 24 ? -11.805 7.438   -2.898  1.00 79.67  ? 20  PHE B CD2 1 
ATOM   143 C  CE1 . PHE A 1 24 ? -10.221 9.584   -2.166  1.00 68.67  ? 20  PHE B CE1 1 
ATOM   144 C  CE2 . PHE A 1 24 ? -12.204 8.737   -3.191  1.00 83.94  ? 20  PHE B CE2 1 
ATOM   145 C  CZ  . PHE A 1 24 ? -11.411 9.806   -2.827  1.00 81.20  ? 20  PHE B CZ  1 
ATOM   146 N  N   . ILE A 1 25 ? -7.596  3.484   -2.055  1.00 60.91  ? 21  ILE B N   1 
ATOM   147 C  CA  . ILE A 1 25 ? -7.203  2.323   -1.258  1.00 60.50  ? 21  ILE B CA  1 
ATOM   148 C  C   . ILE A 1 25 ? -7.561  2.562   0.223   1.00 67.30  ? 21  ILE B C   1 
ATOM   149 O  O   . ILE A 1 25 ? -6.997  3.441   0.831   1.00 61.18  ? 21  ILE B O   1 
ATOM   150 C  CB  . ILE A 1 25 ? -5.713  1.984   -1.451  1.00 56.72  ? 21  ILE B CB  1 
ATOM   151 C  CG1 . ILE A 1 25 ? -5.346  1.862   -2.934  1.00 56.41  ? 21  ILE B CG1 1 
ATOM   152 C  CG2 . ILE A 1 25 ? -5.341  0.742   -0.656  1.00 57.44  ? 21  ILE B CG2 1 
ATOM   153 C  CD1 . ILE A 1 25 ? -3.861  1.871   -3.214  1.00 56.31  ? 21  ILE B CD1 1 
ATOM   154 N  N   . SER A 1 26 ? -8.498  1.758   0.774   1.00 65.57  ? 22  SER B N   1 
ATOM   155 C  CA  . SER A 1 26 ? -8.887  1.777   2.211   1.00 63.87  ? 22  SER B CA  1 
ATOM   156 C  C   . SER A 1 26 ? -7.976  0.856   3.014   1.00 52.15  ? 22  SER B C   1 
ATOM   157 O  O   . SER A 1 26 ? -7.315  0.015   2.474   1.00 57.94  ? 22  SER B O   1 
ATOM   158 C  CB  . SER A 1 26 ? -10.328 1.338   2.427   1.00 57.88  ? 22  SER B CB  1 
ATOM   159 O  OG  . SER A 1 26 ? -10.483 0.019   1.946   1.00 58.52  ? 22  SER B OG  1 
ATOM   160 N  N   . ALA A 1 27 ? -8.009  1.024   4.330   1.00 51.12  ? 23  ALA B N   1 
ATOM   161 C  CA  . ALA A 1 27 ? -7.404  0.090   5.267   1.00 56.55  ? 23  ALA B CA  1 
ATOM   162 C  C   . ALA A 1 27 ? -7.850  -1.359  5.003   1.00 54.34  ? 23  ALA B C   1 
ATOM   163 O  O   . ALA A 1 27 ? -7.033  -2.254  4.922   1.00 65.35  ? 23  ALA B O   1 
ATOM   164 C  CB  . ALA A 1 27 ? -7.762  0.511   6.673   1.00 57.58  ? 23  ALA B CB  1 
ATOM   165 N  N   . ALA A 1 28 ? -9.156  -1.592  4.897   1.00 62.00  ? 24  ALA B N   1 
ATOM   166 C  CA  . ALA A 1 28 ? -9.725  -2.944  4.696   1.00 52.89  ? 24  ALA B CA  1 
ATOM   167 C  C   . ALA A 1 28 ? -9.133  -3.552  3.428   1.00 51.66  ? 24  ALA B C   1 
ATOM   168 O  O   . ALA A 1 28 ? -8.704  -4.676  3.424   1.00 59.42  ? 24  ALA B O   1 
ATOM   169 C  CB  . ALA A 1 28 ? -11.249 -2.842  4.635   1.00 52.26  ? 24  ALA B CB  1 
ATOM   170 N  N   . GLU A 1 29 ? -9.043  -2.752  2.360   1.00 57.66  ? 25  GLU B N   1 
ATOM   171 C  CA  . GLU A 1 29 ? -8.468  -3.198  1.090   1.00 57.84  ? 25  GLU B CA  1 
ATOM   172 C  C   . GLU A 1 29 ? -6.973  -3.542  1.212   1.00 65.95  ? 25  GLU B C   1 
ATOM   173 O  O   . GLU A 1 29 ? -6.449  -4.528  0.570   1.00 58.24  ? 25  GLU B O   1 
ATOM   174 C  CB  . GLU A 1 29 ? -8.688  -2.134  0.020   1.00 66.41  ? 25  GLU B CB  1 
ATOM   175 C  CG  . GLU A 1 29 ? -10.106 -2.132  -0.506  1.00 63.66  ? 25  GLU B CG  1 
ATOM   176 C  CD  . GLU A 1 29 ? -10.407 -1.019  -1.478  1.00 66.75  ? 25  GLU B CD  1 
ATOM   177 O  OE1 . GLU A 1 29 ? -9.878  0.089   -1.246  1.00 73.35  ? 25  GLU B OE1 1 
ATOM   178 O  OE2 . GLU A 1 29 ? -11.129 -1.271  -2.481  1.00 63.87  ? 25  GLU B OE2 1 
ATOM   179 N  N   . LEU A 1 30 ? -6.262  -2.733  1.999   1.00 62.76  ? 26  LEU B N   1 
ATOM   180 C  CA  . LEU A 1 30 ? -4.830  -2.917  2.180   1.00 58.45  ? 26  LEU B CA  1 
ATOM   181 C  C   . LEU A 1 30 ? -4.639  -4.152  3.072   1.00 55.05  ? 26  LEU B C   1 
ATOM   182 O  O   . LEU A 1 30 ? -3.801  -5.007  2.794   1.00 58.66  ? 26  LEU B O   1 
ATOM   183 C  CB  . LEU A 1 30 ? -4.214  -1.613  2.739   1.00 61.12  ? 26  LEU B CB  1 
ATOM   184 C  CG  . LEU A 1 30 ? -2.686  -1.556  2.915   1.00 54.74  ? 26  LEU B CG  1 
ATOM   185 C  CD1 . LEU A 1 30 ? -1.939  -2.020  1.700   1.00 53.72  ? 26  LEU B CD1 1 
ATOM   186 C  CD2 . LEU A 1 30 ? -2.222  -0.152  3.241   1.00 65.62  ? 26  LEU B CD2 1 
ATOM   187 N  N   . ARG A 1 31 ? -5.448  -4.289  4.124   1.00 62.13  ? 27  ARG B N   1 
ATOM   188 C  CA  . ARG A 1 31 ? -5.409  -5.518  4.963   1.00 64.47  ? 27  ARG B CA  1 
ATOM   189 C  C   . ARG A 1 31 ? -5.591  -6.753  4.072   1.00 60.01  ? 27  ARG B C   1 
ATOM   190 O  O   . ARG A 1 31 ? -4.771  -7.664  4.082   1.00 70.36  ? 27  ARG B O   1 
ATOM   191 C  CB  . ARG A 1 31 ? -6.470  -5.463  6.072   1.00 70.28  ? 27  ARG B CB  1 
ATOM   192 C  CG  . ARG A 1 31 ? -6.410  -6.637  7.045   1.00 76.10  ? 27  ARG B CG  1 
ATOM   193 C  CD  . ARG A 1 31 ? -7.447  -6.602  8.163   1.00 71.80  ? 27  ARG B CD  1 
ATOM   194 N  NE  . ARG A 1 31 ? -6.891  -6.153  9.439   1.00 86.51  ? 27  ARG B NE  1 
ATOM   195 C  CZ  . ARG A 1 31 ? -5.956  -6.790  10.157  1.00 90.02  ? 27  ARG B CZ  1 
ATOM   196 N  NH1 . ARG A 1 31 ? -5.402  -7.908  9.714   1.00 86.68  ? 27  ARG B NH1 1 
ATOM   197 N  NH2 . ARG A 1 31 ? -5.577  -6.294  11.326  1.00 88.33  ? 27  ARG B NH2 1 
ATOM   198 N  N   . HIS A 1 32 ? -6.613  -6.705  3.217   1.00 58.98  ? 28  HIS B N   1 
ATOM   199 C  CA  . HIS A 1 32 ? -6.964  -7.789  2.337   1.00 59.44  ? 28  HIS B CA  1 
ATOM   200 C  C   . HIS A 1 32 ? -5.783  -8.178  1.461   1.00 61.71  ? 28  HIS B C   1 
ATOM   201 O  O   . HIS A 1 32 ? -5.461  -9.348  1.317   1.00 59.96  ? 28  HIS B O   1 
ATOM   202 C  CB  . HIS A 1 32 ? -8.183  -7.414  1.465   1.00 67.14  ? 28  HIS B CB  1 
ATOM   203 C  CG  . HIS A 1 32 ? -8.624  -8.522  0.556   1.00 64.50  ? 28  HIS B CG  1 
ATOM   204 N  ND1 . HIS A 1 32 ? -8.391  -8.518  -0.807  1.00 77.45  ? 28  HIS B ND1 1 
ATOM   205 C  CD2 . HIS A 1 32 ? -9.245  -9.690  0.815   1.00 63.85  ? 28  HIS B CD2 1 
ATOM   206 C  CE1 . HIS A 1 32 ? -8.859  -9.629  -1.346  1.00 69.45  ? 28  HIS B CE1 1 
ATOM   207 N  NE2 . HIS A 1 32 ? -9.386  -10.359 -0.373  1.00 67.38  ? 28  HIS B NE2 1 
ATOM   208 N  N   . VAL A 1 33 ? -5.192  -7.194  0.784   1.00 68.25  ? 29  VAL B N   1 
ATOM   209 C  CA  . VAL A 1 33 ? -4.140  -7.517  -0.168  1.00 60.74  ? 29  VAL B CA  1 
ATOM   210 C  C   . VAL A 1 33 ? -2.932  -8.066  0.583   1.00 55.27  ? 29  VAL B C   1 
ATOM   211 O  O   . VAL A 1 33 ? -2.340  -9.030  0.165   1.00 61.50  ? 29  VAL B O   1 
ATOM   212 C  CB  . VAL A 1 33 ? -3.749  -6.313  -1.042  1.00 68.24  ? 29  VAL B CB  1 
ATOM   213 C  CG1 . VAL A 1 33 ? -2.404  -6.523  -1.711  1.00 69.71  ? 29  VAL B CG1 1 
ATOM   214 C  CG2 . VAL A 1 33 ? -4.811  -6.005  -2.080  1.00 67.88  ? 29  VAL B CG2 1 
ATOM   215 N  N   . MET A 1 34 ? -2.551  -7.402  1.671   1.00 62.39  ? 30  MET B N   1 
ATOM   216 C  CA  . MET A 1 34 ? -1.401  -7.823  2.466   1.00 61.65  ? 30  MET B CA  1 
ATOM   217 C  C   . MET A 1 34 ? -1.603  -9.231  3.021   1.00 69.17  ? 30  MET B C   1 
ATOM   218 O  O   . MET A 1 34 ? -0.700  -10.064 2.893   1.00 62.64  ? 30  MET B O   1 
ATOM   219 C  CB  . MET A 1 34 ? -1.173  -6.883  3.642   1.00 61.91  ? 30  MET B CB  1 
ATOM   220 C  CG  . MET A 1 34 ? -0.660  -5.551  3.220   1.00 74.42  ? 30  MET B CG  1 
ATOM   221 S  SD  . MET A 1 34 ? 1.013   -5.612  2.537   1.00 69.70  ? 30  MET B SD  1 
ATOM   222 C  CE  . MET A 1 34 ? 1.922   -6.173  3.969   1.00 90.78  ? 30  MET B CE  1 
ATOM   223 N  N   . THR A 1 35 ? -2.770  -9.470  3.646   1.00 73.42  ? 31  THR B N   1 
ATOM   224 C  CA  . THR A 1 35 ? -3.147  -10.806 4.170   1.00 72.49  ? 31  THR B CA  1 
ATOM   225 C  C   . THR A 1 35 ? -3.004  -11.898 3.096   1.00 61.12  ? 31  THR B C   1 
ATOM   226 O  O   . THR A 1 35 ? -2.432  -12.953 3.356   1.00 76.12  ? 31  THR B O   1 
ATOM   227 C  CB  . THR A 1 35 ? -4.554  -10.777 4.776   1.00 70.90  ? 31  THR B CB  1 
ATOM   228 O  OG1 . THR A 1 35 ? -4.409  -9.928  5.917   1.00 69.25  ? 31  THR B OG1 1 
ATOM   229 C  CG2 . THR A 1 35 ? -5.060  -12.155 5.155   1.00 69.01  ? 31  THR B CG2 1 
ATOM   230 N  N   . ASN A 1 36 ? -3.441  -11.626 1.871   1.00 67.99  ? 32  ASN B N   1 
ATOM   231 C  CA  . ASN A 1 36 ? -3.412  -12.634 0.810   1.00 78.19  ? 32  ASN B CA  1 
ATOM   232 C  C   . ASN A 1 36 ? -2.052  -12.646 0.088   1.00 83.02  ? 32  ASN B C   1 
ATOM   233 O  O   . ASN A 1 36 ? -1.937  -13.212 -0.990  1.00 80.47  ? 32  ASN B O   1 
ATOM   234 C  CB  . ASN A 1 36 ? -4.618  -12.439 -0.119  1.00 85.97  ? 32  ASN B CB  1 
ATOM   235 C  CG  . ASN A 1 36 ? -5.920  -12.755 0.599   1.00 88.36  ? 32  ASN B CG  1 
ATOM   236 O  OD1 . ASN A 1 36 ? -6.120  -13.867 1.078   1.00 87.79  ? 32  ASN B OD1 1 
ATOM   237 N  ND2 . ASN A 1 36 ? -6.807  -11.783 0.704   1.00 95.23  ? 32  ASN B ND2 1 
ATOM   238 N  N   . LEU A 1 37 ? -1.028  -12.016 0.677   1.00 78.78  ? 33  LEU B N   1 
ATOM   239 C  CA  . LEU A 1 37 ? 0.372   -12.237 0.286   1.00 81.29  ? 33  LEU B CA  1 
ATOM   240 C  C   . LEU A 1 37 ? 1.148   -12.918 1.416   1.00 80.55  ? 33  LEU B C   1 
ATOM   241 O  O   . LEU A 1 37 ? 2.338   -13.138 1.270   1.00 95.23  ? 33  LEU B O   1 
ATOM   242 C  CB  . LEU A 1 37 ? 1.044   -10.900 -0.038  1.00 80.31  ? 33  LEU B CB  1 
ATOM   243 C  CG  . LEU A 1 37 ? 0.456   -10.133 -1.213  1.00 76.70  ? 33  LEU B CG  1 
ATOM   244 C  CD1 . LEU A 1 37 ? 0.973   -8.703  -1.231  1.00 76.43  ? 33  LEU B CD1 1 
ATOM   245 C  CD2 . LEU A 1 37 ? 0.764   -10.839 -2.524  1.00 81.14  ? 33  LEU B CD2 1 
ATOM   246 N  N   . GLY A 1 38 ? 0.486   -13.194 2.541   1.00 68.99  ? 34  GLY B N   1 
ATOM   247 C  CA  . GLY A 1 38 ? 1.040   -14.017 3.607   1.00 75.30  ? 34  GLY B CA  1 
ATOM   248 C  C   . GLY A 1 38 ? 1.488   -13.214 4.819   1.00 72.31  ? 34  GLY B C   1 
ATOM   249 O  O   . GLY A 1 38 ? 2.309   -13.691 5.589   1.00 86.75  ? 34  GLY B O   1 
ATOM   250 N  N   . GLU A 1 39 ? 0.913   -12.021 5.016   1.00 78.09  ? 35  GLU B N   1 
ATOM   251 C  CA  . GLU A 1 39 ? 1.237   -11.153 6.147   1.00 83.47  ? 35  GLU B CA  1 
ATOM   252 C  C   . GLU A 1 39 ? 0.155   -11.222 7.241   1.00 78.28  ? 35  GLU B C   1 
ATOM   253 O  O   . GLU A 1 39 ? -1.023  -11.315 6.961   1.00 86.53  ? 35  GLU B O   1 
ATOM   254 C  CB  . GLU A 1 39 ? 1.425   -9.732  5.625   1.00 82.99  ? 35  GLU B CB  1 
ATOM   255 C  CG  . GLU A 1 39 ? 2.628   -9.619  4.720   1.00 88.63  ? 35  GLU B CG  1 
ATOM   256 C  CD  . GLU A 1 39 ? 3.974   -9.580  5.429   1.00 85.40  ? 35  GLU B CD  1 
ATOM   257 O  OE1 . GLU A 1 39 ? 4.990   -9.808  4.759   1.00 71.82  ? 35  GLU B OE1 1 
ATOM   258 O  OE2 . GLU A 1 39 ? 4.017   -9.279  6.631   1.00 82.33  ? 35  GLU B OE2 1 
ATOM   259 N  N   . LYS A 1 40 ? 0.599   -11.158 8.499   1.00 81.73  ? 36  LYS B N   1 
ATOM   260 C  CA  . LYS A 1 40 ? -0.260  -11.152 9.674   1.00 92.01  ? 36  LYS B CA  1 
ATOM   261 C  C   . LYS A 1 40 ? -0.071  -9.802  10.361  1.00 83.38  ? 36  LYS B C   1 
ATOM   262 O  O   . LYS A 1 40 ? 0.928   -9.572  11.028  1.00 82.62  ? 36  LYS B O   1 
ATOM   263 C  CB  . LYS A 1 40 ? 0.082   -12.302 10.631  1.00 91.92  ? 36  LYS B CB  1 
ATOM   264 N  N   . LEU A 1 41 ? -1.062  -8.933  10.182  1.00 79.22  ? 37  LEU B N   1 
ATOM   265 C  CA  . LEU A 1 41 ? -0.951  -7.526  10.465  1.00 74.76  ? 37  LEU B CA  1 
ATOM   266 C  C   . LEU A 1 41 ? -1.991  -7.128  11.516  1.00 81.33  ? 37  LEU B C   1 
ATOM   267 O  O   . LEU A 1 41 ? -3.178  -7.496  11.394  1.00 74.11  ? 37  LEU B O   1 
ATOM   268 C  CB  . LEU A 1 41 ? -1.205  -6.747  9.165   1.00 74.39  ? 37  LEU B CB  1 
ATOM   269 C  CG  . LEU A 1 41 ? -0.071  -6.759  8.141   1.00 76.93  ? 37  LEU B CG  1 
ATOM   270 C  CD1 . LEU A 1 41 ? -0.367  -5.803  7.002   1.00 68.95  ? 37  LEU B CD1 1 
ATOM   271 C  CD2 . LEU A 1 41 ? 1.256   -6.391  8.792   1.00 77.62  ? 37  LEU B CD2 1 
ATOM   272 N  N   . THR A 1 42 ? -1.561  -6.328  12.501  1.00 77.29  ? 38  THR B N   1 
ATOM   273 C  CA  . THR A 1 42 ? -2.493  -5.708  13.455  1.00 80.33  ? 38  THR B CA  1 
ATOM   274 C  C   . THR A 1 42 ? -3.205  -4.554  12.754  1.00 81.33  ? 38  THR B C   1 
ATOM   275 O  O   . THR A 1 42 ? -2.683  -4.007  11.779  1.00 89.09  ? 38  THR B O   1 
ATOM   276 C  CB  . THR A 1 42 ? -1.807  -5.183  14.723  1.00 78.70  ? 38  THR B CB  1 
ATOM   277 O  OG1 . THR A 1 42 ? -0.962  -4.077  14.400  1.00 89.29  ? 38  THR B OG1 1 
ATOM   278 C  CG2 . THR A 1 42 ? -0.990  -6.247  15.418  1.00 89.15  ? 38  THR B CG2 1 
ATOM   279 N  N   . ASP A 1 43 ? -4.387  -4.203  13.268  1.00 79.36  ? 39  ASP B N   1 
ATOM   280 C  CA  . ASP A 1 43 ? -5.091  -2.995  12.882  1.00 81.82  ? 39  ASP B CA  1 
ATOM   281 C  C   . ASP A 1 43 ? -4.134  -1.802  12.940  1.00 83.33  ? 39  ASP B C   1 
ATOM   282 O  O   . ASP A 1 43 ? -4.283  -0.891  12.136  1.00 77.76  ? 39  ASP B O   1 
ATOM   283 C  CB  . ASP A 1 43 ? -6.309  -2.757  13.774  1.00 82.84  ? 39  ASP B CB  1 
ATOM   284 C  CG  . ASP A 1 43 ? -7.477  -3.662  13.431  1.00 93.09  ? 39  ASP B CG  1 
ATOM   285 O  OD1 . ASP A 1 43 ? -7.233  -4.750  12.871  1.00 102.50 ? 39  ASP B OD1 1 
ATOM   286 O  OD2 . ASP A 1 43 ? -8.623  -3.263  13.717  1.00 116.23 ? 39  ASP B OD2 1 
ATOM   287 N  N   . GLU A 1 44 ? -3.181  -1.844  13.893  1.00 80.79  ? 40  GLU B N   1 
ATOM   288 C  CA  . GLU A 1 44 ? -2.179  -0.806  14.111  1.00 82.56  ? 40  GLU B CA  1 
ATOM   289 C  C   . GLU A 1 44 ? -1.201  -0.794  12.926  1.00 71.71  ? 40  GLU B C   1 
ATOM   290 O  O   . GLU A 1 44 ? -0.875  0.266   12.413  1.00 62.34  ? 40  GLU B O   1 
ATOM   291 C  CB  . GLU A 1 44 ? -1.450  -0.998  15.455  1.00 73.87  ? 40  GLU B CB  1 
ATOM   292 N  N   . GLU A 1 45 ? -0.710  -1.972  12.532  1.00 64.47  ? 41  GLU B N   1 
ATOM   293 C  CA  . GLU A 1 45 ? 0.285   -2.071  11.469  1.00 65.99  ? 41  GLU B CA  1 
ATOM   294 C  C   . GLU A 1 45 ? -0.318  -1.646  10.124  1.00 68.94  ? 41  GLU B C   1 
ATOM   295 O  O   . GLU A 1 45 ? 0.378   -1.082  9.293   1.00 74.77  ? 41  GLU B O   1 
ATOM   296 C  CB  . GLU A 1 45 ? 0.864   -3.475  11.401  1.00 63.59  ? 41  GLU B CB  1 
ATOM   297 C  CG  . GLU A 1 45 ? 1.909   -3.735  12.482  1.00 65.81  ? 41  GLU B CG  1 
ATOM   298 C  CD  . GLU A 1 45 ? 2.237   -5.214  12.647  1.00 75.99  ? 41  GLU B CD  1 
ATOM   299 O  OE1 . GLU A 1 45 ? 3.384   -5.534  13.023  1.00 76.07  ? 41  GLU B OE1 1 
ATOM   300 O  OE2 . GLU A 1 45 ? 1.360   -6.055  12.362  1.00 78.62  ? 41  GLU B OE2 1 
ATOM   301 N  N   . VAL A 1 46 ? -1.620  -1.871  9.937   1.00 67.75  ? 42  VAL B N   1 
ATOM   302 C  CA  . VAL A 1 46 ? -2.300  -1.527  8.688   1.00 67.62  ? 42  VAL B CA  1 
ATOM   303 C  C   . VAL A 1 46 ? -2.472  -0.008  8.579   1.00 65.89  ? 42  VAL B C   1 
ATOM   304 O  O   . VAL A 1 46 ? -2.217  0.566   7.520   1.00 61.42  ? 42  VAL B O   1 
ATOM   305 C  CB  . VAL A 1 46 ? -3.656  -2.241  8.555   1.00 68.09  ? 42  VAL B CB  1 
ATOM   306 C  CG1 . VAL A 1 46 ? -4.518  -1.616  7.461   1.00 65.43  ? 42  VAL B CG1 1 
ATOM   307 C  CG2 . VAL A 1 46 ? -3.464  -3.724  8.311   1.00 69.50  ? 42  VAL B CG2 1 
ATOM   308 N  N   . ASP A 1 47 ? -2.926  0.617   9.666   1.00 70.93  ? 43  ASP B N   1 
ATOM   309 C  CA  . ASP A 1 47 ? -3.005  2.082   9.791   1.00 71.14  ? 43  ASP B CA  1 
ATOM   310 C  C   . ASP A 1 47 ? -1.647  2.740   9.518   1.00 71.10  ? 43  ASP B C   1 
ATOM   311 O  O   . ASP A 1 47 ? -1.578  3.809   8.881   1.00 66.12  ? 43  ASP B O   1 
ATOM   312 C  CB  . ASP A 1 47 ? -3.484  2.477   11.187  1.00 81.35  ? 43  ASP B CB  1 
ATOM   313 C  CG  . ASP A 1 47 ? -4.999  2.499   11.300  1.00 93.84  ? 43  ASP B CG  1 
ATOM   314 O  OD1 . ASP A 1 47 ? -5.640  3.080   10.402  1.00 106.78 ? 43  ASP B OD1 1 
ATOM   315 O  OD2 . ASP A 1 47 ? -5.522  1.943   12.275  1.00 86.31  ? 43  ASP B OD2 1 
ATOM   316 N  N   . GLU A 1 48 ? -0.584  2.117   10.037  1.00 63.83  ? 44  GLU B N   1 
ATOM   317 C  CA  . GLU A 1 48 ? 0.782   2.581   9.841   1.00 74.14  ? 44  GLU B CA  1 
ATOM   318 C  C   . GLU A 1 48 ? 1.082   2.558   8.336   1.00 70.87  ? 44  GLU B C   1 
ATOM   319 O  O   . GLU A 1 48 ? 1.597   3.527   7.809   1.00 72.91  ? 44  GLU B O   1 
ATOM   320 C  CB  . GLU A 1 48 ? 1.749   1.737   10.677  1.00 75.69  ? 44  GLU B CB  1 
ATOM   321 C  CG  . GLU A 1 48 ? 3.166   2.286   10.735  1.00 88.49  ? 44  GLU B CG  1 
ATOM   322 C  CD  . GLU A 1 48 ? 4.066   1.641   11.788  1.00 95.83  ? 44  GLU B CD  1 
ATOM   323 O  OE1 . GLU A 1 48 ? 4.034   0.379   11.914  1.00 90.70  ? 44  GLU B OE1 1 
ATOM   324 O  OE2 . GLU A 1 48 ? 4.803   2.402   12.492  1.00 84.73  ? 44  GLU B OE2 1 
ATOM   325 N  N   . MET A 1 49 ? 0.655   1.490   7.644   1.00 60.05  ? 45  MET B N   1 
ATOM   326 C  CA  . MET A 1 49 ? 0.858   1.362   6.197   1.00 62.87  ? 45  MET B CA  1 
ATOM   327 C  C   . MET A 1 49 ? 0.063   2.425   5.411   1.00 59.49  ? 45  MET B C   1 
ATOM   328 O  O   . MET A 1 49 ? 0.570   2.985   4.464   1.00 68.42  ? 45  MET B O   1 
ATOM   329 C  CB  . MET A 1 49 ? 0.509   -0.046  5.712   1.00 60.57  ? 45  MET B CB  1 
ATOM   330 C  CG  . MET A 1 49 ? 1.516   -1.068  6.192   1.00 60.96  ? 45  MET B CG  1 
ATOM   331 S  SD  . MET A 1 49 ? 1.202   -2.776  5.669   1.00 66.12  ? 45  MET B SD  1 
ATOM   332 C  CE  . MET A 1 49 ? 0.162   -2.462  4.264   1.00 81.37  ? 45  MET B CE  1 
ATOM   333 N  N   . ILE A 1 50 ? -1.156  2.753   5.832   1.00 59.01  ? 46  ILE B N   1 
ATOM   334 C  CA  . ILE A 1 50 ? -1.911  3.812   5.188   1.00 60.03  ? 46  ILE B CA  1 
ATOM   335 C  C   . ILE A 1 50 ? -1.155  5.144   5.329   1.00 64.48  ? 46  ILE B C   1 
ATOM   336 O  O   . ILE A 1 50 ? -1.155  5.970   4.404   1.00 65.41  ? 46  ILE B O   1 
ATOM   337 C  CB  . ILE A 1 50 ? -3.329  3.898   5.767   1.00 58.59  ? 46  ILE B CB  1 
ATOM   338 C  CG1 . ILE A 1 50 ? -4.188  2.681   5.392   1.00 70.43  ? 46  ILE B CG1 1 
ATOM   339 C  CG2 . ILE A 1 50 ? -3.982  5.197   5.356   1.00 60.08  ? 46  ILE B CG2 1 
ATOM   340 C  CD1 . ILE A 1 50 ? -4.511  2.545   3.903   1.00 67.10  ? 46  ILE B CD1 1 
ATOM   341 N  N   . ARG A 1 51 ? -0.494  5.338   6.471   1.00 66.76  ? 47  ARG B N   1 
ATOM   342 C  CA  . ARG A 1 51 ? 0.218   6.605   6.766   1.00 78.50  ? 47  ARG B CA  1 
ATOM   343 C  C   . ARG A 1 51 ? 1.468   6.764   5.883   1.00 72.60  ? 47  ARG B C   1 
ATOM   344 O  O   . ARG A 1 51 ? 1.926   7.857   5.692   1.00 70.10  ? 47  ARG B O   1 
ATOM   345 C  CB  . ARG A 1 51 ? 0.634   6.680   8.234   1.00 81.32  ? 47  ARG B CB  1 
ATOM   346 C  CG  . ARG A 1 51 ? -0.487  7.030   9.206   1.00 89.32  ? 47  ARG B CG  1 
ATOM   347 C  CD  . ARG A 1 51 ? 0.082   7.232   10.607  1.00 90.98  ? 47  ARG B CD  1 
ATOM   348 N  NE  . ARG A 1 51 ? -0.802  6.647   11.605  1.00 98.16  ? 47  ARG B NE  1 
ATOM   349 C  CZ  . ARG A 1 51 ? -0.561  5.523   12.275  1.00 100.89 ? 47  ARG B CZ  1 
ATOM   350 N  NH1 . ARG A 1 51 ? 0.641   4.970   12.242  1.00 88.39  ? 47  ARG B NH1 1 
ATOM   351 N  NH2 . ARG A 1 51 ? -1.531  4.963   12.980  1.00 99.59  ? 47  ARG B NH2 1 
ATOM   352 N  N   . GLU A 1 52 ? 2.015   5.670   5.343   1.00 71.14  ? 48  GLU B N   1 
ATOM   353 C  CA  . GLU A 1 52 ? 3.154   5.780   4.439   1.00 66.41  ? 48  GLU B CA  1 
ATOM   354 C  C   . GLU A 1 52 ? 2.771   6.620   3.225   1.00 63.86  ? 48  GLU B C   1 
ATOM   355 O  O   . GLU A 1 52 ? 3.662   7.155   2.591   1.00 66.60  ? 48  GLU B O   1 
ATOM   356 C  CB  . GLU A 1 52 ? 3.670   4.431   3.922   1.00 69.64  ? 48  GLU B CB  1 
ATOM   357 C  CG  . GLU A 1 52 ? 4.792   3.826   4.747   1.00 89.88  ? 48  GLU B CG  1 
ATOM   358 C  CD  . GLU A 1 52 ? 6.074   4.639   4.854   1.00 83.00  ? 48  GLU B CD  1 
ATOM   359 O  OE1 . GLU A 1 52 ? 6.578   4.768   5.983   1.00 94.60  ? 48  GLU B OE1 1 
ATOM   360 O  OE2 . GLU A 1 52 ? 6.576   5.116   3.814   1.00 77.15  ? 48  GLU B OE2 1 
ATOM   361 N  N   . ALA A 1 53 ? 1.479   6.655   2.863   1.00 58.06  ? 49  ALA B N   1 
ATOM   362 C  CA  . ALA A 1 53 ? 1.070   7.320   1.611   1.00 58.67  ? 49  ALA B CA  1 
ATOM   363 C  C   . ALA A 1 53 ? -0.001  8.389   1.824   1.00 56.41  ? 49  ALA B C   1 
ATOM   364 O  O   . ALA A 1 53 ? -0.193  9.224   0.946   1.00 68.52  ? 49  ALA B O   1 
ATOM   365 C  CB  . ALA A 1 53 ? 0.556   6.315   0.625   1.00 61.72  ? 49  ALA B CB  1 
ATOM   366 N  N   . ASP A 1 54 ? -0.736  8.325   2.932   1.00 56.81  ? 50  ASP B N   1 
ATOM   367 C  CA  . ASP A 1 54 ? -1.882  9.193   3.123   1.00 62.87  ? 50  ASP B CA  1 
ATOM   368 C  C   . ASP A 1 54 ? -1.376  10.600  3.423   1.00 70.20  ? 50  ASP B C   1 
ATOM   369 O  O   . ASP A 1 54 ? -0.719  10.787  4.416   1.00 69.25  ? 50  ASP B O   1 
ATOM   370 C  CB  . ASP A 1 54 ? -2.734  8.717   4.292   1.00 59.36  ? 50  ASP B CB  1 
ATOM   371 C  CG  . ASP A 1 54 ? -3.997  9.511   4.510   1.00 57.61  ? 50  ASP B CG  1 
ATOM   372 O  OD1 . ASP A 1 54 ? -4.524  10.144  3.521   1.00 59.94  ? 50  ASP B OD1 1 
ATOM   373 O  OD2 . ASP A 1 54 ? -4.493  9.405   5.628   1.00 63.41  ? 50  ASP B OD2 1 
ATOM   374 N  N   . ILE A 1 55 ? -1.706  11.570  2.568   1.00 74.55  ? 51  ILE B N   1 
ATOM   375 C  CA  . ILE A 1 55 ? -1.189  12.914  2.753   1.00 67.75  ? 51  ILE B CA  1 
ATOM   376 C  C   . ILE A 1 55 ? -2.301  13.848  3.264   1.00 68.20  ? 51  ILE B C   1 
ATOM   377 O  O   . ILE A 1 55 ? -2.085  14.574  4.231   1.00 72.83  ? 51  ILE B O   1 
ATOM   378 C  CB  . ILE A 1 55 ? -0.445  13.356  1.473   1.00 74.22  ? 51  ILE B CB  1 
ATOM   379 C  CG1 . ILE A 1 55 ? 0.891   12.605  1.395   1.00 75.39  ? 51  ILE B CG1 1 
ATOM   380 C  CG2 . ILE A 1 55 ? -0.218  14.862  1.437   1.00 76.45  ? 51  ILE B CG2 1 
ATOM   381 C  CD1 . ILE A 1 55 ? 1.181   11.989  0.075   1.00 83.59  ? 51  ILE B CD1 1 
ATOM   382 N  N   . ASP A 1 56 ? -3.510  13.781  2.693   1.00 60.53  ? 52  ASP B N   1 
ATOM   383 C  CA  . ASP A 1 56 ? -4.607  14.626  3.162   1.00 59.14  ? 52  ASP B CA  1 
ATOM   384 C  C   . ASP A 1 56 ? -5.160  14.138  4.511   1.00 64.31  ? 52  ASP B C   1 
ATOM   385 O  O   . ASP A 1 56 ? -5.929  14.852  5.135   1.00 79.55  ? 52  ASP B O   1 
ATOM   386 C  CB  . ASP A 1 56 ? -5.707  14.798  2.117   1.00 70.98  ? 52  ASP B CB  1 
ATOM   387 C  CG  . ASP A 1 56 ? -6.296  13.495  1.592   1.00 64.92  ? 52  ASP B CG  1 
ATOM   388 O  OD1 . ASP A 1 56 ? -6.198  12.497  2.302   1.00 63.27  ? 52  ASP B OD1 1 
ATOM   389 O  OD2 . ASP A 1 56 ? -6.804  13.500  0.467   1.00 62.46  ? 52  ASP B OD2 1 
ATOM   390 N  N   . GLY A 1 57 ? -4.754  12.958  4.984   1.00 67.72  ? 53  GLY B N   1 
ATOM   391 C  CA  . GLY A 1 57 ? -5.128  12.481  6.324   1.00 66.34  ? 53  GLY B CA  1 
ATOM   392 C  C   . GLY A 1 57 ? -6.588  12.017  6.401   1.00 74.42  ? 53  GLY B C   1 
ATOM   393 O  O   . GLY A 1 57 ? -7.153  11.894  7.483   1.00 71.79  ? 53  GLY B O   1 
ATOM   394 N  N   . ASP A 1 58 ? -7.201  11.716  5.251   1.00 70.65  ? 54  ASP B N   1 
ATOM   395 C  CA  . ASP A 1 58 ? -8.555  11.144  5.186   1.00 67.90  ? 54  ASP B CA  1 
ATOM   396 C  C   . ASP A 1 58 ? -8.551  9.643   5.564   1.00 73.36  ? 54  ASP B C   1 
ATOM   397 O  O   . ASP A 1 58 ? -9.588  9.008   5.496   1.00 75.57  ? 54  ASP B O   1 
ATOM   398 C  CB  . ASP A 1 58 ? -9.152  11.323  3.785   1.00 67.31  ? 54  ASP B CB  1 
ATOM   399 C  CG  . ASP A 1 58 ? -8.556  10.416  2.718   1.00 61.79  ? 54  ASP B CG  1 
ATOM   400 O  OD1 . ASP A 1 58 ? -7.588  9.698   3.023   1.00 66.37  ? 54  ASP B OD1 1 
ATOM   401 O  OD2 . ASP A 1 58 ? -9.022  10.464  1.580   1.00 71.47  ? 54  ASP B OD2 1 
ATOM   402 N  N   . GLY A 1 59 ? -7.392  9.060   5.908   1.00 62.44  ? 55  GLY B N   1 
ATOM   403 C  CA  . GLY A 1 59 ? -7.305  7.638   6.253   1.00 69.21  ? 55  GLY B CA  1 
ATOM   404 C  C   . GLY A 1 59 ? -7.320  6.683   5.051   1.00 73.70  ? 55  GLY B C   1 
ATOM   405 O  O   . GLY A 1 59 ? -7.336  5.476   5.232   1.00 63.44  ? 55  GLY B O   1 
ATOM   406 N  N   . GLN A 1 60 ? -7.260  7.187   3.814   1.00 70.27  ? 56  GLN B N   1 
ATOM   407 C  CA  . GLN A 1 60 ? -7.051  6.299   2.678   1.00 75.81  ? 56  GLN B CA  1 
ATOM   408 C  C   . GLN A 1 60 ? -6.139  6.944   1.628   1.00 64.54  ? 56  GLN B C   1 
ATOM   409 O  O   . GLN A 1 60 ? -5.748  8.090   1.760   1.00 67.71  ? 56  GLN B O   1 
ATOM   410 C  CB  . GLN A 1 60 ? -8.370  5.801   2.093   1.00 77.71  ? 56  GLN B CB  1 
ATOM   411 C  CG  . GLN A 1 60 ? -9.389  6.868   1.767   1.00 78.97  ? 56  GLN B CG  1 
ATOM   412 C  CD  . GLN A 1 60 ? -10.779 6.268   1.804   1.00 82.23  ? 56  GLN B CD  1 
ATOM   413 O  OE1 . GLN A 1 60 ? -11.007 5.191   2.356   1.00 74.78  ? 56  GLN B OE1 1 
ATOM   414 N  NE2 . GLN A 1 60 ? -11.729 6.978   1.221   1.00 72.51  ? 56  GLN B NE2 1 
ATOM   415 N  N   . VAL A 1 61 ? -5.704  6.103   0.680   1.00 58.07  ? 57  VAL B N   1 
ATOM   416 C  CA  . VAL A 1 61 ? -4.732  6.447   -0.338  1.00 63.51  ? 57  VAL B CA  1 
ATOM   417 C  C   . VAL A 1 61 ? -5.412  6.625   -1.699  1.00 62.28  ? 57  VAL B C   1 
ATOM   418 O  O   . VAL A 1 61 ? -5.802  5.651   -2.304  1.00 57.45  ? 57  VAL B O   1 
ATOM   419 C  CB  . VAL A 1 61 ? -3.643  5.370   -0.413  1.00 59.20  ? 57  VAL B CB  1 
ATOM   420 C  CG1 . VAL A 1 61 ? -2.523  5.764   -1.355  1.00 56.71  ? 57  VAL B CG1 1 
ATOM   421 C  CG2 . VAL A 1 61 ? -3.089  5.032   0.961   1.00 65.03  ? 57  VAL B CG2 1 
ATOM   422 N  N   . ASN A 1 62 ? -5.498  7.873   -2.193  1.00 58.89  ? 58  ASN B N   1 
ATOM   423 C  CA  . ASN A 1 62 ? -5.984  8.131   -3.552  1.00 52.76  ? 58  ASN B CA  1 
ATOM   424 C  C   . ASN A 1 62 ? -4.851  7.832   -4.541  1.00 50.81  ? 58  ASN B C   1 
ATOM   425 O  O   . ASN A 1 62 ? -3.736  7.472   -4.157  1.00 57.50  ? 58  ASN B O   1 
ATOM   426 C  CB  . ASN A 1 62 ? -6.596  9.521   -3.686  1.00 59.70  ? 58  ASN B CB  1 
ATOM   427 C  CG  . ASN A 1 62 ? -5.598  10.655  -3.518  1.00 71.34  ? 58  ASN B CG  1 
ATOM   428 O  OD1 . ASN A 1 62 ? -4.398  10.496  -3.721  1.00 74.49  ? 58  ASN B OD1 1 
ATOM   429 N  ND2 . ASN A 1 62 ? -6.096  11.821  -3.158  1.00 62.91  ? 58  ASN B ND2 1 
ATOM   430 N  N   . TYR A 1 63 ? -5.145  7.948   -5.831  1.00 52.25  ? 59  TYR B N   1 
ATOM   431 C  CA  . TYR A 1 63 ? -4.181  7.639   -6.866  1.00 58.29  ? 59  TYR B CA  1 
ATOM   432 C  C   . TYR A 1 63 ? -2.944  8.563   -6.800  1.00 61.41  ? 59  TYR B C   1 
ATOM   433 O  O   . TYR A 1 63 ? -1.800  8.116   -6.940  1.00 57.15  ? 59  TYR B O   1 
ATOM   434 C  CB  . TYR A 1 63 ? -4.843  7.749   -8.231  1.00 61.38  ? 59  TYR B CB  1 
ATOM   435 C  CG  . TYR A 1 63 ? -3.854  7.480   -9.328  1.00 68.04  ? 59  TYR B CG  1 
ATOM   436 C  CD1 . TYR A 1 63 ? -3.202  6.260   -9.374  1.00 61.87  ? 59  TYR B CD1 1 
ATOM   437 C  CD2 . TYR A 1 63 ? -3.541  8.439   -10.283 1.00 69.74  ? 59  TYR B CD2 1 
ATOM   438 C  CE1 . TYR A 1 63 ? -2.282  5.976   -10.362 1.00 63.70  ? 59  TYR B CE1 1 
ATOM   439 C  CE2 . TYR A 1 63 ? -2.603  8.178   -11.272 1.00 71.68  ? 59  TYR B CE2 1 
ATOM   440 C  CZ  . TYR A 1 63 ? -1.977  6.939   -11.310 1.00 75.89  ? 59  TYR B CZ  1 
ATOM   441 O  OH  . TYR A 1 63 ? -1.061  6.626   -12.272 1.00 81.13  ? 59  TYR B OH  1 
ATOM   442 N  N   . GLU A 1 64 ? -3.167  9.849   -6.515  1.00 62.64  ? 60  GLU B N   1 
ATOM   443 C  CA  . GLU A 1 64 ? -2.090  10.854  -6.510  1.00 67.39  ? 60  GLU B CA  1 
ATOM   444 C  C   . GLU A 1 64 ? -1.102  10.535  -5.380  1.00 62.90  ? 60  GLU B C   1 
ATOM   445 O  O   . GLU A 1 64 ? 0.089   10.562  -5.594  1.00 63.26  ? 60  GLU B O   1 
ATOM   446 C  CB  . GLU A 1 64 ? -2.674  12.264  -6.382  1.00 68.29  ? 60  GLU B CB  1 
ATOM   447 C  CG  . GLU A 1 64 ? -3.539  12.680  -7.567  1.00 80.10  ? 60  GLU B CG  1 
ATOM   448 C  CD  . GLU A 1 64 ? -4.898  11.998  -7.728  1.00 90.19  ? 60  GLU B CD  1 
ATOM   449 O  OE1 . GLU A 1 64 ? -5.574  11.639  -6.706  1.00 86.31  ? 60  GLU B OE1 1 
ATOM   450 O  OE2 . GLU A 1 64 ? -5.293  11.823  -8.889  1.00 102.35 ? 60  GLU B OE2 1 
ATOM   451 N  N   . GLU A 1 65 ? -1.629  10.210  -4.192  1.00 57.13  ? 61  GLU B N   1 
ATOM   452 C  CA  . GLU A 1 65 ? -0.845  9.788   -3.049  1.00 56.43  ? 61  GLU B CA  1 
ATOM   453 C  C   . GLU A 1 65 ? -0.075  8.487   -3.359  1.00 56.44  ? 61  GLU B C   1 
ATOM   454 O  O   . GLU A 1 65 ? 1.041   8.254   -2.859  1.00 59.79  ? 61  GLU B O   1 
ATOM   455 C  CB  . GLU A 1 65 ? -1.761  9.601   -1.834  1.00 53.42  ? 61  GLU B CB  1 
ATOM   456 C  CG  . GLU A 1 65 ? -2.437  10.879  -1.342  1.00 58.82  ? 61  GLU B CG  1 
ATOM   457 C  CD  . GLU A 1 65 ? -3.460  10.655  -0.246  1.00 62.64  ? 61  GLU B CD  1 
ATOM   458 O  OE1 . GLU A 1 65 ? -4.149  9.616   -0.289  1.00 57.77  ? 61  GLU B OE1 1 
ATOM   459 O  OE2 . GLU A 1 65 ? -3.525  11.469  0.696   1.00 66.42  ? 61  GLU B OE2 1 
ATOM   460 N  N   . PHE A 1 66 ? -0.688  7.595   -4.140  1.00 62.94  ? 62  PHE B N   1 
ATOM   461 C  CA  . PHE A 1 66 ? -0.051  6.333   -4.493  1.00 62.86  ? 62  PHE B CA  1 
ATOM   462 C  C   . PHE A 1 66 ? 1.155   6.647   -5.381  1.00 62.49  ? 62  PHE B C   1 
ATOM   463 O  O   . PHE A 1 66 ? 2.251   6.125   -5.165  1.00 55.26  ? 62  PHE B O   1 
ATOM   464 C  CB  . PHE A 1 66 ? -1.042  5.381   -5.172  1.00 59.59  ? 62  PHE B CB  1 
ATOM   465 C  CG  . PHE A 1 66 ? -0.511  4.000   -5.473  1.00 58.01  ? 62  PHE B CG  1 
ATOM   466 C  CD1 . PHE A 1 66 ? -0.329  3.065   -4.468  1.00 61.32  ? 62  PHE B CD1 1 
ATOM   467 C  CD2 . PHE A 1 66 ? -0.257  3.602   -6.776  1.00 62.09  ? 62  PHE B CD2 1 
ATOM   468 C  CE1 . PHE A 1 66 ? 0.141   1.790   -4.755  1.00 60.85  ? 62  PHE B CE1 1 
ATOM   469 C  CE2 . PHE A 1 66 ? 0.206   2.325   -7.062  1.00 58.18  ? 62  PHE B CE2 1 
ATOM   470 C  CZ  . PHE A 1 66 ? 0.379   1.407   -6.055  1.00 55.78  ? 62  PHE B CZ  1 
ATOM   471 N  N   . VAL A 1 67 ? 0.943   7.537   -6.355  1.00 69.89  ? 63  VAL B N   1 
ATOM   472 C  CA  . VAL A 1 67 ? 2.007   7.959   -7.276  1.00 68.28  ? 63  VAL B CA  1 
ATOM   473 C  C   . VAL A 1 67 ? 3.203   8.480   -6.467  1.00 63.73  ? 63  VAL B C   1 
ATOM   474 O  O   . VAL A 1 67 ? 4.337   7.985   -6.607  1.00 62.14  ? 63  VAL B O   1 
ATOM   475 C  CB  . VAL A 1 67 ? 1.483   8.991   -8.288  1.00 69.13  ? 63  VAL B CB  1 
ATOM   476 C  CG1 . VAL A 1 67 ? 2.605   9.629   -9.096  1.00 69.82  ? 63  VAL B CG1 1 
ATOM   477 C  CG2 . VAL A 1 67 ? 0.464   8.356   -9.218  1.00 71.24  ? 63  VAL B CG2 1 
ATOM   478 N  N   . THR A 1 68 ? 2.952   9.410   -5.544  1.00 63.04  ? 64  THR B N   1 
ATOM   479 C  CA  . THR A 1 68 ? 4.069   10.032  -4.905  1.00 61.12  ? 64  THR B CA  1 
ATOM   480 C  C   . THR A 1 68 ? 4.783   9.037   -3.977  1.00 64.17  ? 64  THR B C   1 
ATOM   481 O  O   . THR A 1 68 ? 6.014   9.021   -3.983  1.00 68.07  ? 64  THR B O   1 
ATOM   482 C  CB  . THR A 1 68 ? 3.763   11.411  -4.310  1.00 61.41  ? 64  THR B CB  1 
ATOM   483 O  OG1 . THR A 1 68 ? 3.760   11.385  -2.893  1.00 63.40  ? 64  THR B OG1 1 
ATOM   484 C  CG2 . THR A 1 68 ? 2.515   12.053  -4.846  1.00 62.64  ? 64  THR B CG2 1 
ATOM   485 N  N   . MET A 1 69 ? 4.070   8.154   -3.253  1.00 61.78  ? 65  MET B N   1 
ATOM   486 C  CA  . MET A 1 69 ? 4.789   7.070   -2.535  1.00 55.40  ? 65  MET B CA  1 
ATOM   487 C  C   . MET A 1 69 ? 5.598   6.226   -3.557  1.00 59.73  ? 65  MET B C   1 
ATOM   488 O  O   . MET A 1 69 ? 6.730   5.840   -3.321  1.00 58.71  ? 65  MET B O   1 
ATOM   489 C  CB  . MET A 1 69 ? 3.810   6.156   -1.788  1.00 57.75  ? 65  MET B CB  1 
ATOM   490 C  CG  . MET A 1 69 ? 4.496   5.010   -1.093  1.00 56.34  ? 65  MET B CG  1 
ATOM   491 S  SD  . MET A 1 69 ? 3.344   3.824   -0.398  1.00 59.82  ? 65  MET B SD  1 
ATOM   492 C  CE  . MET A 1 69 ? 2.945   2.931   -1.905  1.00 58.95  ? 65  MET B CE  1 
ATOM   493 N  N   . MET A 1 70 ? 5.005   5.933   -4.715  1.00 52.63  ? 66  MET B N   1 
ATOM   494 C  CA  . MET A 1 70 ? 5.600   4.992   -5.663  1.00 68.89  ? 66  MET B CA  1 
ATOM   495 C  C   . MET A 1 70 ? 6.832   5.598   -6.345  1.00 75.05  ? 66  MET B C   1 
ATOM   496 O  O   . MET A 1 70 ? 7.676   4.840   -6.791  1.00 76.43  ? 66  MET B O   1 
ATOM   497 C  CB  . MET A 1 70 ? 4.609   4.551   -6.749  1.00 69.86  ? 66  MET B CB  1 
ATOM   498 C  CG  . MET A 1 70 ? 4.834   3.118   -7.217  1.00 92.16  ? 66  MET B CG  1 
ATOM   499 S  SD  . MET A 1 70 ? 4.405   1.834   -6.013  1.00 68.78  ? 66  MET B SD  1 
ATOM   500 C  CE  . MET A 1 70 ? 3.169   2.752   -5.109  1.00 90.76  ? 66  MET B CE  1 
ATOM   501 N  N   . THR A 1 71 ? 6.949   6.933   -6.403  1.00 68.47  ? 67  THR B N   1 
ATOM   502 C  CA  . THR A 1 71 ? 8.031   7.556   -7.163  1.00 70.86  ? 67  THR B CA  1 
ATOM   503 C  C   . THR A 1 71 ? 9.001   8.337   -6.262  1.00 75.97  ? 67  THR B C   1 
ATOM   504 O  O   . THR A 1 71 ? 9.778   9.118   -6.764  1.00 88.81  ? 67  THR B O   1 
ATOM   505 C  CB  . THR A 1 71 ? 7.476   8.471   -8.262  1.00 71.12  ? 67  THR B CB  1 
ATOM   506 O  OG1 . THR A 1 71 ? 6.739   9.503   -7.620  1.00 69.25  ? 67  THR B OG1 1 
ATOM   507 C  CG2 . THR A 1 71 ? 6.575   7.763   -9.249  1.00 72.84  ? 67  THR B CG2 1 
ATOM   508 N  N   . SER A 1 72 ? 8.999   8.095   -4.951  1.00 79.45  ? 68  SER B N   1 
ATOM   509 C  CA  . SER A 1 72 ? 9.980   8.718   -4.055  1.00 95.50  ? 68  SER B CA  1 
ATOM   510 C  C   . SER A 1 72 ? 10.689  7.643   -3.219  1.00 97.83  ? 68  SER B C   1 
ATOM   511 O  O   . SER A 1 72 ? 10.047  6.741   -2.703  1.00 98.88  ? 68  SER B O   1 
ATOM   512 C  CB  . SER A 1 72 ? 9.317   9.740   -3.170  1.00 98.17  ? 68  SER B CB  1 
ATOM   513 O  OG  . SER A 1 72 ? 8.521   9.110   -2.183  1.00 92.66  ? 68  SER B OG  1 
ATOM   514 N  N   . LYS A 1 73 ? 12.013  7.756   -3.093  1.00 101.25 ? 69  LYS B N   1 
ATOM   515 C  CA  . LYS A 1 73 ? 12.808  6.846   -2.266  1.00 112.50 ? 69  LYS B CA  1 
ATOM   516 C  C   . LYS A 1 73 ? 14.263  7.310   -2.262  1.00 110.30 ? 69  LYS B C   1 
ATOM   517 O  O   . LYS A 1 73 ? 15.049  6.766   -3.028  1.00 113.33 ? 69  LYS B O   1 
ATOM   518 C  CB  . LYS A 1 73 ? 12.713  5.428   -2.782  1.00 118.74 ? 69  LYS B CB  1 
ATOM   519 N  N   . ASP B 2 17 ? -0.044  -13.516 -10.204 1.00 30.00  ? 1   ASP A N   1 
ATOM   520 C  CA  . ASP B 2 17 ? 1.144   -13.174 -9.385  1.00 30.00  ? 1   ASP A CA  1 
ATOM   521 C  C   . ASP B 2 17 ? 1.283   -11.655 -9.305  1.00 30.00  ? 1   ASP A C   1 
ATOM   522 O  O   . ASP B 2 17 ? 0.593   -10.963 -10.061 1.00 30.00  ? 1   ASP A O   1 
ATOM   523 C  CB  . ASP B 2 17 ? 2.388   -13.804 -9.964  1.00 30.00  ? 1   ASP A CB  1 
ATOM   524 N  N   . VAL B 2 18 ? 2.153   -11.174 -8.417  1.00 98.73  ? 2   VAL A N   1 
ATOM   525 C  CA  . VAL B 2 18 ? 2.359   -9.720  -8.260  1.00 100.98 ? 2   VAL A CA  1 
ATOM   526 C  C   . VAL B 2 18 ? 2.882   -9.173  -9.586  1.00 89.93  ? 2   VAL A C   1 
ATOM   527 O  O   . VAL B 2 18 ? 3.793   -9.777  -10.150 1.00 94.42  ? 2   VAL A O   1 
ATOM   528 C  CB  . VAL B 2 18 ? 3.311   -9.461  -7.122  1.00 91.85  ? 2   VAL A CB  1 
ATOM   529 N  N   . THR B 2 19 ? 2.380   -8.012  -9.991  1.00 83.29  ? 3   THR A N   1 
ATOM   530 C  CA  . THR B 2 19 ? 2.708   -7.416  -11.301 1.00 86.88  ? 3   THR A CA  1 
ATOM   531 C  C   . THR B 2 19 ? 3.883   -6.444  -11.222 1.00 88.14  ? 3   THR A C   1 
ATOM   532 O  O   . THR B 2 19 ? 3.740   -5.360  -11.803 1.00 101.28 ? 3   THR A O   1 
ATOM   533 C  CB  . THR B 2 19 ? 1.491   -6.731  -11.860 1.00 94.31  ? 3   THR A CB  1 
ATOM   534 N  N   . ARG B 2 20 ? 4.905   -6.730  -10.408 1.00 69.85  ? 4   ARG A N   1 
ATOM   535 C  CA  . ARG B 2 20 ? 6.173   -5.939  -10.301 1.00 69.34  ? 4   ARG A CA  1 
ATOM   536 C  C   . ARG B 2 20 ? 5.982   -4.572  -9.634  1.00 60.34  ? 4   ARG A C   1 
ATOM   537 O  O   . ARG B 2 20 ? 6.624   -4.346  -8.625  1.00 68.91  ? 4   ARG A O   1 
ATOM   538 C  CB  . ARG B 2 20 ? 6.902   -5.840  -11.639 1.00 73.58  ? 4   ARG A CB  1 
ATOM   539 C  CG  . ARG B 2 20 ? 8.099   -4.907  -11.626 1.00 74.90  ? 4   ARG A CG  1 
ATOM   540 C  CD  . ARG B 2 20 ? 8.022   -4.048  -12.865 1.00 87.02  ? 4   ARG A CD  1 
ATOM   541 N  NE  . ARG B 2 20 ? 9.305   -3.631  -13.397 1.00 95.67  ? 4   ARG A NE  1 
ATOM   542 C  CZ  . ARG B 2 20 ? 9.448   -2.815  -14.426 1.00 95.82  ? 4   ARG A CZ  1 
ATOM   543 N  NH1 . ARG B 2 20 ? 8.395   -2.206  -14.938 1.00 97.33  ? 4   ARG A NH1 1 
ATOM   544 N  NH2 . ARG B 2 20 ? 10.640  -2.614  -14.945 1.00 93.69  ? 4   ARG A NH2 1 
ATOM   545 N  N   . ALA B 2 21 ? 5.154   -3.688  -10.190 1.00 65.93  ? 5   ALA A N   1 
ATOM   546 C  CA  . ALA B 2 21 ? 4.835   -2.390  -9.564  1.00 72.71  ? 5   ALA A CA  1 
ATOM   547 C  C   . ALA B 2 21 ? 4.118   -2.674  -8.242  1.00 69.36  ? 5   ALA A C   1 
ATOM   548 O  O   . ALA B 2 21 ? 4.446   -2.034  -7.258  1.00 63.22  ? 5   ALA A O   1 
ATOM   549 C  CB  . ALA B 2 21 ? 3.974   -1.588  -10.493 1.00 64.15  ? 5   ALA A CB  1 
ATOM   550 N  N   . THR B 2 22 ? 3.224   -3.661  -8.229  1.00 62.16  ? 6   THR A N   1 
ATOM   551 C  CA  . THR B 2 22 ? 2.507   -4.064  -6.999  1.00 63.57  ? 6   THR A CA  1 
ATOM   552 C  C   . THR B 2 22 ? 3.530   -4.532  -5.963  1.00 61.20  ? 6   THR A C   1 
ATOM   553 O  O   . THR B 2 22 ? 3.359   -4.192  -4.807  1.00 64.02  ? 6   THR A O   1 
ATOM   554 C  CB  . THR B 2 22 ? 1.556   -5.225  -7.285  1.00 64.42  ? 6   THR A CB  1 
ATOM   555 O  OG1 . THR B 2 22 ? 2.343   -6.133  -8.042  1.00 101.07 ? 6   THR A OG1 1 
ATOM   556 C  CG2 . THR B 2 22 ? 0.353   -4.838  -8.109  1.00 65.62  ? 6   THR A CG2 1 
ATOM   557 N  N   . ARG B 2 23 ? 4.554   -5.282  -6.370  1.00 65.21  ? 7   ARG A N   1 
ATOM   558 C  CA  . ARG B 2 23 ? 5.596   -5.727  -5.413  1.00 68.41  ? 7   ARG A CA  1 
ATOM   559 C  C   . ARG B 2 23 ? 6.321   -4.500  -4.862  1.00 70.77  ? 7   ARG A C   1 
ATOM   560 O  O   . ARG B 2 23 ? 6.620   -4.490  -3.675  1.00 69.20  ? 7   ARG A O   1 
ATOM   561 C  CB  . ARG B 2 23 ? 6.624   -6.639  -6.079  1.00 71.63  ? 7   ARG A CB  1 
ATOM   562 C  CG  . ARG B 2 23 ? 7.647   -7.194  -5.100  1.00 72.60  ? 7   ARG A CG  1 
ATOM   563 C  CD  . ARG B 2 23 ? 9.090   -6.932  -5.467  1.00 67.67  ? 7   ARG A CD  1 
ATOM   564 N  NE  . ARG B 2 23 ? 9.457   -7.542  -6.728  1.00 75.26  ? 7   ARG A NE  1 
ATOM   565 C  CZ  . ARG B 2 23 ? 9.917   -6.882  -7.776  1.00 83.47  ? 7   ARG A CZ  1 
ATOM   566 N  NH1 . ARG B 2 23 ? 9.982   -7.476  -8.950  1.00 67.69  ? 7   ARG A NH1 1 
ATOM   567 N  NH2 . ARG B 2 23 ? 10.304  -5.630  -7.651  1.00 78.44  ? 7   ARG A NH2 1 
ATOM   568 N  N   . VAL B 2 24 ? 6.604   -3.515  -5.710  1.00 65.60  ? 8   VAL A N   1 
ATOM   569 C  CA  . VAL B 2 24 ? 7.285   -2.278  -5.235  1.00 66.10  ? 8   VAL A CA  1 
ATOM   570 C  C   . VAL B 2 24 ? 6.364   -1.572  -4.241  1.00 60.85  ? 8   VAL A C   1 
ATOM   571 O  O   . VAL B 2 24 ? 6.844   -1.126  -3.210  1.00 55.89  ? 8   VAL A O   1 
ATOM   572 C  CB  . VAL B 2 24 ? 7.645   -1.351  -6.403  1.00 63.11  ? 8   VAL A CB  1 
ATOM   573 C  CG1 . VAL B 2 24 ? 8.102   -0.001  -5.897  1.00 63.12  ? 8   VAL A CG1 1 
ATOM   574 C  CG2 . VAL B 2 24 ? 8.713   -1.968  -7.277  1.00 71.07  ? 8   VAL A CG2 1 
ATOM   575 N  N   . ALA B 2 25 ? 5.073   -1.518  -4.544  1.00 54.93  ? 9   ALA A N   1 
ATOM   576 C  CA  . ALA B 2 25 ? 4.100   -0.882  -3.638  1.00 57.37  ? 9   ALA A CA  1 
ATOM   577 C  C   . ALA B 2 25 ? 4.067   -1.654  -2.321  1.00 61.28  ? 9   ALA A C   1 
ATOM   578 O  O   . ALA B 2 25 ? 4.058   -1.021  -1.277  1.00 62.51  ? 9   ALA A O   1 
ATOM   579 C  CB  . ALA B 2 25 ? 2.750   -0.884  -4.287  1.00 59.55  ? 9   ALA A CB  1 
ATOM   580 N  N   . TYR B 2 26 ? 4.106   -2.981  -2.390  1.00 57.45  ? 10  TYR A N   1 
ATOM   581 C  CA  . TYR B 2 26 ? 4.054   -3.818  -1.170  1.00 57.07  ? 10  TYR A CA  1 
ATOM   582 C  C   . TYR B 2 26 ? 5.261   -3.518  -0.290  1.00 58.08  ? 10  TYR A C   1 
ATOM   583 O  O   . TYR B 2 26 ? 5.086   -3.367  0.902   1.00 58.52  ? 10  TYR A O   1 
ATOM   584 C  CB  . TYR B 2 26 ? 4.062   -5.294  -1.562  1.00 63.23  ? 10  TYR A CB  1 
ATOM   585 C  CG  . TYR B 2 26 ? 4.536   -6.238  -0.490  1.00 67.17  ? 10  TYR A CG  1 
ATOM   586 C  CD1 . TYR B 2 26 ? 3.663   -6.751  0.448   1.00 71.52  ? 10  TYR A CD1 1 
ATOM   587 C  CD2 . TYR B 2 26 ? 5.855   -6.633  -0.419  1.00 69.43  ? 10  TYR A CD2 1 
ATOM   588 C  CE1 . TYR B 2 26 ? 4.089   -7.622  1.433   1.00 64.52  ? 10  TYR A CE1 1 
ATOM   589 C  CE2 . TYR B 2 26 ? 6.301   -7.501  0.560   1.00 68.12  ? 10  TYR A CE2 1 
ATOM   590 C  CZ  . TYR B 2 26 ? 5.414   -8.000  1.490   1.00 74.89  ? 10  TYR A CZ  1 
ATOM   591 O  OH  . TYR B 2 26 ? 5.840   -8.859  2.454   1.00 64.82  ? 10  TYR A OH  1 
ATOM   592 N  N   . VAL B 2 27 ? 6.444   -3.426  -0.887  1.00 59.36  ? 11  VAL A N   1 
ATOM   593 C  CA  . VAL B 2 27 ? 7.682   -3.132  -0.116  1.00 59.14  ? 11  VAL A CA  1 
ATOM   594 C  C   . VAL B 2 27 ? 7.596   -1.720  0.463   1.00 60.81  ? 11  VAL A C   1 
ATOM   595 O  O   . VAL B 2 27 ? 7.958   -1.543  1.616   1.00 59.90  ? 11  VAL A O   1 
ATOM   596 C  CB  . VAL B 2 27 ? 8.931   -3.320  -0.991  1.00 66.37  ? 11  VAL A CB  1 
ATOM   597 C  CG1 . VAL B 2 27 ? 10.198  -2.958  -0.247  1.00 65.59  ? 11  VAL A CG1 1 
ATOM   598 C  CG2 . VAL B 2 27 ? 9.024   -4.734  -1.514  1.00 63.55  ? 11  VAL A CG2 1 
ATOM   599 N  N   . LYS B 2 28 ? 7.095   -0.766  -0.314  1.00 56.78  ? 12  LYS A N   1 
ATOM   600 C  CA  . LYS B 2 28 ? 7.004   0.637   0.151   1.00 61.94  ? 12  LYS A CA  1 
ATOM   601 C  C   . LYS B 2 28 ? 6.012   0.711   1.307   1.00 67.03  ? 12  LYS A C   1 
ATOM   602 O  O   . LYS B 2 28 ? 6.343   1.317   2.311   1.00 72.04  ? 12  LYS A O   1 
ATOM   603 C  CB  . LYS B 2 28 ? 6.701   1.566   -1.025  1.00 68.17  ? 12  LYS A CB  1 
ATOM   604 C  CG  . LYS B 2 28 ? 7.910   1.853   -1.898  1.00 67.61  ? 12  LYS A CG  1 
ATOM   605 C  CD  . LYS B 2 28 ? 7.605   2.617   -3.150  1.00 73.21  ? 12  LYS A CD  1 
ATOM   606 C  CE  . LYS B 2 28 ? 8.852   3.110   -3.842  1.00 68.59  ? 12  LYS A CE  1 
ATOM   607 N  NZ  . LYS B 2 28 ? 9.522   4.167   -3.060  1.00 72.44  ? 12  LYS A NZ  1 
ATOM   608 N  N   . PHE B 2 29 ? 4.847   0.095   1.156   1.00 61.13  ? 13  PHE A N   1 
ATOM   609 C  CA  . PHE B 2 29 ? 3.855   0.035   2.226   1.00 58.80  ? 13  PHE A CA  1 
ATOM   610 C  C   . PHE B 2 29 ? 4.480   -0.565  3.505   1.00 63.54  ? 13  PHE A C   1 
ATOM   611 O  O   . PHE B 2 29 ? 4.200   -0.100  4.626   1.00 59.79  ? 13  PHE A O   1 
ATOM   612 C  CB  . PHE B 2 29 ? 2.611   -0.747  1.779   1.00 59.89  ? 13  PHE A CB  1 
ATOM   613 C  CG  . PHE B 2 29 ? 1.583   0.062   1.027   1.00 52.69  ? 13  PHE A CG  1 
ATOM   614 C  CD1 . PHE B 2 29 ? 1.080   1.236   1.548   1.00 52.97  ? 13  PHE A CD1 1 
ATOM   615 C  CD2 . PHE B 2 29 ? 1.087   -0.371  -0.192  1.00 55.38  ? 13  PHE A CD2 1 
ATOM   616 C  CE1 . PHE B 2 29 ? 0.095   1.949   0.882   1.00 56.50  ? 13  PHE A CE1 1 
ATOM   617 C  CE2 . PHE B 2 29 ? 0.117   0.353   -0.873  1.00 50.98  ? 13  PHE A CE2 1 
ATOM   618 C  CZ  . PHE B 2 29 ? -0.389  1.505   -0.329  1.00 57.74  ? 13  PHE A CZ  1 
ATOM   619 N  N   . MET B 2 30 ? 5.320   -1.590  3.337   1.00 59.36  ? 14  MET A N   1 
ATOM   620 C  CA  . MET B 2 30 ? 5.943   -2.344  4.441   1.00 63.46  ? 14  MET A CA  1 
ATOM   621 C  C   . MET B 2 30 ? 7.114   -1.587  5.101   1.00 60.74  ? 14  MET A C   1 
ATOM   622 O  O   . MET B 2 30 ? 7.707   -2.134  6.031   1.00 61.77  ? 14  MET A O   1 
ATOM   623 C  CB  . MET B 2 30 ? 6.498   -3.668  3.908   1.00 60.09  ? 14  MET A CB  1 
ATOM   624 C  CG  . MET B 2 30 ? 5.441   -4.676  3.600   1.00 69.61  ? 14  MET A CG  1 
ATOM   625 S  SD  . MET B 2 30 ? 4.871   -5.446  5.114   1.00 80.47  ? 14  MET A SD  1 
ATOM   626 C  CE  . MET B 2 30 ? 5.524   -7.086  4.861   1.00 102.54 ? 14  MET A CE  1 
ATOM   627 N  N   . ARG B 2 31 ? 7.479   -0.398  4.607   1.00 54.90  ? 15  ARG A N   1 
ATOM   628 C  CA  . ARG B 2 31 ? 8.745   0.248   5.023   1.00 69.54  ? 15  ARG A CA  1 
ATOM   629 C  C   . ARG B 2 31 ? 8.897   0.170   6.551   1.00 68.61  ? 15  ARG A C   1 
ATOM   630 O  O   . ARG B 2 31 ? 9.887   -0.389  7.056   1.00 71.30  ? 15  ARG A O   1 
ATOM   631 C  CB  . ARG B 2 31 ? 8.818   1.667   4.531   1.00 66.40  ? 15  ARG A CB  1 
ATOM   632 N  N   . LYS B 2 32 ? 7.877   0.641   7.285   1.00 73.60  ? 16  LYS A N   1 
ATOM   633 C  CA  . LYS B 2 32 ? 7.969   0.823   8.769   1.00 69.90  ? 16  LYS A CA  1 
ATOM   634 C  C   . LYS B 2 32 ? 7.907   -0.530  9.501   1.00 73.02  ? 16  LYS A C   1 
ATOM   635 O  O   . LYS B 2 32 ? 8.569   -0.712  10.511  1.00 77.83  ? 16  LYS A O   1 
ATOM   636 C  CB  . LYS B 2 32 ? 6.905   1.800   9.249   1.00 71.79  ? 16  LYS A CB  1 
ATOM   637 N  N   . LYS B 2 33 ? 7.121   -1.485  8.991   1.00 67.14  ? 17  LYS A N   1 
ATOM   638 C  CA  . LYS B 2 33 ? 7.063   -2.836  9.555   1.00 74.23  ? 17  LYS A CA  1 
ATOM   639 C  C   . LYS B 2 33 ? 8.415   -3.535  9.324   1.00 71.61  ? 17  LYS A C   1 
ATOM   640 O  O   . LYS B 2 33 ? 8.924   -4.192  10.227  1.00 77.06  ? 17  LYS A O   1 
ATOM   641 C  CB  . LYS B 2 33 ? 5.888   -3.617  8.944   1.00 79.06  ? 17  LYS A CB  1 
ATOM   642 C  CG  . LYS B 2 33 ? 5.752   -5.080  9.355   1.00 79.95  ? 17  LYS A CG  1 
ATOM   643 C  CD  . LYS B 2 33 ? 5.809   -5.298  10.851  1.00 96.82  ? 17  LYS A CD  1 
ATOM   644 C  CE  . LYS B 2 33 ? 5.563   -6.729  11.290  1.00 104.74 ? 17  LYS A CE  1 
ATOM   645 N  NZ  . LYS B 2 33 ? 4.185   -7.184  10.986  1.00 109.85 ? 17  LYS A NZ  1 
ATOM   646 N  N   . MET B 2 34 ? 8.977   -3.384  8.113   1.00 73.20  ? 18  MET A N   1 
ATOM   647 C  CA  . MET B 2 34 ? 10.308  -3.934  7.743   1.00 82.23  ? 18  MET A CA  1 
ATOM   648 C  C   . MET B 2 34 ? 11.390  -3.378  8.685   1.00 70.90  ? 18  MET A C   1 
ATOM   649 O  O   . MET B 2 34 ? 12.153  -4.150  9.248   1.00 75.62  ? 18  MET A O   1 
ATOM   650 C  CB  . MET B 2 34 ? 10.695  -3.624  6.286   1.00 74.69  ? 18  MET A CB  1 
ATOM   651 C  CG  . MET B 2 34 ? 10.253  -4.693  5.285   1.00 90.77  ? 18  MET A CG  1 
ATOM   652 S  SD  . MET B 2 34 ? 11.132  -6.277  5.476   1.00 87.21  ? 18  MET A SD  1 
ATOM   653 C  CE  . MET B 2 34 ? 12.833  -5.733  5.327   1.00 89.13  ? 18  MET A CE  1 
ATOM   654 N  N   . ALA B 2 35 ? 11.457  -2.051  8.830   1.00 68.65  ? 19  ALA A N   1 
ATOM   655 C  CA  . ALA B 2 35 ? 12.429  -1.424  9.734   1.00 76.37  ? 19  ALA A CA  1 
ATOM   656 C  C   . ALA B 2 35 ? 12.347  -2.049  11.140  1.00 80.05  ? 19  ALA A C   1 
ATOM   657 O  O   . ALA B 2 35 ? 13.366  -2.433  11.706  1.00 82.09  ? 19  ALA A O   1 
ATOM   658 C  CB  . ALA B 2 35 ? 12.210  0.058   9.773   1.00 70.33  ? 19  ALA A CB  1 
ATOM   659 N  N   . ALA B 2 36 ? 11.130  -2.205  11.669  1.00 77.71  ? 20  ALA A N   1 
ATOM   660 C  CA  . ALA B 2 36 ? 10.888  -2.684  13.056  1.00 77.82  ? 20  ALA A CA  1 
ATOM   661 C  C   . ALA B 2 36 ? 11.098  -4.200  13.191  1.00 75.06  ? 20  ALA A C   1 
ATOM   662 O  O   . ALA B 2 36 ? 11.264  -4.715  14.297  1.00 85.41  ? 20  ALA A O   1 
ATOM   663 C  CB  . ALA B 2 36 ? 9.485   -2.314  13.485  1.00 76.99  ? 20  ALA A CB  1 
ATOM   664 N  N   . ASP B 2 37 ? 11.002  -4.939  12.084  1.00 77.93  ? 21  ASP A N   1 
ATOM   665 C  CA  . ASP B 2 37 ? 11.387  -6.348  12.104  1.00 75.42  ? 21  ASP A CA  1 
ATOM   666 C  C   . ASP B 2 37 ? 12.921  -6.463  12.052  1.00 75.99  ? 21  ASP A C   1 
ATOM   667 O  O   . ASP B 2 37 ? 13.472  -7.325  12.710  1.00 75.30  ? 21  ASP A O   1 
ATOM   668 C  CB  . ASP B 2 37 ? 10.684  -7.135  11.004  1.00 85.36  ? 21  ASP A CB  1 
ATOM   669 C  CG  . ASP B 2 37 ? 9.185   -7.300  11.214  1.00 90.35  ? 21  ASP A CG  1 
ATOM   670 O  OD1 . ASP B 2 37 ? 8.693   -6.999  12.332  1.00 96.11  ? 21  ASP A OD1 1 
ATOM   671 O  OD2 . ASP B 2 37 ? 8.523   -7.741  10.253  1.00 85.49  ? 21  ASP A OD2 1 
ATOM   672 N  N   . GLU B 2 38 ? 13.593  -5.572  11.303  1.00 71.48  ? 22  GLU A N   1 
ATOM   673 C  CA  . GLU B 2 38 ? 15.050  -5.475  11.274  1.00 78.08  ? 22  GLU A CA  1 
ATOM   674 C  C   . GLU B 2 38 ? 15.595  -5.240  12.699  1.00 83.40  ? 22  GLU A C   1 
ATOM   675 O  O   . GLU B 2 38 ? 16.494  -5.954  13.122  1.00 86.27  ? 22  GLU A O   1 
ATOM   676 C  CB  . GLU B 2 38 ? 15.511  -4.380  10.305  1.00 80.61  ? 22  GLU A CB  1 
ATOM   677 C  CG  . GLU B 2 38 ? 15.713  -4.875  8.883   1.00 81.12  ? 22  GLU A CG  1 
ATOM   678 C  CD  . GLU B 2 38 ? 15.568  -3.813  7.800   1.00 89.47  ? 22  GLU A CD  1 
ATOM   679 O  OE1 . GLU B 2 38 ? 15.643  -2.616  8.122   1.00 99.97  ? 22  GLU A OE1 1 
ATOM   680 O  OE2 . GLU B 2 38 ? 15.370  -4.191  6.632   1.00 89.16  ? 22  GLU A OE2 1 
ATOM   681 N  N   . VAL B 2 39 ? 15.054  -4.253  13.427  1.00 80.04  ? 23  VAL A N   1 
ATOM   682 C  CA  . VAL B 2 39 ? 15.360  -4.036  14.846  1.00 81.72  ? 23  VAL A CA  1 
ATOM   683 C  C   . VAL B 2 39 ? 15.161  -5.345  15.637  1.00 91.89  ? 23  VAL A C   1 
ATOM   684 O  O   . VAL B 2 39 ? 16.152  -5.965  16.015  1.00 92.85  ? 23  VAL A O   1 
ATOM   685 C  CB  . VAL B 2 39 ? 14.531  -2.895  15.384  1.00 88.17  ? 23  VAL A CB  1 
ATOM   686 N  N   . SER B 2 40 ? 13.911  -5.798  15.851  1.00 90.88  ? 24  SER A N   1 
ATOM   687 C  CA  . SER B 2 40 ? 13.652  -7.124  16.485  1.00 80.57  ? 24  SER A CA  1 
ATOM   688 C  C   . SER B 2 40 ? 14.396  -8.218  15.712  1.00 87.39  ? 24  SER A C   1 
ATOM   689 O  O   . SER B 2 40 ? 15.527  -8.585  16.044  1.00 87.78  ? 24  SER A O   1 
ATOM   690 C  CB  . SER B 2 40 ? 12.172  -7.429  16.556  1.00 72.95  ? 24  SER A CB  1 
HETATM 691 CA CA  . CA  C 3 .  ? -5.719  10.309  1.486   1.00 61.84  ? 101 CA  B CA  1 
HETATM 692 CA CA  . CA  D 3 .  ? -11.358 1.329   -2.748  1.00 64.86  ? 102 CA  B CA  1 
# 
loop_
_pdbx_poly_seq_scheme.asym_id 
_pdbx_poly_seq_scheme.entity_id 
_pdbx_poly_seq_scheme.seq_id 
_pdbx_poly_seq_scheme.mon_id 
_pdbx_poly_seq_scheme.ndb_seq_num 
_pdbx_poly_seq_scheme.pdb_seq_num 
_pdbx_poly_seq_scheme.auth_seq_num 
_pdbx_poly_seq_scheme.pdb_mon_id 
_pdbx_poly_seq_scheme.auth_mon_id 
_pdbx_poly_seq_scheme.pdb_strand_id 
_pdbx_poly_seq_scheme.pdb_ins_code 
_pdbx_poly_seq_scheme.hetero 
A 1 1  GLY 1  -3  ?  ?   ?   B . n 
A 1 2  PRO 2  -2  ?  ?   ?   B . n 
A 1 3  ASP 3  -1  ?  ?   ?   B . n 
A 1 4  THR 4  0   ?  ?   ?   B . n 
A 1 5  ASP 5  1   ?  ?   ?   B . n 
A 1 6  SER 6  2   2  SER ALA B . n 
A 1 7  GLU 7  3   3  GLU ALA B . n 
A 1 8  GLU 8  4   4  GLU ALA B . n 
A 1 9  GLU 9  5   5  GLU ALA B . n 
A 1 10 ILE 10 6   6  ILE ILE B . n 
A 1 11 ARG 11 7   7  ARG ARG B . n 
A 1 12 GLU 12 8   8  GLU GLU B . n 
A 1 13 ALA 13 9   9  ALA ALA B . n 
A 1 14 PHE 14 10  10 PHE PHE B . n 
A 1 15 ARG 15 11  11 ARG ARG B . n 
A 1 16 VAL 16 12  12 VAL VAL B . n 
A 1 17 PHE 17 13  13 PHE PHE B . n 
A 1 18 ASP 18 14  14 ASP ASP B . n 
A 1 19 LYS 19 15  15 LYS LYS B . n 
A 1 20 ASP 20 16  16 ASP ASP B . n 
A 1 21 GLY 21 17  17 GLY GLY B . n 
A 1 22 ASN 22 18  18 ASN ASN B . n 
A 1 23 GLY 23 19  19 GLY GLY B . n 
A 1 24 PHE 24 20  20 PHE PHE B . n 
A 1 25 ILE 25 21  21 ILE ILE B . n 
A 1 26 SER 26 22  22 SER SER B . n 
A 1 27 ALA 27 23  23 ALA ALA B . n 
A 1 28 ALA 28 24  24 ALA ALA B . n 
A 1 29 GLU 29 25  25 GLU GLU B . n 
A 1 30 LEU 30 26  26 LEU LEU B . n 
A 1 31 ARG 31 27  27 ARG ARG B . n 
A 1 32 HIS 32 28  28 HIS HIS B . n 
A 1 33 VAL 33 29  29 VAL VAL B . n 
A 1 34 MET 34 30  30 MET MET B . n 
A 1 35 THR 35 31  31 THR THR B . n 
A 1 36 ASN 36 32  32 ASN ASN B . n 
A 1 37 LEU 37 33  33 LEU LEU B . n 
A 1 38 GLY 38 34  34 GLY GLY B . n 
A 1 39 GLU 39 35  35 GLU GLU B . n 
A 1 40 LYS 40 36  36 LYS LYS B . n 
A 1 41 LEU 41 37  37 LEU LEU B . n 
A 1 42 THR 42 38  38 THR THR B . n 
A 1 43 ASP 43 39  39 ASP ASP B . n 
A 1 44 GLU 44 40  40 GLU GLU B . n 
A 1 45 GLU 45 41  41 GLU GLU B . n 
A 1 46 VAL 46 42  42 VAL VAL B . n 
A 1 47 ASP 47 43  43 ASP ASP B . n 
A 1 48 GLU 48 44  44 GLU GLU B . n 
A 1 49 MET 49 45  45 MET MET B . n 
A 1 50 ILE 50 46  46 ILE ILE B . n 
A 1 51 ARG 51 47  47 ARG ARG B . n 
A 1 52 GLU 52 48  48 GLU GLU B . n 
A 1 53 ALA 53 49  49 ALA ALA B . n 
A 1 54 ASP 54 50  50 ASP ASP B . n 
A 1 55 ILE 55 51  51 ILE ILE B . n 
A 1 56 ASP 56 52  52 ASP ASP B . n 
A 1 57 GLY 57 53  53 GLY GLY B . n 
A 1 58 ASP 58 54  54 ASP ASP B . n 
A 1 59 GLY 59 55  55 GLY GLY B . n 
A 1 60 GLN 60 56  56 GLN GLN B . n 
A 1 61 VAL 61 57  57 VAL VAL B . n 
A 1 62 ASN 62 58  58 ASN ASN B . n 
A 1 63 TYR 63 59  59 TYR TYR B . n 
A 1 64 GLU 64 60  60 GLU GLU B . n 
A 1 65 GLU 65 61  61 GLU GLU B . n 
A 1 66 PHE 66 62  62 PHE PHE B . n 
A 1 67 VAL 67 63  63 VAL VAL B . n 
A 1 68 THR 68 64  64 THR THR B . n 
A 1 69 MET 69 65  65 MET MET B . n 
A 1 70 MET 70 66  66 MET MET B . n 
A 1 71 THR 71 67  67 THR THR B . n 
A 1 72 SER 72 68  68 SER SER B . n 
A 1 73 LYS 73 69  69 LYS ALA B . n 
B 2 1  GLY 1  -15 ?  ?   ?   A . n 
B 2 2  PRO 2  -14 ?  ?   ?   A . n 
B 2 3  MET 3  -13 ?  ?   ?   A . n 
B 2 4  ASN 4  -12 ?  ?   ?   A . n 
B 2 5  GLN 5  -11 ?  ?   ?   A . n 
B 2 6  THR 6  -10 ?  ?   ?   A . n 
B 2 7  GLN 7  -9  ?  ?   ?   A . n 
B 2 8  LEU 8  -8  ?  ?   ?   A . n 
B 2 9  ILE 9  -7  ?  ?   ?   A . n 
B 2 10 GLU 10 -6  ?  ?   ?   A . n 
B 2 11 PHE 11 -5  ?  ?   ?   A . n 
B 2 12 ASN 12 -4  ?  ?   ?   A . n 
B 2 13 PRO 13 -3  ?  ?   ?   A . n 
B 2 14 ASN 14 -2  ?  ?   ?   A . n 
B 2 15 LEU 15 -1  ?  ?   ?   A . n 
B 2 16 GLY 16 0   ?  ?   ?   A . n 
B 2 17 ASP 17 1   1  ASP ALA A . n 
B 2 18 VAL 18 2   2  VAL ALA A . n 
B 2 19 THR 19 3   3  THR ALA A . n 
B 2 20 ARG 20 4   4  ARG ARG A . n 
B 2 21 ALA 21 5   5  ALA ALA A . n 
B 2 22 THR 22 6   6  THR THR A . n 
B 2 23 ARG 23 7   7  ARG ARG A . n 
B 2 24 VAL 24 8   8  VAL VAL A . n 
B 2 25 ALA 25 9   9  ALA ALA A . n 
B 2 26 TYR 26 10  10 TYR TYR A . n 
B 2 27 VAL 27 11  11 VAL VAL A . n 
B 2 28 LYS 28 12  12 LYS LYS A . n 
B 2 29 PHE 29 13  13 PHE PHE A . n 
B 2 30 MET 30 14  14 MET MET A . n 
B 2 31 ARG 31 15  15 ARG ALA A . n 
B 2 32 LYS 32 16  16 LYS ALA A . n 
B 2 33 LYS 33 17  17 LYS LYS A . n 
B 2 34 MET 34 18  18 MET MET A . n 
B 2 35 ALA 35 19  19 ALA ALA A . n 
B 2 36 ALA 36 20  20 ALA ALA A . n 
B 2 37 ASP 37 21  21 ASP ASP A . n 
B 2 38 GLU 38 22  22 GLU GLU A . n 
B 2 39 VAL 39 23  23 VAL ALA A . n 
B 2 40 SER 40 24  24 SER ALA A . n 
B 2 41 LEU 41 25  ?  ?   ?   A . n 
B 2 42 ALA 42 26  ?  ?   ?   A . n 
B 2 43 ASP 43 27  ?  ?   ?   A . n 
B 2 44 ASP 44 28  ?  ?   ?   A . n 
# 
loop_
_pdbx_nonpoly_scheme.asym_id 
_pdbx_nonpoly_scheme.entity_id 
_pdbx_nonpoly_scheme.mon_id 
_pdbx_nonpoly_scheme.ndb_seq_num 
_pdbx_nonpoly_scheme.pdb_seq_num 
_pdbx_nonpoly_scheme.auth_seq_num 
_pdbx_nonpoly_scheme.pdb_mon_id 
_pdbx_nonpoly_scheme.auth_mon_id 
_pdbx_nonpoly_scheme.pdb_strand_id 
_pdbx_nonpoly_scheme.pdb_ins_code 
C 3 CA 1 101 1 CA CA B . 
D 3 CA 1 102 2 CA CA B . 
# 
_pdbx_struct_assembly.id                   1 
_pdbx_struct_assembly.details              author_and_software_defined_assembly 
_pdbx_struct_assembly.method_details       PISA 
_pdbx_struct_assembly.oligomeric_details   dimeric 
_pdbx_struct_assembly.oligomeric_count     2 
# 
_pdbx_struct_assembly_gen.assembly_id       1 
_pdbx_struct_assembly_gen.oper_expression   1 
_pdbx_struct_assembly_gen.asym_id_list      A,B,C,D 
# 
loop_
_pdbx_struct_assembly_prop.biol_id 
_pdbx_struct_assembly_prop.type 
_pdbx_struct_assembly_prop.value 
_pdbx_struct_assembly_prop.details 
1 'ABSA (A^2)' 1600 ? 
1 MORE         -40  ? 
1 'SSA (A^2)'  5340 ? 
# 
_pdbx_struct_oper_list.id                   1 
_pdbx_struct_oper_list.type                 'identity operation' 
_pdbx_struct_oper_list.name                 1_555 
_pdbx_struct_oper_list.symmetry_operation   x,y,z 
_pdbx_struct_oper_list.matrix[1][1]         1.0000000000 
_pdbx_struct_oper_list.matrix[1][2]         0.0000000000 
_pdbx_struct_oper_list.matrix[1][3]         0.0000000000 
_pdbx_struct_oper_list.vector[1]            0.0000000000 
_pdbx_struct_oper_list.matrix[2][1]         0.0000000000 
_pdbx_struct_oper_list.matrix[2][2]         1.0000000000 
_pdbx_struct_oper_list.matrix[2][3]         0.0000000000 
_pdbx_struct_oper_list.vector[2]            0.0000000000 
_pdbx_struct_oper_list.matrix[3][1]         0.0000000000 
_pdbx_struct_oper_list.matrix[3][2]         0.0000000000 
_pdbx_struct_oper_list.matrix[3][3]         1.0000000000 
_pdbx_struct_oper_list.vector[3]            0.0000000000 
# 
loop_
_pdbx_struct_conn_angle.id 
_pdbx_struct_conn_angle.ptnr1_label_atom_id 
_pdbx_struct_conn_angle.ptnr1_label_alt_id 
_pdbx_struct_conn_angle.ptnr1_label_asym_id 
_pdbx_struct_conn_angle.ptnr1_label_comp_id 
_pdbx_struct_conn_angle.ptnr1_label_seq_id 
_pdbx_struct_conn_angle.ptnr1_auth_atom_id 
_pdbx_struct_conn_angle.ptnr1_auth_asym_id 
_pdbx_struct_conn_angle.ptnr1_auth_comp_id 
_pdbx_struct_conn_angle.ptnr1_auth_seq_id 
_pdbx_struct_conn_angle.ptnr1_PDB_ins_code 
_pdbx_struct_conn_angle.ptnr1_symmetry 
_pdbx_struct_conn_angle.ptnr2_label_atom_id 
_pdbx_struct_conn_angle.ptnr2_label_alt_id 
_pdbx_struct_conn_angle.ptnr2_label_asym_id 
_pdbx_struct_conn_angle.ptnr2_label_comp_id 
_pdbx_struct_conn_angle.ptnr2_label_seq_id 
_pdbx_struct_conn_angle.ptnr2_auth_atom_id 
_pdbx_struct_conn_angle.ptnr2_auth_asym_id 
_pdbx_struct_conn_angle.ptnr2_auth_comp_id 
_pdbx_struct_conn_angle.ptnr2_auth_seq_id 
_pdbx_struct_conn_angle.ptnr2_PDB_ins_code 
_pdbx_struct_conn_angle.ptnr2_symmetry 
_pdbx_struct_conn_angle.ptnr3_label_atom_id 
_pdbx_struct_conn_angle.ptnr3_label_alt_id 
_pdbx_struct_conn_angle.ptnr3_label_asym_id 
_pdbx_struct_conn_angle.ptnr3_label_comp_id 
_pdbx_struct_conn_angle.ptnr3_label_seq_id 
_pdbx_struct_conn_angle.ptnr3_auth_atom_id 
_pdbx_struct_conn_angle.ptnr3_auth_asym_id 
_pdbx_struct_conn_angle.ptnr3_auth_comp_id 
_pdbx_struct_conn_angle.ptnr3_auth_seq_id 
_pdbx_struct_conn_angle.ptnr3_PDB_ins_code 
_pdbx_struct_conn_angle.ptnr3_symmetry 
_pdbx_struct_conn_angle.value 
_pdbx_struct_conn_angle.value_esd 
1  OD1 ? A ASP 18 ? B ASP 14 ? 1_555 CA ? D CA . ? B CA 102 ? 1_555 OD1 ? A ASP 20 ? B ASP 16 ? 1_555 83.2  ? 
2  OD1 ? A ASP 18 ? B ASP 14 ? 1_555 CA ? D CA . ? B CA 102 ? 1_555 OD1 ? A ASN 22 ? B ASN 18 ? 1_555 85.8  ? 
3  OD1 ? A ASP 20 ? B ASP 16 ? 1_555 CA ? D CA . ? B CA 102 ? 1_555 OD1 ? A ASN 22 ? B ASN 18 ? 1_555 78.7  ? 
4  OD1 ? A ASP 18 ? B ASP 14 ? 1_555 CA ? D CA . ? B CA 102 ? 1_555 O   ? A PHE 24 ? B PHE 20 ? 1_555 87.0  ? 
5  OD1 ? A ASP 20 ? B ASP 16 ? 1_555 CA ? D CA . ? B CA 102 ? 1_555 O   ? A PHE 24 ? B PHE 20 ? 1_555 159.3 ? 
6  OD1 ? A ASN 22 ? B ASN 18 ? 1_555 CA ? D CA . ? B CA 102 ? 1_555 O   ? A PHE 24 ? B PHE 20 ? 1_555 82.5  ? 
7  OD1 ? A ASP 18 ? B ASP 14 ? 1_555 CA ? D CA . ? B CA 102 ? 1_555 OE1 ? A GLU 29 ? B GLU 25 ? 1_555 105.1 ? 
8  OD1 ? A ASP 20 ? B ASP 16 ? 1_555 CA ? D CA . ? B CA 102 ? 1_555 OE1 ? A GLU 29 ? B GLU 25 ? 1_555 125.0 ? 
9  OD1 ? A ASN 22 ? B ASN 18 ? 1_555 CA ? D CA . ? B CA 102 ? 1_555 OE1 ? A GLU 29 ? B GLU 25 ? 1_555 154.4 ? 
10 O   ? A PHE 24 ? B PHE 20 ? 1_555 CA ? D CA . ? B CA 102 ? 1_555 OE1 ? A GLU 29 ? B GLU 25 ? 1_555 75.2  ? 
11 OD1 ? A ASP 18 ? B ASP 14 ? 1_555 CA ? D CA . ? B CA 102 ? 1_555 OE2 ? A GLU 29 ? B GLU 25 ? 1_555 92.3  ? 
12 OD1 ? A ASP 20 ? B ASP 16 ? 1_555 CA ? D CA . ? B CA 102 ? 1_555 OE2 ? A GLU 29 ? B GLU 25 ? 1_555 73.9  ? 
13 OD1 ? A ASN 22 ? B ASN 18 ? 1_555 CA ? D CA . ? B CA 102 ? 1_555 OE2 ? A GLU 29 ? B GLU 25 ? 1_555 152.5 ? 
14 O   ? A PHE 24 ? B PHE 20 ? 1_555 CA ? D CA . ? B CA 102 ? 1_555 OE2 ? A GLU 29 ? B GLU 25 ? 1_555 124.8 ? 
15 OE1 ? A GLU 29 ? B GLU 25 ? 1_555 CA ? D CA . ? B CA 102 ? 1_555 OE2 ? A GLU 29 ? B GLU 25 ? 1_555 51.9  ? 
16 OD1 ? A ASP 54 ? B ASP 50 ? 1_555 CA ? C CA . ? B CA 101 ? 1_555 OD1 ? A ASP 56 ? B ASP 52 ? 1_555 82.6  ? 
17 OD1 ? A ASP 54 ? B ASP 50 ? 1_555 CA ? C CA . ? B CA 101 ? 1_555 OD1 ? A ASP 58 ? B ASP 54 ? 1_555 80.3  ? 
18 OD1 ? A ASP 56 ? B ASP 52 ? 1_555 CA ? C CA . ? B CA 101 ? 1_555 OD1 ? A ASP 58 ? B ASP 54 ? 1_555 82.2  ? 
19 OD1 ? A ASP 54 ? B ASP 50 ? 1_555 CA ? C CA . ? B CA 101 ? 1_555 O   ? A GLN 60 ? B GLN 56 ? 1_555 80.3  ? 
20 OD1 ? A ASP 56 ? B ASP 52 ? 1_555 CA ? C CA . ? B CA 101 ? 1_555 O   ? A GLN 60 ? B GLN 56 ? 1_555 150.0 ? 
21 OD1 ? A ASP 58 ? B ASP 54 ? 1_555 CA ? C CA . ? B CA 101 ? 1_555 O   ? A GLN 60 ? B GLN 56 ? 1_555 70.8  ? 
22 OD1 ? A ASP 54 ? B ASP 50 ? 1_555 CA ? C CA . ? B CA 101 ? 1_555 OE1 ? A GLU 65 ? B GLU 61 ? 1_555 106.1 ? 
23 OD1 ? A ASP 56 ? B ASP 52 ? 1_555 CA ? C CA . ? B CA 101 ? 1_555 OE1 ? A GLU 65 ? B GLU 61 ? 1_555 129.2 ? 
24 OD1 ? A ASP 58 ? B ASP 54 ? 1_555 CA ? C CA . ? B CA 101 ? 1_555 OE1 ? A GLU 65 ? B GLU 61 ? 1_555 148.2 ? 
25 O   ? A GLN 60 ? B GLN 56 ? 1_555 CA ? C CA . ? B CA 101 ? 1_555 OE1 ? A GLU 65 ? B GLU 61 ? 1_555 79.5  ? 
26 OD1 ? A ASP 54 ? B ASP 50 ? 1_555 CA ? C CA . ? B CA 101 ? 1_555 OE2 ? A GLU 65 ? B GLU 61 ? 1_555 82.3  ? 
27 OD1 ? A ASP 56 ? B ASP 52 ? 1_555 CA ? C CA . ? B CA 101 ? 1_555 OE2 ? A GLU 65 ? B GLU 61 ? 1_555 82.2  ? 
28 OD1 ? A ASP 58 ? B ASP 54 ? 1_555 CA ? C CA . ? B CA 101 ? 1_555 OE2 ? A GLU 65 ? B GLU 61 ? 1_555 157.9 ? 
29 O   ? A GLN 60 ? B GLN 56 ? 1_555 CA ? C CA . ? B CA 101 ? 1_555 OE2 ? A GLU 65 ? B GLU 61 ? 1_555 119.4 ? 
30 OE1 ? A GLU 65 ? B GLU 61 ? 1_555 CA ? C CA . ? B CA 101 ? 1_555 OE2 ? A GLU 65 ? B GLU 61 ? 1_555 51.0  ? 
# 
loop_
_pdbx_audit_revision_history.ordinal 
_pdbx_audit_revision_history.data_content_type 
_pdbx_audit_revision_history.major_revision 
_pdbx_audit_revision_history.minor_revision 
_pdbx_audit_revision_history.revision_date 
1 'Structure model' 1 0 2021-06-23 
2 'Structure model' 1 1 2023-11-29 
# 
_pdbx_audit_revision_details.ordinal             1 
_pdbx_audit_revision_details.revision_ordinal    1 
_pdbx_audit_revision_details.data_content_type   'Structure model' 
_pdbx_audit_revision_details.provider            repository 
_pdbx_audit_revision_details.type                'Initial release' 
_pdbx_audit_revision_details.description         ? 
_pdbx_audit_revision_details.details             ? 
# 
loop_
_pdbx_audit_revision_group.ordinal 
_pdbx_audit_revision_group.revision_ordinal 
_pdbx_audit_revision_group.data_content_type 
_pdbx_audit_revision_group.group 
1 2 'Structure model' 'Data collection'        
2 2 'Structure model' 'Database references'    
3 2 'Structure model' 'Refinement description' 
# 
loop_
_pdbx_audit_revision_category.ordinal 
_pdbx_audit_revision_category.revision_ordinal 
_pdbx_audit_revision_category.data_content_type 
_pdbx_audit_revision_category.category 
1 2 'Structure model' chem_comp_atom                
2 2 'Structure model' chem_comp_bond                
3 2 'Structure model' database_2                    
4 2 'Structure model' pdbx_initial_refinement_model 
# 
loop_
_pdbx_audit_revision_item.ordinal 
_pdbx_audit_revision_item.revision_ordinal 
_pdbx_audit_revision_item.data_content_type 
_pdbx_audit_revision_item.item 
1 2 'Structure model' '_database_2.pdbx_DOI'                
2 2 'Structure model' '_database_2.pdbx_database_accession' 
# 
_phasing.method   MR 
# 
loop_
_software.citation_id 
_software.classification 
_software.compiler_name 
_software.compiler_version 
_software.contact_author 
_software.contact_author_email 
_software.date 
_software.description 
_software.dependencies 
_software.hardware 
_software.language 
_software.location 
_software.mods 
_software.name 
_software.os 
_software.os_version 
_software.type 
_software.version 
_software.pdbx_ordinal 
? 'data reduction'  ? ? ? ? ? ? ? ? ? ? ? DENZO       ? ? ? .    1 
? 'data scaling'    ? ? ? ? ? ? ? ? ? ? ? HKL-2000    ? ? ? .    2 
? phasing           ? ? ? ? ? ? ? ? ? ? ? PHASER      ? ? ? .    3 
? refinement        ? ? ? ? ? ? ? ? ? ? ? PHENIX      ? ? ? 1.12 4 
? 'data extraction' ? ? ? ? ? ? ? ? ? ? ? PDB_EXTRACT ? ? ? 3.25 5 
# 
_pdbx_entry_details.entry_id                 7CQH 
_pdbx_entry_details.has_ligand_of_interest   N 
_pdbx_entry_details.compound_details         ? 
_pdbx_entry_details.source_details           ? 
_pdbx_entry_details.nonpolymer_details       ? 
_pdbx_entry_details.sequence_details         ? 
# 
loop_
_pdbx_validate_torsion.id 
_pdbx_validate_torsion.PDB_model_num 
_pdbx_validate_torsion.auth_comp_id 
_pdbx_validate_torsion.auth_asym_id 
_pdbx_validate_torsion.auth_seq_id 
_pdbx_validate_torsion.PDB_ins_code 
_pdbx_validate_torsion.label_alt_id 
_pdbx_validate_torsion.phi 
_pdbx_validate_torsion.psi 
1 1 THR A 3  ? ? -93.23 37.56  
2 1 ARG A 4  ? ? 70.51  -60.17 
3 1 VAL A 23 ? ? -51.95 -71.74 
# 
loop_
_pdbx_unobs_or_zero_occ_atoms.id 
_pdbx_unobs_or_zero_occ_atoms.PDB_model_num 
_pdbx_unobs_or_zero_occ_atoms.polymer_flag 
_pdbx_unobs_or_zero_occ_atoms.occupancy_flag 
_pdbx_unobs_or_zero_occ_atoms.auth_asym_id 
_pdbx_unobs_or_zero_occ_atoms.auth_comp_id 
_pdbx_unobs_or_zero_occ_atoms.auth_seq_id 
_pdbx_unobs_or_zero_occ_atoms.PDB_ins_code 
_pdbx_unobs_or_zero_occ_atoms.auth_atom_id 
_pdbx_unobs_or_zero_occ_atoms.label_alt_id 
_pdbx_unobs_or_zero_occ_atoms.label_asym_id 
_pdbx_unobs_or_zero_occ_atoms.label_comp_id 
_pdbx_unobs_or_zero_occ_atoms.label_seq_id 
_pdbx_unobs_or_zero_occ_atoms.label_atom_id 
1  1 Y 1 B SER 2  ? OG  ? A SER 6  OG  
2  1 Y 1 B GLU 3  ? CG  ? A GLU 7  CG  
3  1 Y 1 B GLU 3  ? CD  ? A GLU 7  CD  
4  1 Y 1 B GLU 3  ? OE1 ? A GLU 7  OE1 
5  1 Y 1 B GLU 3  ? OE2 ? A GLU 7  OE2 
6  1 Y 1 B GLU 4  ? CG  ? A GLU 8  CG  
7  1 Y 1 B GLU 4  ? CD  ? A GLU 8  CD  
8  1 Y 1 B GLU 4  ? OE1 ? A GLU 8  OE1 
9  1 Y 1 B GLU 4  ? OE2 ? A GLU 8  OE2 
10 1 Y 1 B GLU 5  ? CG  ? A GLU 9  CG  
11 1 Y 1 B GLU 5  ? CD  ? A GLU 9  CD  
12 1 Y 1 B GLU 5  ? OE1 ? A GLU 9  OE1 
13 1 Y 1 B GLU 5  ? OE2 ? A GLU 9  OE2 
14 1 Y 1 B LYS 36 ? CG  ? A LYS 40 CG  
15 1 Y 1 B LYS 36 ? CD  ? A LYS 40 CD  
16 1 Y 1 B LYS 36 ? CE  ? A LYS 40 CE  
17 1 Y 1 B LYS 36 ? NZ  ? A LYS 40 NZ  
18 1 Y 1 B GLU 40 ? CG  ? A GLU 44 CG  
19 1 Y 1 B GLU 40 ? CD  ? A GLU 44 CD  
20 1 Y 1 B GLU 40 ? OE1 ? A GLU 44 OE1 
21 1 Y 1 B GLU 40 ? OE2 ? A GLU 44 OE2 
22 1 Y 1 B LYS 69 ? CG  ? A LYS 73 CG  
23 1 Y 1 B LYS 69 ? CD  ? A LYS 73 CD  
24 1 Y 1 B LYS 69 ? CE  ? A LYS 73 CE  
25 1 Y 1 B LYS 69 ? NZ  ? A LYS 73 NZ  
26 1 Y 1 A ASP 1  ? CG  ? B ASP 17 CG  
27 1 Y 1 A ASP 1  ? OD1 ? B ASP 17 OD1 
28 1 Y 1 A ASP 1  ? OD2 ? B ASP 17 OD2 
29 1 Y 1 A VAL 2  ? CG1 ? B VAL 18 CG1 
30 1 Y 1 A VAL 2  ? CG2 ? B VAL 18 CG2 
31 1 Y 1 A THR 3  ? OG1 ? B THR 19 OG1 
32 1 Y 1 A THR 3  ? CG2 ? B THR 19 CG2 
33 1 Y 1 A ARG 15 ? CG  ? B ARG 31 CG  
34 1 Y 1 A ARG 15 ? CD  ? B ARG 31 CD  
35 1 Y 1 A ARG 15 ? NE  ? B ARG 31 NE  
36 1 Y 1 A ARG 15 ? CZ  ? B ARG 31 CZ  
37 1 Y 1 A ARG 15 ? NH1 ? B ARG 31 NH1 
38 1 Y 1 A ARG 15 ? NH2 ? B ARG 31 NH2 
39 1 Y 1 A LYS 16 ? CG  ? B LYS 32 CG  
40 1 Y 1 A LYS 16 ? CD  ? B LYS 32 CD  
41 1 Y 1 A LYS 16 ? CE  ? B LYS 32 CE  
42 1 Y 1 A LYS 16 ? NZ  ? B LYS 32 NZ  
43 1 Y 1 A VAL 23 ? CG1 ? B VAL 39 CG1 
44 1 Y 1 A VAL 23 ? CG2 ? B VAL 39 CG2 
45 1 Y 1 A SER 24 ? OG  ? B SER 40 OG  
# 
loop_
_pdbx_unobs_or_zero_occ_residues.id 
_pdbx_unobs_or_zero_occ_residues.PDB_model_num 
_pdbx_unobs_or_zero_occ_residues.polymer_flag 
_pdbx_unobs_or_zero_occ_residues.occupancy_flag 
_pdbx_unobs_or_zero_occ_residues.auth_asym_id 
_pdbx_unobs_or_zero_occ_residues.auth_comp_id 
_pdbx_unobs_or_zero_occ_residues.auth_seq_id 
_pdbx_unobs_or_zero_occ_residues.PDB_ins_code 
_pdbx_unobs_or_zero_occ_residues.label_asym_id 
_pdbx_unobs_or_zero_occ_residues.label_comp_id 
_pdbx_unobs_or_zero_occ_residues.label_seq_id 
1  1 Y 1 B GLY -3  ? A GLY 1  
2  1 Y 1 B PRO -2  ? A PRO 2  
3  1 Y 1 B ASP -1  ? A ASP 3  
4  1 Y 1 B THR 0   ? A THR 4  
5  1 Y 1 B ASP 1   ? A ASP 5  
6  1 Y 1 A GLY -15 ? B GLY 1  
7  1 Y 1 A PRO -14 ? B PRO 2  
8  1 Y 1 A MET -13 ? B MET 3  
9  1 Y 1 A ASN -12 ? B ASN 4  
10 1 Y 1 A GLN -11 ? B GLN 5  
11 1 Y 1 A THR -10 ? B THR 6  
12 1 Y 1 A GLN -9  ? B GLN 7  
13 1 Y 1 A LEU -8  ? B LEU 8  
14 1 Y 1 A ILE -7  ? B ILE 9  
15 1 Y 1 A GLU -6  ? B GLU 10 
16 1 Y 1 A PHE -5  ? B PHE 11 
17 1 Y 1 A ASN -4  ? B ASN 12 
18 1 Y 1 A PRO -3  ? B PRO 13 
19 1 Y 1 A ASN -2  ? B ASN 14 
20 1 Y 1 A LEU -1  ? B LEU 15 
21 1 Y 1 A GLY 0   ? B GLY 16 
22 1 Y 1 A LEU 25  ? B LEU 41 
23 1 Y 1 A ALA 26  ? B ALA 42 
24 1 Y 1 A ASP 27  ? B ASP 43 
25 1 Y 1 A ASP 28  ? B ASP 44 
# 
loop_
_chem_comp_atom.comp_id 
_chem_comp_atom.atom_id 
_chem_comp_atom.type_symbol 
_chem_comp_atom.pdbx_aromatic_flag 
_chem_comp_atom.pdbx_stereo_config 
_chem_comp_atom.pdbx_ordinal 
ALA N    N  N N 1   
ALA CA   C  N S 2   
ALA C    C  N N 3   
ALA O    O  N N 4   
ALA CB   C  N N 5   
ALA OXT  O  N N 6   
ALA H    H  N N 7   
ALA H2   H  N N 8   
ALA HA   H  N N 9   
ALA HB1  H  N N 10  
ALA HB2  H  N N 11  
ALA HB3  H  N N 12  
ALA HXT  H  N N 13  
ARG N    N  N N 14  
ARG CA   C  N S 15  
ARG C    C  N N 16  
ARG O    O  N N 17  
ARG CB   C  N N 18  
ARG CG   C  N N 19  
ARG CD   C  N N 20  
ARG NE   N  N N 21  
ARG CZ   C  N N 22  
ARG NH1  N  N N 23  
ARG NH2  N  N N 24  
ARG OXT  O  N N 25  
ARG H    H  N N 26  
ARG H2   H  N N 27  
ARG HA   H  N N 28  
ARG HB2  H  N N 29  
ARG HB3  H  N N 30  
ARG HG2  H  N N 31  
ARG HG3  H  N N 32  
ARG HD2  H  N N 33  
ARG HD3  H  N N 34  
ARG HE   H  N N 35  
ARG HH11 H  N N 36  
ARG HH12 H  N N 37  
ARG HH21 H  N N 38  
ARG HH22 H  N N 39  
ARG HXT  H  N N 40  
ASN N    N  N N 41  
ASN CA   C  N S 42  
ASN C    C  N N 43  
ASN O    O  N N 44  
ASN CB   C  N N 45  
ASN CG   C  N N 46  
ASN OD1  O  N N 47  
ASN ND2  N  N N 48  
ASN OXT  O  N N 49  
ASN H    H  N N 50  
ASN H2   H  N N 51  
ASN HA   H  N N 52  
ASN HB2  H  N N 53  
ASN HB3  H  N N 54  
ASN HD21 H  N N 55  
ASN HD22 H  N N 56  
ASN HXT  H  N N 57  
ASP N    N  N N 58  
ASP CA   C  N S 59  
ASP C    C  N N 60  
ASP O    O  N N 61  
ASP CB   C  N N 62  
ASP CG   C  N N 63  
ASP OD1  O  N N 64  
ASP OD2  O  N N 65  
ASP OXT  O  N N 66  
ASP H    H  N N 67  
ASP H2   H  N N 68  
ASP HA   H  N N 69  
ASP HB2  H  N N 70  
ASP HB3  H  N N 71  
ASP HD2  H  N N 72  
ASP HXT  H  N N 73  
CA  CA   CA N N 74  
GLN N    N  N N 75  
GLN CA   C  N S 76  
GLN C    C  N N 77  
GLN O    O  N N 78  
GLN CB   C  N N 79  
GLN CG   C  N N 80  
GLN CD   C  N N 81  
GLN OE1  O  N N 82  
GLN NE2  N  N N 83  
GLN OXT  O  N N 84  
GLN H    H  N N 85  
GLN H2   H  N N 86  
GLN HA   H  N N 87  
GLN HB2  H  N N 88  
GLN HB3  H  N N 89  
GLN HG2  H  N N 90  
GLN HG3  H  N N 91  
GLN HE21 H  N N 92  
GLN HE22 H  N N 93  
GLN HXT  H  N N 94  
GLU N    N  N N 95  
GLU CA   C  N S 96  
GLU C    C  N N 97  
GLU O    O  N N 98  
GLU CB   C  N N 99  
GLU CG   C  N N 100 
GLU CD   C  N N 101 
GLU OE1  O  N N 102 
GLU OE2  O  N N 103 
GLU OXT  O  N N 104 
GLU H    H  N N 105 
GLU H2   H  N N 106 
GLU HA   H  N N 107 
GLU HB2  H  N N 108 
GLU HB3  H  N N 109 
GLU HG2  H  N N 110 
GLU HG3  H  N N 111 
GLU HE2  H  N N 112 
GLU HXT  H  N N 113 
GLY N    N  N N 114 
GLY CA   C  N N 115 
GLY C    C  N N 116 
GLY O    O  N N 117 
GLY OXT  O  N N 118 
GLY H    H  N N 119 
GLY H2   H  N N 120 
GLY HA2  H  N N 121 
GLY HA3  H  N N 122 
GLY HXT  H  N N 123 
HIS N    N  N N 124 
HIS CA   C  N S 125 
HIS C    C  N N 126 
HIS O    O  N N 127 
HIS CB   C  N N 128 
HIS CG   C  Y N 129 
HIS ND1  N  Y N 130 
HIS CD2  C  Y N 131 
HIS CE1  C  Y N 132 
HIS NE2  N  Y N 133 
HIS OXT  O  N N 134 
HIS H    H  N N 135 
HIS H2   H  N N 136 
HIS HA   H  N N 137 
HIS HB2  H  N N 138 
HIS HB3  H  N N 139 
HIS HD1  H  N N 140 
HIS HD2  H  N N 141 
HIS HE1  H  N N 142 
HIS HE2  H  N N 143 
HIS HXT  H  N N 144 
ILE N    N  N N 145 
ILE CA   C  N S 146 
ILE C    C  N N 147 
ILE O    O  N N 148 
ILE CB   C  N S 149 
ILE CG1  C  N N 150 
ILE CG2  C  N N 151 
ILE CD1  C  N N 152 
ILE OXT  O  N N 153 
ILE H    H  N N 154 
ILE H2   H  N N 155 
ILE HA   H  N N 156 
ILE HB   H  N N 157 
ILE HG12 H  N N 158 
ILE HG13 H  N N 159 
ILE HG21 H  N N 160 
ILE HG22 H  N N 161 
ILE HG23 H  N N 162 
ILE HD11 H  N N 163 
ILE HD12 H  N N 164 
ILE HD13 H  N N 165 
ILE HXT  H  N N 166 
LEU N    N  N N 167 
LEU CA   C  N S 168 
LEU C    C  N N 169 
LEU O    O  N N 170 
LEU CB   C  N N 171 
LEU CG   C  N N 172 
LEU CD1  C  N N 173 
LEU CD2  C  N N 174 
LEU OXT  O  N N 175 
LEU H    H  N N 176 
LEU H2   H  N N 177 
LEU HA   H  N N 178 
LEU HB2  H  N N 179 
LEU HB3  H  N N 180 
LEU HG   H  N N 181 
LEU HD11 H  N N 182 
LEU HD12 H  N N 183 
LEU HD13 H  N N 184 
LEU HD21 H  N N 185 
LEU HD22 H  N N 186 
LEU HD23 H  N N 187 
LEU HXT  H  N N 188 
LYS N    N  N N 189 
LYS CA   C  N S 190 
LYS C    C  N N 191 
LYS O    O  N N 192 
LYS CB   C  N N 193 
LYS CG   C  N N 194 
LYS CD   C  N N 195 
LYS CE   C  N N 196 
LYS NZ   N  N N 197 
LYS OXT  O  N N 198 
LYS H    H  N N 199 
LYS H2   H  N N 200 
LYS HA   H  N N 201 
LYS HB2  H  N N 202 
LYS HB3  H  N N 203 
LYS HG2  H  N N 204 
LYS HG3  H  N N 205 
LYS HD2  H  N N 206 
LYS HD3  H  N N 207 
LYS HE2  H  N N 208 
LYS HE3  H  N N 209 
LYS HZ1  H  N N 210 
LYS HZ2  H  N N 211 
LYS HZ3  H  N N 212 
LYS HXT  H  N N 213 
MET N    N  N N 214 
MET CA   C  N S 215 
MET C    C  N N 216 
MET O    O  N N 217 
MET CB   C  N N 218 
MET CG   C  N N 219 
MET SD   S  N N 220 
MET CE   C  N N 221 
MET OXT  O  N N 222 
MET H    H  N N 223 
MET H2   H  N N 224 
MET HA   H  N N 225 
MET HB2  H  N N 226 
MET HB3  H  N N 227 
MET HG2  H  N N 228 
MET HG3  H  N N 229 
MET HE1  H  N N 230 
MET HE2  H  N N 231 
MET HE3  H  N N 232 
MET HXT  H  N N 233 
PHE N    N  N N 234 
PHE CA   C  N S 235 
PHE C    C  N N 236 
PHE O    O  N N 237 
PHE CB   C  N N 238 
PHE CG   C  Y N 239 
PHE CD1  C  Y N 240 
PHE CD2  C  Y N 241 
PHE CE1  C  Y N 242 
PHE CE2  C  Y N 243 
PHE CZ   C  Y N 244 
PHE OXT  O  N N 245 
PHE H    H  N N 246 
PHE H2   H  N N 247 
PHE HA   H  N N 248 
PHE HB2  H  N N 249 
PHE HB3  H  N N 250 
PHE HD1  H  N N 251 
PHE HD2  H  N N 252 
PHE HE1  H  N N 253 
PHE HE2  H  N N 254 
PHE HZ   H  N N 255 
PHE HXT  H  N N 256 
PRO N    N  N N 257 
PRO CA   C  N S 258 
PRO C    C  N N 259 
PRO O    O  N N 260 
PRO CB   C  N N 261 
PRO CG   C  N N 262 
PRO CD   C  N N 263 
PRO OXT  O  N N 264 
PRO H    H  N N 265 
PRO HA   H  N N 266 
PRO HB2  H  N N 267 
PRO HB3  H  N N 268 
PRO HG2  H  N N 269 
PRO HG3  H  N N 270 
PRO HD2  H  N N 271 
PRO HD3  H  N N 272 
PRO HXT  H  N N 273 
SER N    N  N N 274 
SER CA   C  N S 275 
SER C    C  N N 276 
SER O    O  N N 277 
SER CB   C  N N 278 
SER OG   O  N N 279 
SER OXT  O  N N 280 
SER H    H  N N 281 
SER H2   H  N N 282 
SER HA   H  N N 283 
SER HB2  H  N N 284 
SER HB3  H  N N 285 
SER HG   H  N N 286 
SER HXT  H  N N 287 
THR N    N  N N 288 
THR CA   C  N S 289 
THR C    C  N N 290 
THR O    O  N N 291 
THR CB   C  N R 292 
THR OG1  O  N N 293 
THR CG2  C  N N 294 
THR OXT  O  N N 295 
THR H    H  N N 296 
THR H2   H  N N 297 
THR HA   H  N N 298 
THR HB   H  N N 299 
THR HG1  H  N N 300 
THR HG21 H  N N 301 
THR HG22 H  N N 302 
THR HG23 H  N N 303 
THR HXT  H  N N 304 
TYR N    N  N N 305 
TYR CA   C  N S 306 
TYR C    C  N N 307 
TYR O    O  N N 308 
TYR CB   C  N N 309 
TYR CG   C  Y N 310 
TYR CD1  C  Y N 311 
TYR CD2  C  Y N 312 
TYR CE1  C  Y N 313 
TYR CE2  C  Y N 314 
TYR CZ   C  Y N 315 
TYR OH   O  N N 316 
TYR OXT  O  N N 317 
TYR H    H  N N 318 
TYR H2   H  N N 319 
TYR HA   H  N N 320 
TYR HB2  H  N N 321 
TYR HB3  H  N N 322 
TYR HD1  H  N N 323 
TYR HD2  H  N N 324 
TYR HE1  H  N N 325 
TYR HE2  H  N N 326 
TYR HH   H  N N 327 
TYR HXT  H  N N 328 
VAL N    N  N N 329 
VAL CA   C  N S 330 
VAL C    C  N N 331 
VAL O    O  N N 332 
VAL CB   C  N N 333 
VAL CG1  C  N N 334 
VAL CG2  C  N N 335 
VAL OXT  O  N N 336 
VAL H    H  N N 337 
VAL H2   H  N N 338 
VAL HA   H  N N 339 
VAL HB   H  N N 340 
VAL HG11 H  N N 341 
VAL HG12 H  N N 342 
VAL HG13 H  N N 343 
VAL HG21 H  N N 344 
VAL HG22 H  N N 345 
VAL HG23 H  N N 346 
VAL HXT  H  N N 347 
# 
loop_
_chem_comp_bond.comp_id 
_chem_comp_bond.atom_id_1 
_chem_comp_bond.atom_id_2 
_chem_comp_bond.value_order 
_chem_comp_bond.pdbx_aromatic_flag 
_chem_comp_bond.pdbx_stereo_config 
_chem_comp_bond.pdbx_ordinal 
ALA N   CA   sing N N 1   
ALA N   H    sing N N 2   
ALA N   H2   sing N N 3   
ALA CA  C    sing N N 4   
ALA CA  CB   sing N N 5   
ALA CA  HA   sing N N 6   
ALA C   O    doub N N 7   
ALA C   OXT  sing N N 8   
ALA CB  HB1  sing N N 9   
ALA CB  HB2  sing N N 10  
ALA CB  HB3  sing N N 11  
ALA OXT HXT  sing N N 12  
ARG N   CA   sing N N 13  
ARG N   H    sing N N 14  
ARG N   H2   sing N N 15  
ARG CA  C    sing N N 16  
ARG CA  CB   sing N N 17  
ARG CA  HA   sing N N 18  
ARG C   O    doub N N 19  
ARG C   OXT  sing N N 20  
ARG CB  CG   sing N N 21  
ARG CB  HB2  sing N N 22  
ARG CB  HB3  sing N N 23  
ARG CG  CD   sing N N 24  
ARG CG  HG2  sing N N 25  
ARG CG  HG3  sing N N 26  
ARG CD  NE   sing N N 27  
ARG CD  HD2  sing N N 28  
ARG CD  HD3  sing N N 29  
ARG NE  CZ   sing N N 30  
ARG NE  HE   sing N N 31  
ARG CZ  NH1  sing N N 32  
ARG CZ  NH2  doub N N 33  
ARG NH1 HH11 sing N N 34  
ARG NH1 HH12 sing N N 35  
ARG NH2 HH21 sing N N 36  
ARG NH2 HH22 sing N N 37  
ARG OXT HXT  sing N N 38  
ASN N   CA   sing N N 39  
ASN N   H    sing N N 40  
ASN N   H2   sing N N 41  
ASN CA  C    sing N N 42  
ASN CA  CB   sing N N 43  
ASN CA  HA   sing N N 44  
ASN C   O    doub N N 45  
ASN C   OXT  sing N N 46  
ASN CB  CG   sing N N 47  
ASN CB  HB2  sing N N 48  
ASN CB  HB3  sing N N 49  
ASN CG  OD1  doub N N 50  
ASN CG  ND2  sing N N 51  
ASN ND2 HD21 sing N N 52  
ASN ND2 HD22 sing N N 53  
ASN OXT HXT  sing N N 54  
ASP N   CA   sing N N 55  
ASP N   H    sing N N 56  
ASP N   H2   sing N N 57  
ASP CA  C    sing N N 58  
ASP CA  CB   sing N N 59  
ASP CA  HA   sing N N 60  
ASP C   O    doub N N 61  
ASP C   OXT  sing N N 62  
ASP CB  CG   sing N N 63  
ASP CB  HB2  sing N N 64  
ASP CB  HB3  sing N N 65  
ASP CG  OD1  doub N N 66  
ASP CG  OD2  sing N N 67  
ASP OD2 HD2  sing N N 68  
ASP OXT HXT  sing N N 69  
GLN N   CA   sing N N 70  
GLN N   H    sing N N 71  
GLN N   H2   sing N N 72  
GLN CA  C    sing N N 73  
GLN CA  CB   sing N N 74  
GLN CA  HA   sing N N 75  
GLN C   O    doub N N 76  
GLN C   OXT  sing N N 77  
GLN CB  CG   sing N N 78  
GLN CB  HB2  sing N N 79  
GLN CB  HB3  sing N N 80  
GLN CG  CD   sing N N 81  
GLN CG  HG2  sing N N 82  
GLN CG  HG3  sing N N 83  
GLN CD  OE1  doub N N 84  
GLN CD  NE2  sing N N 85  
GLN NE2 HE21 sing N N 86  
GLN NE2 HE22 sing N N 87  
GLN OXT HXT  sing N N 88  
GLU N   CA   sing N N 89  
GLU N   H    sing N N 90  
GLU N   H2   sing N N 91  
GLU CA  C    sing N N 92  
GLU CA  CB   sing N N 93  
GLU CA  HA   sing N N 94  
GLU C   O    doub N N 95  
GLU C   OXT  sing N N 96  
GLU CB  CG   sing N N 97  
GLU CB  HB2  sing N N 98  
GLU CB  HB3  sing N N 99  
GLU CG  CD   sing N N 100 
GLU CG  HG2  sing N N 101 
GLU CG  HG3  sing N N 102 
GLU CD  OE1  doub N N 103 
GLU CD  OE2  sing N N 104 
GLU OE2 HE2  sing N N 105 
GLU OXT HXT  sing N N 106 
GLY N   CA   sing N N 107 
GLY N   H    sing N N 108 
GLY N   H2   sing N N 109 
GLY CA  C    sing N N 110 
GLY CA  HA2  sing N N 111 
GLY CA  HA3  sing N N 112 
GLY C   O    doub N N 113 
GLY C   OXT  sing N N 114 
GLY OXT HXT  sing N N 115 
HIS N   CA   sing N N 116 
HIS N   H    sing N N 117 
HIS N   H2   sing N N 118 
HIS CA  C    sing N N 119 
HIS CA  CB   sing N N 120 
HIS CA  HA   sing N N 121 
HIS C   O    doub N N 122 
HIS C   OXT  sing N N 123 
HIS CB  CG   sing N N 124 
HIS CB  HB2  sing N N 125 
HIS CB  HB3  sing N N 126 
HIS CG  ND1  sing Y N 127 
HIS CG  CD2  doub Y N 128 
HIS ND1 CE1  doub Y N 129 
HIS ND1 HD1  sing N N 130 
HIS CD2 NE2  sing Y N 131 
HIS CD2 HD2  sing N N 132 
HIS CE1 NE2  sing Y N 133 
HIS CE1 HE1  sing N N 134 
HIS NE2 HE2  sing N N 135 
HIS OXT HXT  sing N N 136 
ILE N   CA   sing N N 137 
ILE N   H    sing N N 138 
ILE N   H2   sing N N 139 
ILE CA  C    sing N N 140 
ILE CA  CB   sing N N 141 
ILE CA  HA   sing N N 142 
ILE C   O    doub N N 143 
ILE C   OXT  sing N N 144 
ILE CB  CG1  sing N N 145 
ILE CB  CG2  sing N N 146 
ILE CB  HB   sing N N 147 
ILE CG1 CD1  sing N N 148 
ILE CG1 HG12 sing N N 149 
ILE CG1 HG13 sing N N 150 
ILE CG2 HG21 sing N N 151 
ILE CG2 HG22 sing N N 152 
ILE CG2 HG23 sing N N 153 
ILE CD1 HD11 sing N N 154 
ILE CD1 HD12 sing N N 155 
ILE CD1 HD13 sing N N 156 
ILE OXT HXT  sing N N 157 
LEU N   CA   sing N N 158 
LEU N   H    sing N N 159 
LEU N   H2   sing N N 160 
LEU CA  C    sing N N 161 
LEU CA  CB   sing N N 162 
LEU CA  HA   sing N N 163 
LEU C   O    doub N N 164 
LEU C   OXT  sing N N 165 
LEU CB  CG   sing N N 166 
LEU CB  HB2  sing N N 167 
LEU CB  HB3  sing N N 168 
LEU CG  CD1  sing N N 169 
LEU CG  CD2  sing N N 170 
LEU CG  HG   sing N N 171 
LEU CD1 HD11 sing N N 172 
LEU CD1 HD12 sing N N 173 
LEU CD1 HD13 sing N N 174 
LEU CD2 HD21 sing N N 175 
LEU CD2 HD22 sing N N 176 
LEU CD2 HD23 sing N N 177 
LEU OXT HXT  sing N N 178 
LYS N   CA   sing N N 179 
LYS N   H    sing N N 180 
LYS N   H2   sing N N 181 
LYS CA  C    sing N N 182 
LYS CA  CB   sing N N 183 
LYS CA  HA   sing N N 184 
LYS C   O    doub N N 185 
LYS C   OXT  sing N N 186 
LYS CB  CG   sing N N 187 
LYS CB  HB2  sing N N 188 
LYS CB  HB3  sing N N 189 
LYS CG  CD   sing N N 190 
LYS CG  HG2  sing N N 191 
LYS CG  HG3  sing N N 192 
LYS CD  CE   sing N N 193 
LYS CD  HD2  sing N N 194 
LYS CD  HD3  sing N N 195 
LYS CE  NZ   sing N N 196 
LYS CE  HE2  sing N N 197 
LYS CE  HE3  sing N N 198 
LYS NZ  HZ1  sing N N 199 
LYS NZ  HZ2  sing N N 200 
LYS NZ  HZ3  sing N N 201 
LYS OXT HXT  sing N N 202 
MET N   CA   sing N N 203 
MET N   H    sing N N 204 
MET N   H2   sing N N 205 
MET CA  C    sing N N 206 
MET CA  CB   sing N N 207 
MET CA  HA   sing N N 208 
MET C   O    doub N N 209 
MET C   OXT  sing N N 210 
MET CB  CG   sing N N 211 
MET CB  HB2  sing N N 212 
MET CB  HB3  sing N N 213 
MET CG  SD   sing N N 214 
MET CG  HG2  sing N N 215 
MET CG  HG3  sing N N 216 
MET SD  CE   sing N N 217 
MET CE  HE1  sing N N 218 
MET CE  HE2  sing N N 219 
MET CE  HE3  sing N N 220 
MET OXT HXT  sing N N 221 
PHE N   CA   sing N N 222 
PHE N   H    sing N N 223 
PHE N   H2   sing N N 224 
PHE CA  C    sing N N 225 
PHE CA  CB   sing N N 226 
PHE CA  HA   sing N N 227 
PHE C   O    doub N N 228 
PHE C   OXT  sing N N 229 
PHE CB  CG   sing N N 230 
PHE CB  HB2  sing N N 231 
PHE CB  HB3  sing N N 232 
PHE CG  CD1  doub Y N 233 
PHE CG  CD2  sing Y N 234 
PHE CD1 CE1  sing Y N 235 
PHE CD1 HD1  sing N N 236 
PHE CD2 CE2  doub Y N 237 
PHE CD2 HD2  sing N N 238 
PHE CE1 CZ   doub Y N 239 
PHE CE1 HE1  sing N N 240 
PHE CE2 CZ   sing Y N 241 
PHE CE2 HE2  sing N N 242 
PHE CZ  HZ   sing N N 243 
PHE OXT HXT  sing N N 244 
PRO N   CA   sing N N 245 
PRO N   CD   sing N N 246 
PRO N   H    sing N N 247 
PRO CA  C    sing N N 248 
PRO CA  CB   sing N N 249 
PRO CA  HA   sing N N 250 
PRO C   O    doub N N 251 
PRO C   OXT  sing N N 252 
PRO CB  CG   sing N N 253 
PRO CB  HB2  sing N N 254 
PRO CB  HB3  sing N N 255 
PRO CG  CD   sing N N 256 
PRO CG  HG2  sing N N 257 
PRO CG  HG3  sing N N 258 
PRO CD  HD2  sing N N 259 
PRO CD  HD3  sing N N 260 
PRO OXT HXT  sing N N 261 
SER N   CA   sing N N 262 
SER N   H    sing N N 263 
SER N   H2   sing N N 264 
SER CA  C    sing N N 265 
SER CA  CB   sing N N 266 
SER CA  HA   sing N N 267 
SER C   O    doub N N 268 
SER C   OXT  sing N N 269 
SER CB  OG   sing N N 270 
SER CB  HB2  sing N N 271 
SER CB  HB3  sing N N 272 
SER OG  HG   sing N N 273 
SER OXT HXT  sing N N 274 
THR N   CA   sing N N 275 
THR N   H    sing N N 276 
THR N   H2   sing N N 277 
THR CA  C    sing N N 278 
THR CA  CB   sing N N 279 
THR CA  HA   sing N N 280 
THR C   O    doub N N 281 
THR C   OXT  sing N N 282 
THR CB  OG1  sing N N 283 
THR CB  CG2  sing N N 284 
THR CB  HB   sing N N 285 
THR OG1 HG1  sing N N 286 
THR CG2 HG21 sing N N 287 
THR CG2 HG22 sing N N 288 
THR CG2 HG23 sing N N 289 
THR OXT HXT  sing N N 290 
TYR N   CA   sing N N 291 
TYR N   H    sing N N 292 
TYR N   H2   sing N N 293 
TYR CA  C    sing N N 294 
TYR CA  CB   sing N N 295 
TYR CA  HA   sing N N 296 
TYR C   O    doub N N 297 
TYR C   OXT  sing N N 298 
TYR CB  CG   sing N N 299 
TYR CB  HB2  sing N N 300 
TYR CB  HB3  sing N N 301 
TYR CG  CD1  doub Y N 302 
TYR CG  CD2  sing Y N 303 
TYR CD1 CE1  sing Y N 304 
TYR CD1 HD1  sing N N 305 
TYR CD2 CE2  doub Y N 306 
TYR CD2 HD2  sing N N 307 
TYR CE1 CZ   doub Y N 308 
TYR CE1 HE1  sing N N 309 
TYR CE2 CZ   sing Y N 310 
TYR CE2 HE2  sing N N 311 
TYR CZ  OH   sing N N 312 
TYR OH  HH   sing N N 313 
TYR OXT HXT  sing N N 314 
VAL N   CA   sing N N 315 
VAL N   H    sing N N 316 
VAL N   H2   sing N N 317 
VAL CA  C    sing N N 318 
VAL CA  CB   sing N N 319 
VAL CA  HA   sing N N 320 
VAL C   O    doub N N 321 
VAL C   OXT  sing N N 322 
VAL CB  CG1  sing N N 323 
VAL CB  CG2  sing N N 324 
VAL CB  HB   sing N N 325 
VAL CG1 HG11 sing N N 326 
VAL CG1 HG12 sing N N 327 
VAL CG1 HG13 sing N N 328 
VAL CG2 HG21 sing N N 329 
VAL CG2 HG22 sing N N 330 
VAL CG2 HG23 sing N N 331 
VAL OXT HXT  sing N N 332 
# 
loop_
_pdbx_audit_support.funding_organization 
_pdbx_audit_support.country 
_pdbx_audit_support.grant_number 
_pdbx_audit_support.ordinal 
'National Natural Science Foundation of China (NSFC)' China 31670765 1 
'National Natural Science Foundation of China (NSFC)' China 31870746 2 
# 
_pdbx_entity_nonpoly.entity_id   3 
_pdbx_entity_nonpoly.name        'CALCIUM ION' 
_pdbx_entity_nonpoly.comp_id     CA 
# 
_pdbx_initial_refinement_model.id               1 
_pdbx_initial_refinement_model.entity_id_list   ? 
_pdbx_initial_refinement_model.type             'experimental model' 
_pdbx_initial_refinement_model.source_name      PDB 
_pdbx_initial_refinement_model.accession_code   1UP5 
_pdbx_initial_refinement_model.details          ? 
# 
_pdbx_struct_assembly_auth_evidence.id                     1 
_pdbx_struct_assembly_auth_evidence.assembly_id            1 
_pdbx_struct_assembly_auth_evidence.experimental_support   'isothermal titration calorimetry' 
_pdbx_struct_assembly_auth_evidence.details                ? 
# 
